data_3WX4
# 
_entry.id   3WX4 
# 
_audit_conform.dict_name       mmcif_pdbx.dic 
_audit_conform.dict_version    5.388 
_audit_conform.dict_location   http://mmcif.pdb.org/dictionaries/ascii/mmcif_pdbx.dic 
# 
loop_
_database_2.database_id 
_database_2.database_code 
_database_2.pdbx_database_accession 
_database_2.pdbx_DOI 
PDB   3WX4         pdb_00003wx4 10.2210/pdb3wx4/pdb 
RCSB  RCSB096902   ?            ?                   
WWPDB D_1000096902 ?            ?                   
# 
loop_
_pdbx_audit_revision_history.ordinal 
_pdbx_audit_revision_history.data_content_type 
_pdbx_audit_revision_history.major_revision 
_pdbx_audit_revision_history.minor_revision 
_pdbx_audit_revision_history.revision_date 
1 'Structure model' 1 0 2014-08-20 
2 'Structure model' 1 1 2014-12-10 
3 'Structure model' 1 2 2017-11-22 
4 'Structure model' 1 3 2024-03-20 
# 
_pdbx_audit_revision_details.ordinal             1 
_pdbx_audit_revision_details.revision_ordinal    1 
_pdbx_audit_revision_details.data_content_type   'Structure model' 
_pdbx_audit_revision_details.provider            repository 
_pdbx_audit_revision_details.type                'Initial release' 
_pdbx_audit_revision_details.description         ? 
_pdbx_audit_revision_details.details             ? 
# 
loop_
_pdbx_audit_revision_group.ordinal 
_pdbx_audit_revision_group.revision_ordinal 
_pdbx_audit_revision_group.data_content_type 
_pdbx_audit_revision_group.group 
1 2 'Structure model' 'Database references'    
2 3 'Structure model' 'Refinement description' 
3 4 'Structure model' 'Data collection'        
4 4 'Structure model' 'Database references'    
# 
loop_
_pdbx_audit_revision_category.ordinal 
_pdbx_audit_revision_category.revision_ordinal 
_pdbx_audit_revision_category.data_content_type 
_pdbx_audit_revision_category.category 
1 3 'Structure model' software           
2 4 'Structure model' chem_comp_atom     
3 4 'Structure model' chem_comp_bond     
4 4 'Structure model' database_2         
5 4 'Structure model' struct_ref_seq_dif 
# 
loop_
_pdbx_audit_revision_item.ordinal 
_pdbx_audit_revision_item.revision_ordinal 
_pdbx_audit_revision_item.data_content_type 
_pdbx_audit_revision_item.item 
1 3 'Structure model' '_software.name'                      
2 4 'Structure model' '_database_2.pdbx_DOI'                
3 4 'Structure model' '_database_2.pdbx_database_accession' 
4 4 'Structure model' '_struct_ref_seq_dif.details'         
# 
_pdbx_database_status.status_code                     REL 
_pdbx_database_status.entry_id                        3WX4 
_pdbx_database_status.recvd_initial_deposition_date   2014-07-16 
_pdbx_database_status.deposit_site                    PDBJ 
_pdbx_database_status.process_site                    PDBJ 
_pdbx_database_status.methods_development_category    ? 
_pdbx_database_status.status_code_sf                  REL 
_pdbx_database_status.status_code_mr                  ? 
_pdbx_database_status.SG_entry                        ? 
_pdbx_database_status.status_code_cs                  ? 
_pdbx_database_status.pdb_format_compatible           Y 
_pdbx_database_status.status_code_nmr_data            ? 
# 
loop_
_audit_author.name 
_audit_author.pdbx_ordinal 
'Ho, C.H.'     1 
'Wang, H.C.'   2 
'Ko, T.P.'     3 
'Wang, A.H.J.' 4 
# 
_citation.id                        primary 
_citation.title                     
'The T4 phage DNA mimic protein Arn inhibits the DNA binding activity of the bacterial histone-like protein H-NS' 
_citation.journal_abbrev            J.Biol.Chem. 
_citation.journal_volume            289 
_citation.page_first                27046 
_citation.page_last                 27054 
_citation.year                      2014 
_citation.journal_id_ASTM           JBCHA3 
_citation.country                   US 
_citation.journal_id_ISSN           0021-9258 
_citation.journal_id_CSD            0071 
_citation.book_publisher            ? 
_citation.pdbx_database_id_PubMed   25118281 
_citation.pdbx_database_id_DOI      10.1074/jbc.M114.590851 
# 
loop_
_citation_author.citation_id 
_citation_author.name 
_citation_author.ordinal 
_citation_author.identifier_ORCID 
primary 'Ho, C.H.'     1 ? 
primary 'Wang, H.C.'   2 ? 
primary 'Ko, T.P.'     3 ? 
primary 'Chang, Y.C.'  4 ? 
primary 'Wang, A.H.J.' 5 ? 
# 
loop_
_entity.id 
_entity.type 
_entity.src_method 
_entity.pdbx_description 
_entity.formula_weight 
_entity.pdbx_number_of_molecules 
_entity.pdbx_ec 
_entity.pdbx_mutation 
_entity.pdbx_fragment 
_entity.details 
1 polymer man 'Anti-restriction endonuclease' 11981.584 1   ? ? ? ? 
2 water   nat water                           18.015    155 ? ? ? ? 
# 
_entity_name_com.entity_id   1 
_entity_name_com.name        'Anti-rgl nuclease' 
# 
_entity_poly.entity_id                      1 
_entity_poly.type                           'polypeptide(L)' 
_entity_poly.nstd_linkage                   no 
_entity_poly.nstd_monomer                   no 
_entity_poly.pdbx_seq_one_letter_code       
;MIIDSQSVVQYTFKIDILEKLYKFLPNLYHSIVNELVEELHLENNDFLIGTYKDLSKAGYFYVIPAPGKNIDDVLKTIMI
YVHDYEIEDYFELEHHHHHH
;
_entity_poly.pdbx_seq_one_letter_code_can   
;MIIDSQSVVQYTFKIDILEKLYKFLPNLYHSIVNELVEELHLENNDFLIGTYKDLSKAGYFYVIPAPGKNIDDVLKTIMI
YVHDYEIEDYFELEHHHHHH
;
_entity_poly.pdbx_strand_id                 A 
_entity_poly.pdbx_target_identifier         ? 
# 
_pdbx_entity_nonpoly.entity_id   2 
_pdbx_entity_nonpoly.name        water 
_pdbx_entity_nonpoly.comp_id     HOH 
# 
loop_
_entity_poly_seq.entity_id 
_entity_poly_seq.num 
_entity_poly_seq.mon_id 
_entity_poly_seq.hetero 
1 1   MET n 
1 2   ILE n 
1 3   ILE n 
1 4   ASP n 
1 5   SER n 
1 6   GLN n 
1 7   SER n 
1 8   VAL n 
1 9   VAL n 
1 10  GLN n 
1 11  TYR n 
1 12  THR n 
1 13  PHE n 
1 14  LYS n 
1 15  ILE n 
1 16  ASP n 
1 17  ILE n 
1 18  LEU n 
1 19  GLU n 
1 20  LYS n 
1 21  LEU n 
1 22  TYR n 
1 23  LYS n 
1 24  PHE n 
1 25  LEU n 
1 26  PRO n 
1 27  ASN n 
1 28  LEU n 
1 29  TYR n 
1 30  HIS n 
1 31  SER n 
1 32  ILE n 
1 33  VAL n 
1 34  ASN n 
1 35  GLU n 
1 36  LEU n 
1 37  VAL n 
1 38  GLU n 
1 39  GLU n 
1 40  LEU n 
1 41  HIS n 
1 42  LEU n 
1 43  GLU n 
1 44  ASN n 
1 45  ASN n 
1 46  ASP n 
1 47  PHE n 
1 48  LEU n 
1 49  ILE n 
1 50  GLY n 
1 51  THR n 
1 52  TYR n 
1 53  LYS n 
1 54  ASP n 
1 55  LEU n 
1 56  SER n 
1 57  LYS n 
1 58  ALA n 
1 59  GLY n 
1 60  TYR n 
1 61  PHE n 
1 62  TYR n 
1 63  VAL n 
1 64  ILE n 
1 65  PRO n 
1 66  ALA n 
1 67  PRO n 
1 68  GLY n 
1 69  LYS n 
1 70  ASN n 
1 71  ILE n 
1 72  ASP n 
1 73  ASP n 
1 74  VAL n 
1 75  LEU n 
1 76  LYS n 
1 77  THR n 
1 78  ILE n 
1 79  MET n 
1 80  ILE n 
1 81  TYR n 
1 82  VAL n 
1 83  HIS n 
1 84  ASP n 
1 85  TYR n 
1 86  GLU n 
1 87  ILE n 
1 88  GLU n 
1 89  ASP n 
1 90  TYR n 
1 91  PHE n 
1 92  GLU n 
1 93  LEU n 
1 94  GLU n 
1 95  HIS n 
1 96  HIS n 
1 97  HIS n 
1 98  HIS n 
1 99  HIS n 
1 100 HIS n 
# 
_entity_src_gen.entity_id                          1 
_entity_src_gen.pdbx_src_id                        1 
_entity_src_gen.pdbx_alt_source_flag               sample 
_entity_src_gen.pdbx_seq_type                      ? 
_entity_src_gen.pdbx_beg_seq_num                   ? 
_entity_src_gen.pdbx_end_seq_num                   ? 
_entity_src_gen.gene_src_common_name               ? 
_entity_src_gen.gene_src_genus                     ? 
_entity_src_gen.pdbx_gene_src_gene                 'arn, asiA.1, motA.-6' 
_entity_src_gen.gene_src_species                   ? 
_entity_src_gen.gene_src_strain                    ? 
_entity_src_gen.gene_src_tissue                    ? 
_entity_src_gen.gene_src_tissue_fraction           ? 
_entity_src_gen.gene_src_details                   ? 
_entity_src_gen.pdbx_gene_src_fragment             ? 
_entity_src_gen.pdbx_gene_src_scientific_name      'Enterobacteria phage T4' 
_entity_src_gen.pdbx_gene_src_ncbi_taxonomy_id     10665 
_entity_src_gen.pdbx_gene_src_variant              ? 
_entity_src_gen.pdbx_gene_src_cell_line            ? 
_entity_src_gen.pdbx_gene_src_atcc                 ? 
_entity_src_gen.pdbx_gene_src_organ                ? 
_entity_src_gen.pdbx_gene_src_organelle            ? 
_entity_src_gen.pdbx_gene_src_cell                 ? 
_entity_src_gen.pdbx_gene_src_cellular_location    ? 
_entity_src_gen.host_org_common_name               ? 
_entity_src_gen.pdbx_host_org_scientific_name      'ESCHERICHIA COLI' 
_entity_src_gen.pdbx_host_org_ncbi_taxonomy_id     562 
_entity_src_gen.host_org_genus                     ? 
_entity_src_gen.pdbx_host_org_gene                 ? 
_entity_src_gen.pdbx_host_org_organ                ? 
_entity_src_gen.host_org_species                   ? 
_entity_src_gen.pdbx_host_org_tissue               ? 
_entity_src_gen.pdbx_host_org_tissue_fraction      ? 
_entity_src_gen.pdbx_host_org_strain               'BL21(DE3)' 
_entity_src_gen.pdbx_host_org_variant              ? 
_entity_src_gen.pdbx_host_org_cell_line            ? 
_entity_src_gen.pdbx_host_org_atcc                 ? 
_entity_src_gen.pdbx_host_org_culture_collection   ? 
_entity_src_gen.pdbx_host_org_cell                 ? 
_entity_src_gen.pdbx_host_org_organelle            ? 
_entity_src_gen.pdbx_host_org_cellular_location    ? 
_entity_src_gen.pdbx_host_org_vector_type          PLASMID 
_entity_src_gen.pdbx_host_org_vector               ? 
_entity_src_gen.host_org_details                   ? 
_entity_src_gen.expression_system_id               ? 
_entity_src_gen.plasmid_name                       PET21B 
_entity_src_gen.plasmid_details                    ? 
_entity_src_gen.pdbx_description                   ? 
# 
loop_
_chem_comp.id 
_chem_comp.type 
_chem_comp.mon_nstd_flag 
_chem_comp.name 
_chem_comp.pdbx_synonyms 
_chem_comp.formula 
_chem_comp.formula_weight 
ALA 'L-peptide linking' y ALANINE         ? 'C3 H7 N O2'     89.093  
ASN 'L-peptide linking' y ASPARAGINE      ? 'C4 H8 N2 O3'    132.118 
ASP 'L-peptide linking' y 'ASPARTIC ACID' ? 'C4 H7 N O4'     133.103 
GLN 'L-peptide linking' y GLUTAMINE       ? 'C5 H10 N2 O3'   146.144 
GLU 'L-peptide linking' y 'GLUTAMIC ACID' ? 'C5 H9 N O4'     147.129 
GLY 'peptide linking'   y GLYCINE         ? 'C2 H5 N O2'     75.067  
HIS 'L-peptide linking' y HISTIDINE       ? 'C6 H10 N3 O2 1' 156.162 
HOH non-polymer         . WATER           ? 'H2 O'           18.015  
ILE 'L-peptide linking' y ISOLEUCINE      ? 'C6 H13 N O2'    131.173 
LEU 'L-peptide linking' y LEUCINE         ? 'C6 H13 N O2'    131.173 
LYS 'L-peptide linking' y LYSINE          ? 'C6 H15 N2 O2 1' 147.195 
MET 'L-peptide linking' y METHIONINE      ? 'C5 H11 N O2 S'  149.211 
PHE 'L-peptide linking' y PHENYLALANINE   ? 'C9 H11 N O2'    165.189 
PRO 'L-peptide linking' y PROLINE         ? 'C5 H9 N O2'     115.130 
SER 'L-peptide linking' y SERINE          ? 'C3 H7 N O3'     105.093 
THR 'L-peptide linking' y THREONINE       ? 'C4 H9 N O3'     119.119 
TYR 'L-peptide linking' y TYROSINE        ? 'C9 H11 N O3'    181.189 
VAL 'L-peptide linking' y VALINE          ? 'C5 H11 N O2'    117.146 
# 
loop_
_pdbx_poly_seq_scheme.asym_id 
_pdbx_poly_seq_scheme.entity_id 
_pdbx_poly_seq_scheme.seq_id 
_pdbx_poly_seq_scheme.mon_id 
_pdbx_poly_seq_scheme.ndb_seq_num 
_pdbx_poly_seq_scheme.pdb_seq_num 
_pdbx_poly_seq_scheme.auth_seq_num 
_pdbx_poly_seq_scheme.pdb_mon_id 
_pdbx_poly_seq_scheme.auth_mon_id 
_pdbx_poly_seq_scheme.pdb_strand_id 
_pdbx_poly_seq_scheme.pdb_ins_code 
_pdbx_poly_seq_scheme.hetero 
A 1 1   MET 1   1   1  MET MET A . n 
A 1 2   ILE 2   2   2  ILE ILE A . n 
A 1 3   ILE 3   3   3  ILE ILE A . n 
A 1 4   ASP 4   4   4  ASP ASP A . n 
A 1 5   SER 5   5   5  SER SER A . n 
A 1 6   GLN 6   6   6  GLN GLN A . n 
A 1 7   SER 7   7   7  SER SER A . n 
A 1 8   VAL 8   8   8  VAL VAL A . n 
A 1 9   VAL 9   9   9  VAL VAL A . n 
A 1 10  GLN 10  10  10 GLN GLN A . n 
A 1 11  TYR 11  11  11 TYR TYR A . n 
A 1 12  THR 12  12  12 THR THR A . n 
A 1 13  PHE 13  13  13 PHE PHE A . n 
A 1 14  LYS 14  14  14 LYS LYS A . n 
A 1 15  ILE 15  15  15 ILE ILE A . n 
A 1 16  ASP 16  16  16 ASP ASP A . n 
A 1 17  ILE 17  17  17 ILE ILE A . n 
A 1 18  LEU 18  18  18 LEU LEU A . n 
A 1 19  GLU 19  19  19 GLU GLU A . n 
A 1 20  LYS 20  20  20 LYS LYS A . n 
A 1 21  LEU 21  21  21 LEU LEU A . n 
A 1 22  TYR 22  22  22 TYR TYR A . n 
A 1 23  LYS 23  23  23 LYS LYS A . n 
A 1 24  PHE 24  24  24 PHE PHE A . n 
A 1 25  LEU 25  25  25 LEU LEU A . n 
A 1 26  PRO 26  26  26 PRO PRO A . n 
A 1 27  ASN 27  27  27 ASN ASN A . n 
A 1 28  LEU 28  28  28 LEU LEU A . n 
A 1 29  TYR 29  29  29 TYR TYR A . n 
A 1 30  HIS 30  30  30 HIS HIS A . n 
A 1 31  SER 31  31  31 SER SER A . n 
A 1 32  ILE 32  32  32 ILE ILE A . n 
A 1 33  VAL 33  33  33 VAL VAL A . n 
A 1 34  ASN 34  34  34 ASN ASN A . n 
A 1 35  GLU 35  35  35 GLU GLU A . n 
A 1 36  LEU 36  36  36 LEU LEU A . n 
A 1 37  VAL 37  37  37 VAL VAL A . n 
A 1 38  GLU 38  38  38 GLU GLU A . n 
A 1 39  GLU 39  39  39 GLU GLU A . n 
A 1 40  LEU 40  40  40 LEU LEU A . n 
A 1 41  HIS 41  41  41 HIS HIS A . n 
A 1 42  LEU 42  42  42 LEU LEU A . n 
A 1 43  GLU 43  43  43 GLU GLU A . n 
A 1 44  ASN 44  44  44 ASN ASN A . n 
A 1 45  ASN 45  45  45 ASN ASN A . n 
A 1 46  ASP 46  46  46 ASP ASP A . n 
A 1 47  PHE 47  47  47 PHE PHE A . n 
A 1 48  LEU 48  48  48 LEU LEU A . n 
A 1 49  ILE 49  49  49 ILE ILE A . n 
A 1 50  GLY 50  50  50 GLY GLY A . n 
A 1 51  THR 51  51  51 THR THR A . n 
A 1 52  TYR 52  52  52 TYR TYR A . n 
A 1 53  LYS 53  53  53 LYS LYS A . n 
A 1 54  ASP 54  54  54 ASP ASP A . n 
A 1 55  LEU 55  55  55 LEU LEU A . n 
A 1 56  SER 56  56  56 SER SER A . n 
A 1 57  LYS 57  57  57 LYS LYS A . n 
A 1 58  ALA 58  58  58 ALA ALA A . n 
A 1 59  GLY 59  59  59 GLY GLY A . n 
A 1 60  TYR 60  60  60 TYR TYR A . n 
A 1 61  PHE 61  61  61 PHE PHE A . n 
A 1 62  TYR 62  62  62 TYR TYR A . n 
A 1 63  VAL 63  63  63 VAL VAL A . n 
A 1 64  ILE 64  64  64 ILE ILE A . n 
A 1 65  PRO 65  65  65 PRO PRO A . n 
A 1 66  ALA 66  66  66 ALA ALA A . n 
A 1 67  PRO 67  67  67 PRO PRO A . n 
A 1 68  GLY 68  68  68 GLY GLY A . n 
A 1 69  LYS 69  69  69 LYS LYS A . n 
A 1 70  ASN 70  70  70 ASN ASN A . n 
A 1 71  ILE 71  71  71 ILE ILE A . n 
A 1 72  ASP 72  72  72 ASP ASP A . n 
A 1 73  ASP 73  73  73 ASP ASP A . n 
A 1 74  VAL 74  74  74 VAL VAL A . n 
A 1 75  LEU 75  75  75 LEU LEU A . n 
A 1 76  LYS 76  76  76 LYS LYS A . n 
A 1 77  THR 77  77  77 THR THR A . n 
A 1 78  ILE 78  78  78 ILE ILE A . n 
A 1 79  MET 79  79  79 MET MET A . n 
A 1 80  ILE 80  80  80 ILE ILE A . n 
A 1 81  TYR 81  81  81 TYR TYR A . n 
A 1 82  VAL 82  82  82 VAL VAL A . n 
A 1 83  HIS 83  83  83 HIS HIS A . n 
A 1 84  ASP 84  84  84 ASP ASP A . n 
A 1 85  TYR 85  85  85 TYR TYR A . n 
A 1 86  GLU 86  86  86 GLU GLU A . n 
A 1 87  ILE 87  87  87 ILE ILE A . n 
A 1 88  GLU 88  88  88 GLU GLU A . n 
A 1 89  ASP 89  89  89 ASP ASP A . n 
A 1 90  TYR 90  90  90 TYR TYR A . n 
A 1 91  PHE 91  91  91 PHE PHE A . n 
A 1 92  GLU 92  92  92 GLU GLU A . n 
A 1 93  LEU 93  93  93 LEU LEU A . n 
A 1 94  GLU 94  94  94 GLU GLU A . n 
A 1 95  HIS 95  95  95 HIS HIS A . n 
A 1 96  HIS 96  96  96 HIS HIS A . n 
A 1 97  HIS 97  97  97 HIS HIS A . n 
A 1 98  HIS 98  98  98 HIS HIS A . n 
A 1 99  HIS 99  99  ?  ?   ?   A . n 
A 1 100 HIS 100 100 ?  ?   ?   A . n 
# 
loop_
_pdbx_nonpoly_scheme.asym_id 
_pdbx_nonpoly_scheme.entity_id 
_pdbx_nonpoly_scheme.mon_id 
_pdbx_nonpoly_scheme.ndb_seq_num 
_pdbx_nonpoly_scheme.pdb_seq_num 
_pdbx_nonpoly_scheme.auth_seq_num 
_pdbx_nonpoly_scheme.pdb_mon_id 
_pdbx_nonpoly_scheme.auth_mon_id 
_pdbx_nonpoly_scheme.pdb_strand_id 
_pdbx_nonpoly_scheme.pdb_ins_code 
B 2 HOH 1   501 501 HOH HOH A . 
B 2 HOH 2   502 502 HOH HOH A . 
B 2 HOH 3   503 503 HOH HOH A . 
B 2 HOH 4   504 504 HOH HOH A . 
B 2 HOH 5   505 505 HOH HOH A . 
B 2 HOH 6   506 506 HOH HOH A . 
B 2 HOH 7   507 507 HOH HOH A . 
B 2 HOH 8   508 508 HOH HOH A . 
B 2 HOH 9   509 509 HOH HOH A . 
B 2 HOH 10  510 510 HOH HOH A . 
B 2 HOH 11  511 511 HOH HOH A . 
B 2 HOH 12  512 512 HOH HOH A . 
B 2 HOH 13  513 513 HOH HOH A . 
B 2 HOH 14  514 514 HOH HOH A . 
B 2 HOH 15  515 515 HOH HOH A . 
B 2 HOH 16  516 516 HOH HOH A . 
B 2 HOH 17  517 517 HOH HOH A . 
B 2 HOH 18  518 518 HOH HOH A . 
B 2 HOH 19  519 519 HOH HOH A . 
B 2 HOH 20  520 520 HOH HOH A . 
B 2 HOH 21  521 521 HOH HOH A . 
B 2 HOH 22  522 522 HOH HOH A . 
B 2 HOH 23  523 523 HOH HOH A . 
B 2 HOH 24  524 524 HOH HOH A . 
B 2 HOH 25  525 525 HOH HOH A . 
B 2 HOH 26  526 526 HOH HOH A . 
B 2 HOH 27  527 527 HOH HOH A . 
B 2 HOH 28  528 528 HOH HOH A . 
B 2 HOH 29  529 529 HOH HOH A . 
B 2 HOH 30  530 530 HOH HOH A . 
B 2 HOH 31  531 531 HOH HOH A . 
B 2 HOH 32  532 532 HOH HOH A . 
B 2 HOH 33  533 533 HOH HOH A . 
B 2 HOH 34  534 534 HOH HOH A . 
B 2 HOH 35  535 535 HOH HOH A . 
B 2 HOH 36  536 536 HOH HOH A . 
B 2 HOH 37  537 537 HOH HOH A . 
B 2 HOH 38  538 538 HOH HOH A . 
B 2 HOH 39  539 539 HOH HOH A . 
B 2 HOH 40  540 540 HOH HOH A . 
B 2 HOH 41  541 541 HOH HOH A . 
B 2 HOH 42  542 542 HOH HOH A . 
B 2 HOH 43  543 543 HOH HOH A . 
B 2 HOH 44  544 544 HOH HOH A . 
B 2 HOH 45  545 545 HOH HOH A . 
B 2 HOH 46  546 546 HOH HOH A . 
B 2 HOH 47  547 547 HOH HOH A . 
B 2 HOH 48  548 548 HOH HOH A . 
B 2 HOH 49  549 549 HOH HOH A . 
B 2 HOH 50  550 550 HOH HOH A . 
B 2 HOH 51  551 551 HOH HOH A . 
B 2 HOH 52  552 552 HOH HOH A . 
B 2 HOH 53  553 553 HOH HOH A . 
B 2 HOH 54  554 554 HOH HOH A . 
B 2 HOH 55  555 555 HOH HOH A . 
B 2 HOH 56  556 556 HOH HOH A . 
B 2 HOH 57  557 557 HOH HOH A . 
B 2 HOH 58  558 558 HOH HOH A . 
B 2 HOH 59  559 559 HOH HOH A . 
B 2 HOH 60  560 560 HOH HOH A . 
B 2 HOH 61  561 561 HOH HOH A . 
B 2 HOH 62  562 562 HOH HOH A . 
B 2 HOH 63  563 563 HOH HOH A . 
B 2 HOH 64  564 564 HOH HOH A . 
B 2 HOH 65  565 565 HOH HOH A . 
B 2 HOH 66  566 566 HOH HOH A . 
B 2 HOH 67  567 567 HOH HOH A . 
B 2 HOH 68  568 568 HOH HOH A . 
B 2 HOH 69  569 569 HOH HOH A . 
B 2 HOH 70  570 570 HOH HOH A . 
B 2 HOH 71  571 571 HOH HOH A . 
B 2 HOH 72  572 572 HOH HOH A . 
B 2 HOH 73  573 573 HOH HOH A . 
B 2 HOH 74  574 574 HOH HOH A . 
B 2 HOH 75  575 575 HOH HOH A . 
B 2 HOH 76  576 576 HOH HOH A . 
B 2 HOH 77  577 577 HOH HOH A . 
B 2 HOH 78  578 578 HOH HOH A . 
B 2 HOH 79  579 579 HOH HOH A . 
B 2 HOH 80  580 580 HOH HOH A . 
B 2 HOH 81  581 581 HOH HOH A . 
B 2 HOH 82  582 582 HOH HOH A . 
B 2 HOH 83  583 583 HOH HOH A . 
B 2 HOH 84  584 584 HOH HOH A . 
B 2 HOH 85  585 585 HOH HOH A . 
B 2 HOH 86  586 586 HOH HOH A . 
B 2 HOH 87  587 587 HOH HOH A . 
B 2 HOH 88  588 588 HOH HOH A . 
B 2 HOH 89  589 589 HOH HOH A . 
B 2 HOH 90  590 590 HOH HOH A . 
B 2 HOH 91  591 591 HOH HOH A . 
B 2 HOH 92  592 592 HOH HOH A . 
B 2 HOH 93  593 593 HOH HOH A . 
B 2 HOH 94  594 594 HOH HOH A . 
B 2 HOH 95  595 595 HOH HOH A . 
B 2 HOH 96  596 596 HOH HOH A . 
B 2 HOH 97  597 597 HOH HOH A . 
B 2 HOH 98  598 598 HOH HOH A . 
B 2 HOH 99  599 599 HOH HOH A . 
B 2 HOH 100 600 600 HOH HOH A . 
B 2 HOH 101 601 601 HOH HOH A . 
B 2 HOH 102 602 602 HOH HOH A . 
B 2 HOH 103 603 603 HOH HOH A . 
B 2 HOH 104 604 604 HOH HOH A . 
B 2 HOH 105 605 605 HOH HOH A . 
B 2 HOH 106 606 606 HOH HOH A . 
B 2 HOH 107 607 607 HOH HOH A . 
B 2 HOH 108 608 608 HOH HOH A . 
B 2 HOH 109 609 609 HOH HOH A . 
B 2 HOH 110 610 610 HOH HOH A . 
B 2 HOH 111 611 611 HOH HOH A . 
B 2 HOH 112 612 612 HOH HOH A . 
B 2 HOH 113 613 613 HOH HOH A . 
B 2 HOH 114 614 614 HOH HOH A . 
B 2 HOH 115 615 615 HOH HOH A . 
B 2 HOH 116 616 616 HOH HOH A . 
B 2 HOH 117 617 617 HOH HOH A . 
B 2 HOH 118 618 618 HOH HOH A . 
B 2 HOH 119 619 619 HOH HOH A . 
B 2 HOH 120 620 620 HOH HOH A . 
B 2 HOH 121 621 621 HOH HOH A . 
B 2 HOH 122 622 622 HOH HOH A . 
B 2 HOH 123 623 623 HOH HOH A . 
B 2 HOH 124 624 624 HOH HOH A . 
B 2 HOH 125 625 625 HOH HOH A . 
B 2 HOH 126 626 626 HOH HOH A . 
B 2 HOH 127 627 627 HOH HOH A . 
B 2 HOH 128 628 628 HOH HOH A . 
B 2 HOH 129 629 629 HOH HOH A . 
B 2 HOH 130 630 630 HOH HOH A . 
B 2 HOH 131 631 631 HOH HOH A . 
B 2 HOH 132 632 632 HOH HOH A . 
B 2 HOH 133 633 633 HOH HOH A . 
B 2 HOH 134 634 634 HOH HOH A . 
B 2 HOH 135 635 635 HOH HOH A . 
B 2 HOH 136 636 636 HOH HOH A . 
B 2 HOH 137 637 637 HOH HOH A . 
B 2 HOH 138 638 638 HOH HOH A . 
B 2 HOH 139 639 639 HOH HOH A . 
B 2 HOH 140 640 640 HOH HOH A . 
B 2 HOH 141 641 641 HOH HOH A . 
B 2 HOH 142 642 642 HOH HOH A . 
B 2 HOH 143 643 643 HOH HOH A . 
B 2 HOH 144 644 644 HOH HOH A . 
B 2 HOH 145 645 645 HOH HOH A . 
B 2 HOH 146 646 646 HOH HOH A . 
B 2 HOH 147 647 647 HOH HOH A . 
B 2 HOH 148 648 648 HOH HOH A . 
B 2 HOH 149 649 649 HOH HOH A . 
B 2 HOH 150 650 650 HOH HOH A . 
B 2 HOH 151 651 651 HOH HOH A . 
B 2 HOH 152 652 652 HOH HOH A . 
B 2 HOH 153 653 653 HOH HOH A . 
B 2 HOH 154 654 654 HOH HOH A . 
B 2 HOH 155 655 655 HOH HOH A . 
# 
loop_
_software.name 
_software.classification 
_software.version 
_software.citation_id 
_software.pdbx_ordinal 
Blu-Ice  'data collection' .   ? 1 
SHELXS   phasing           .   ? 2 
CNS      refinement        1.1 ? 3 
HKL-2000 'data reduction'  .   ? 4 
HKL-2000 'data scaling'    .   ? 5 
# 
_cell.entry_id           3WX4 
_cell.length_a           81.959 
_cell.length_b           81.959 
_cell.length_c           149.424 
_cell.angle_alpha        90.00 
_cell.angle_beta         90.00 
_cell.angle_gamma        120.00 
_cell.Z_PDB              18 
_cell.pdbx_unique_axis   ? 
_cell.length_a_esd       ? 
_cell.length_b_esd       ? 
_cell.length_c_esd       ? 
_cell.angle_alpha_esd    ? 
_cell.angle_beta_esd     ? 
_cell.angle_gamma_esd    ? 
# 
_symmetry.entry_id                         3WX4 
_symmetry.space_group_name_H-M             'H 3 2' 
_symmetry.pdbx_full_space_group_name_H-M   ? 
_symmetry.cell_setting                     ? 
_symmetry.Int_Tables_number                155 
_symmetry.space_group_name_Hall            ? 
# 
_exptl.entry_id          3WX4 
_exptl.method            'X-RAY DIFFRACTION' 
_exptl.crystals_number   1 
# 
_exptl_crystal.id                    1 
_exptl_crystal.density_meas          ? 
_exptl_crystal.density_Matthews      4.03 
_exptl_crystal.density_percent_sol   69.48 
_exptl_crystal.description           ? 
_exptl_crystal.F_000                 ? 
_exptl_crystal.preparation           ? 
# 
_exptl_crystal_grow.crystal_id      1 
_exptl_crystal_grow.method          ? 
_exptl_crystal_grow.temp            ? 
_exptl_crystal_grow.temp_details    ? 
_exptl_crystal_grow.pH              8.0 
_exptl_crystal_grow.pdbx_details    
'50MM TRIS, 100MM NACL, 3.6M NA- FORMATE(RESERVOIR), 0.1M TRIS(RESERVOIR), PH 8.0, VAPOR DIFFUSION, SITTING DROP, TEMPERATURE 298K' 
_exptl_crystal_grow.pdbx_pH_range   . 
# 
_diffrn.id                     1 
_diffrn.ambient_temp           100 
_diffrn.ambient_temp_details   ? 
_diffrn.crystal_id             1 
# 
_diffrn_detector.diffrn_id              1 
_diffrn_detector.detector               CCD 
_diffrn_detector.type                   'ADSC QUANTUM 315r' 
_diffrn_detector.pdbx_collection_date   2010-11-04 
_diffrn_detector.details                'RH COATED MIRRORS' 
# 
_diffrn_radiation.diffrn_id                        1 
_diffrn_radiation.wavelength_id                    1 
_diffrn_radiation.pdbx_monochromatic_or_laue_m_l   M 
_diffrn_radiation.monochromator                    'SI(111)' 
_diffrn_radiation.pdbx_diffrn_protocol             'SINGLE WAVELENGTH' 
_diffrn_radiation.pdbx_scattering_type             x-ray 
# 
_diffrn_radiation_wavelength.id           1 
_diffrn_radiation_wavelength.wavelength   0.9762 
_diffrn_radiation_wavelength.wt           1.0 
# 
_diffrn_source.diffrn_id                   1 
_diffrn_source.source                      SYNCHROTRON 
_diffrn_source.type                        'NSRRC BEAMLINE BL13B1' 
_diffrn_source.pdbx_synchrotron_site       NSRRC 
_diffrn_source.pdbx_synchrotron_beamline   BL13B1 
_diffrn_source.pdbx_wavelength             0.9762 
_diffrn_source.pdbx_wavelength_list        ? 
# 
_reflns.entry_id                     3WX4 
_reflns.observed_criterion_sigma_I   5.000 
_reflns.observed_criterion_sigma_F   ? 
_reflns.d_resolution_low             25.000 
_reflns.d_resolution_high            1.900 
_reflns.number_obs                   15419 
_reflns.number_all                   ? 
_reflns.percent_possible_obs         99.4 
_reflns.pdbx_Rmerge_I_obs            ? 
_reflns.pdbx_Rsym_value              ? 
_reflns.pdbx_netI_over_sigmaI        ? 
_reflns.B_iso_Wilson_estimate        ? 
_reflns.pdbx_redundancy              ? 
_reflns.R_free_details               ? 
_reflns.limit_h_max                  ? 
_reflns.limit_h_min                  ? 
_reflns.limit_k_max                  ? 
_reflns.limit_k_min                  ? 
_reflns.limit_l_max                  ? 
_reflns.limit_l_min                  ? 
_reflns.observed_criterion_F_max     ? 
_reflns.observed_criterion_F_min     ? 
_reflns.pdbx_chi_squared             ? 
_reflns.pdbx_scaling_rejects         ? 
_reflns.pdbx_ordinal                 1 
_reflns.pdbx_diffrn_id               1 
# 
_reflns_shell.d_res_high                  1.90 
_reflns_shell.d_res_low                   1.97 
_reflns_shell.percent_possible_all        100.0 
_reflns_shell.Rmerge_I_obs                0.47800 
_reflns_shell.pdbx_Rsym_value             ? 
_reflns_shell.meanI_over_sigI_obs         6.150 
_reflns_shell.pdbx_redundancy             ? 
_reflns_shell.percent_possible_obs        ? 
_reflns_shell.number_unique_all           ? 
_reflns_shell.number_measured_all         ? 
_reflns_shell.number_measured_obs         ? 
_reflns_shell.number_unique_obs           ? 
_reflns_shell.pdbx_chi_squared            ? 
_reflns_shell.pdbx_rejects                ? 
_reflns_shell.pdbx_netI_over_sigmaI_obs   ? 
_reflns_shell.number_possible             ? 
_reflns_shell.Rmerge_F_all                ? 
_reflns_shell.Rmerge_F_obs                ? 
_reflns_shell.Rmerge_I_all                ? 
_reflns_shell.meanI_over_sigI_all         ? 
_reflns_shell.pdbx_Rrim_I_all             ? 
_reflns_shell.pdbx_Rpim_I_all             ? 
_reflns_shell.pdbx_ordinal                1 
_reflns_shell.pdbx_diffrn_id              1 
# 
_refine.entry_id                                 3WX4 
_refine.ls_number_reflns_obs                     14722 
_refine.ls_number_reflns_all                     ? 
_refine.pdbx_ls_sigma_I                          ? 
_refine.pdbx_ls_sigma_F                          0.000 
_refine.pdbx_data_cutoff_high_absF               ? 
_refine.pdbx_data_cutoff_low_absF                ? 
_refine.pdbx_data_cutoff_high_rms_absF           ? 
_refine.ls_d_res_low                             24.00 
_refine.ls_d_res_high                            1.90 
_refine.ls_percent_reflns_obs                    ? 
_refine.ls_R_factor_obs                          0.208 
_refine.ls_R_factor_all                          ? 
_refine.ls_R_factor_R_work                       0.208 
_refine.ls_R_factor_R_free                       0.232 
_refine.ls_R_factor_R_free_error                 ? 
_refine.ls_R_factor_R_free_error_details         ? 
_refine.ls_percent_reflns_R_free                 ? 
_refine.ls_number_reflns_R_free                  737 
_refine.ls_number_parameters                     ? 
_refine.ls_number_restraints                     ? 
_refine.occupancy_min                            ? 
_refine.occupancy_max                            ? 
_refine.correlation_coeff_Fo_to_Fc               ? 
_refine.correlation_coeff_Fo_to_Fc_free          ? 
_refine.B_iso_mean                               ? 
_refine.aniso_B[1][1]                            ? 
_refine.aniso_B[2][2]                            ? 
_refine.aniso_B[3][3]                            ? 
_refine.aniso_B[1][2]                            ? 
_refine.aniso_B[1][3]                            ? 
_refine.aniso_B[2][3]                            ? 
_refine.solvent_model_details                    ? 
_refine.solvent_model_param_ksol                 ? 
_refine.solvent_model_param_bsol                 ? 
_refine.pdbx_solvent_vdw_probe_radii             ? 
_refine.pdbx_solvent_ion_probe_radii             ? 
_refine.pdbx_solvent_shrinkage_radii             ? 
_refine.pdbx_ls_cross_valid_method               ? 
_refine.details                                  ? 
_refine.pdbx_starting_model                      ? 
_refine.pdbx_method_to_determine_struct          SAD 
_refine.pdbx_isotropic_thermal_model             ? 
_refine.pdbx_stereochemistry_target_values       'ENGH & HUBER' 
_refine.pdbx_stereochem_target_val_spec_case     ? 
_refine.pdbx_R_Free_selection_details            RANDOM 
_refine.pdbx_overall_ESU_R                       ? 
_refine.pdbx_overall_ESU_R_Free                  ? 
_refine.overall_SU_ML                            ? 
_refine.pdbx_overall_phase_error                 ? 
_refine.overall_SU_B                             ? 
_refine.overall_SU_R_Cruickshank_DPI             ? 
_refine.ls_redundancy_reflns_obs                 ? 
_refine.B_iso_min                                ? 
_refine.B_iso_max                                ? 
_refine.overall_SU_R_free                        ? 
_refine.ls_wR_factor_R_free                      ? 
_refine.ls_wR_factor_R_work                      ? 
_refine.overall_FOM_free_R_set                   ? 
_refine.overall_FOM_work_R_set                   ? 
_refine.pdbx_diffrn_id                           1 
_refine.pdbx_refine_id                           'X-RAY DIFFRACTION' 
_refine.pdbx_TLS_residual_ADP_flag               ? 
_refine.pdbx_overall_SU_R_free_Cruickshank_DPI   ? 
_refine.pdbx_overall_SU_R_Blow_DPI               ? 
_refine.pdbx_overall_SU_R_free_Blow_DPI          ? 
# 
_refine_analyze.entry_id                        3WX4 
_refine_analyze.Luzzati_coordinate_error_obs    0.24 
_refine_analyze.Luzzati_sigma_a_obs             0.25 
_refine_analyze.Luzzati_d_res_low_obs           5.00 
_refine_analyze.Luzzati_coordinate_error_free   0.29 
_refine_analyze.Luzzati_sigma_a_free            0.26 
_refine_analyze.Luzzati_d_res_low_free          ? 
_refine_analyze.number_disordered_residues      ? 
_refine_analyze.occupancy_sum_hydrogen          ? 
_refine_analyze.occupancy_sum_non_hydrogen      ? 
_refine_analyze.pdbx_Luzzati_d_res_high_obs     ? 
_refine_analyze.pdbx_refine_id                  'X-RAY DIFFRACTION' 
# 
_refine_hist.pdbx_refine_id                   'X-RAY DIFFRACTION' 
_refine_hist.cycle_id                         LAST 
_refine_hist.pdbx_number_atoms_protein        828 
_refine_hist.pdbx_number_atoms_nucleic_acid   0 
_refine_hist.pdbx_number_atoms_ligand         0 
_refine_hist.number_atoms_solvent             155 
_refine_hist.number_atoms_total               983 
_refine_hist.d_res_high                       1.90 
_refine_hist.d_res_low                        24.00 
# 
loop_
_refine_ls_restr.type 
_refine_ls_restr.dev_ideal 
_refine_ls_restr.dev_ideal_target 
_refine_ls_restr.weight 
_refine_ls_restr.number 
_refine_ls_restr.pdbx_restraint_function 
_refine_ls_restr.pdbx_refine_id 
c_bond_d                0.018 ? ? ? ? 'X-RAY DIFFRACTION' 
c_bond_d_na             ?     ? ? ? ? 'X-RAY DIFFRACTION' 
c_bond_d_prot           ?     ? ? ? ? 'X-RAY DIFFRACTION' 
c_angle_d               ?     ? ? ? ? 'X-RAY DIFFRACTION' 
c_angle_d_na            ?     ? ? ? ? 'X-RAY DIFFRACTION' 
c_angle_d_prot          ?     ? ? ? ? 'X-RAY DIFFRACTION' 
c_angle_deg             1.767 ? ? ? ? 'X-RAY DIFFRACTION' 
c_angle_deg_na          ?     ? ? ? ? 'X-RAY DIFFRACTION' 
c_angle_deg_prot        ?     ? ? ? ? 'X-RAY DIFFRACTION' 
c_dihedral_angle_d      ?     ? ? ? ? 'X-RAY DIFFRACTION' 
c_dihedral_angle_d_na   ?     ? ? ? ? 'X-RAY DIFFRACTION' 
c_dihedral_angle_d_prot ?     ? ? ? ? 'X-RAY DIFFRACTION' 
c_improper_angle_d      ?     ? ? ? ? 'X-RAY DIFFRACTION' 
c_improper_angle_d_na   ?     ? ? ? ? 'X-RAY DIFFRACTION' 
c_improper_angle_d_prot ?     ? ? ? ? 'X-RAY DIFFRACTION' 
c_mcbond_it             ?     ? ? ? ? 'X-RAY DIFFRACTION' 
c_mcangle_it            ?     ? ? ? ? 'X-RAY DIFFRACTION' 
c_scbond_it             ?     ? ? ? ? 'X-RAY DIFFRACTION' 
c_scangle_it            ?     ? ? ? ? 'X-RAY DIFFRACTION' 
# 
_struct.entry_id                  3WX4 
_struct.title                     'CRYSTAL STRUCTURE of T4 PHAGE ARN PROTEIN' 
_struct.pdbx_model_details        ? 
_struct.pdbx_CASP_flag            ? 
_struct.pdbx_model_type_details   ? 
# 
_struct_keywords.entry_id        3WX4 
_struct_keywords.pdbx_keywords   'VIRAL PROTEIN' 
_struct_keywords.text            'DNA MIMIC, GENE REGULATION, VIRAL PROTEIN' 
# 
loop_
_struct_asym.id 
_struct_asym.pdbx_blank_PDB_chainid_flag 
_struct_asym.pdbx_modified 
_struct_asym.entity_id 
_struct_asym.details 
A N N 1 ? 
B N N 2 ? 
# 
_struct_ref.id                         1 
_struct_ref.db_name                    UNP 
_struct_ref.db_code                    ARN_BPT4 
_struct_ref.pdbx_db_accession          P39510 
_struct_ref.entity_id                  1 
_struct_ref.pdbx_seq_one_letter_code   
;MIIDSQSVVQYTFKIDILEKLYKFLPNLYHSIVNELVEELHLENNDFLIGTYKDLSKAGYFYVIPAPGKNIDDVLKTIMI
YVHDYEIEDYFE
;
_struct_ref.pdbx_align_begin           1 
_struct_ref.pdbx_db_isoform            ? 
# 
_struct_ref_seq.align_id                      1 
_struct_ref_seq.ref_id                        1 
_struct_ref_seq.pdbx_PDB_id_code              3WX4 
_struct_ref_seq.pdbx_strand_id                A 
_struct_ref_seq.seq_align_beg                 1 
_struct_ref_seq.pdbx_seq_align_beg_ins_code   ? 
_struct_ref_seq.seq_align_end                 92 
_struct_ref_seq.pdbx_seq_align_end_ins_code   ? 
_struct_ref_seq.pdbx_db_accession             P39510 
_struct_ref_seq.db_align_beg                  1 
_struct_ref_seq.pdbx_db_align_beg_ins_code    ? 
_struct_ref_seq.db_align_end                  92 
_struct_ref_seq.pdbx_db_align_end_ins_code    ? 
_struct_ref_seq.pdbx_auth_seq_align_beg       1 
_struct_ref_seq.pdbx_auth_seq_align_end       92 
# 
loop_
_struct_ref_seq_dif.align_id 
_struct_ref_seq_dif.pdbx_pdb_id_code 
_struct_ref_seq_dif.mon_id 
_struct_ref_seq_dif.pdbx_pdb_strand_id 
_struct_ref_seq_dif.seq_num 
_struct_ref_seq_dif.pdbx_pdb_ins_code 
_struct_ref_seq_dif.pdbx_seq_db_name 
_struct_ref_seq_dif.pdbx_seq_db_accession_code 
_struct_ref_seq_dif.db_mon_id 
_struct_ref_seq_dif.pdbx_seq_db_seq_num 
_struct_ref_seq_dif.details 
_struct_ref_seq_dif.pdbx_auth_seq_num 
_struct_ref_seq_dif.pdbx_ordinal 
1 3WX4 LEU A 93  ? UNP P39510 ? ? 'expression tag' 93  1 
1 3WX4 GLU A 94  ? UNP P39510 ? ? 'expression tag' 94  2 
1 3WX4 HIS A 95  ? UNP P39510 ? ? 'expression tag' 95  3 
1 3WX4 HIS A 96  ? UNP P39510 ? ? 'expression tag' 96  4 
1 3WX4 HIS A 97  ? UNP P39510 ? ? 'expression tag' 97  5 
1 3WX4 HIS A 98  ? UNP P39510 ? ? 'expression tag' 98  6 
1 3WX4 HIS A 99  ? UNP P39510 ? ? 'expression tag' 99  7 
1 3WX4 HIS A 100 ? UNP P39510 ? ? 'expression tag' 100 8 
# 
_pdbx_struct_assembly.id                   1 
_pdbx_struct_assembly.details              author_and_software_defined_assembly 
_pdbx_struct_assembly.method_details       PISA 
_pdbx_struct_assembly.oligomeric_details   dimeric 
_pdbx_struct_assembly.oligomeric_count     2 
# 
loop_
_pdbx_struct_assembly_prop.biol_id 
_pdbx_struct_assembly_prop.type 
_pdbx_struct_assembly_prop.value 
_pdbx_struct_assembly_prop.details 
1 'ABSA (A^2)' 2440  ? 
1 MORE         -19   ? 
1 'SSA (A^2)'  11620 ? 
# 
_pdbx_struct_assembly_gen.assembly_id       1 
_pdbx_struct_assembly_gen.oper_expression   1,2 
_pdbx_struct_assembly_gen.asym_id_list      A,B 
# 
loop_
_pdbx_struct_oper_list.id 
_pdbx_struct_oper_list.type 
_pdbx_struct_oper_list.name 
_pdbx_struct_oper_list.symmetry_operation 
_pdbx_struct_oper_list.matrix[1][1] 
_pdbx_struct_oper_list.matrix[1][2] 
_pdbx_struct_oper_list.matrix[1][3] 
_pdbx_struct_oper_list.vector[1] 
_pdbx_struct_oper_list.matrix[2][1] 
_pdbx_struct_oper_list.matrix[2][2] 
_pdbx_struct_oper_list.matrix[2][3] 
_pdbx_struct_oper_list.vector[2] 
_pdbx_struct_oper_list.matrix[3][1] 
_pdbx_struct_oper_list.matrix[3][2] 
_pdbx_struct_oper_list.matrix[3][3] 
_pdbx_struct_oper_list.vector[3] 
1 'identity operation'         1_555  x,y,z                  1.0000000000  0.0000000000 0.0000000000  0.0000000000 0.0000000000 1.0000000000 0.0000000000  0.0000000000 0.0000000000  0.0000000000  1.0000000000  0.0000000000  
2 'crystal symmetry operation' 12_555 -x+2/3,-x+y+1/3,-z+1/3 -0.9717104832 0.2355909981 -0.0166017604 4.6258491509 0.2355909981 0.9619677064 -0.1382570561 1.3688451027 -0.0166017604 -0.1382570561 -0.9902572232 27.3073824419 
# 
_struct_biol.id        1 
_struct_biol.details   ? 
# 
loop_
_struct_conf.conf_type_id 
_struct_conf.id 
_struct_conf.pdbx_PDB_helix_id 
_struct_conf.beg_label_comp_id 
_struct_conf.beg_label_asym_id 
_struct_conf.beg_label_seq_id 
_struct_conf.pdbx_beg_PDB_ins_code 
_struct_conf.end_label_comp_id 
_struct_conf.end_label_asym_id 
_struct_conf.end_label_seq_id 
_struct_conf.pdbx_end_PDB_ins_code 
_struct_conf.beg_auth_comp_id 
_struct_conf.beg_auth_asym_id 
_struct_conf.beg_auth_seq_id 
_struct_conf.end_auth_comp_id 
_struct_conf.end_auth_asym_id 
_struct_conf.end_auth_seq_id 
_struct_conf.pdbx_PDB_helix_class 
_struct_conf.details 
_struct_conf.pdbx_PDB_helix_length 
HELX_P HELX_P1 1 ILE A 15 ? LEU A 25 ? ILE A 15 LEU A 25 1 ? 11 
HELX_P HELX_P2 2 LEU A 25 ? ASN A 44 ? LEU A 25 ASN A 44 1 ? 20 
HELX_P HELX_P3 3 ASP A 54 ? ALA A 58 ? ASP A 54 ALA A 58 5 ? 5  
HELX_P HELX_P4 4 ASN A 70 ? TYR A 85 ? ASN A 70 TYR A 85 1 ? 16 
HELX_P HELX_P5 5 ILE A 87 ? GLU A 92 ? ILE A 87 GLU A 92 1 ? 6  
HELX_P HELX_P6 6 LEU A 93 ? HIS A 98 ? LEU A 93 HIS A 98 5 ? 6  
# 
_struct_conf_type.id          HELX_P 
_struct_conf_type.criteria    ? 
_struct_conf_type.reference   ? 
# 
_struct_sheet.id               A 
_struct_sheet.type             ? 
_struct_sheet.number_strands   3 
_struct_sheet.details          ? 
# 
loop_
_struct_sheet_order.sheet_id 
_struct_sheet_order.range_id_1 
_struct_sheet_order.range_id_2 
_struct_sheet_order.offset 
_struct_sheet_order.sense 
A 1 2 ? anti-parallel 
A 2 3 ? anti-parallel 
# 
loop_
_struct_sheet_range.sheet_id 
_struct_sheet_range.id 
_struct_sheet_range.beg_label_comp_id 
_struct_sheet_range.beg_label_asym_id 
_struct_sheet_range.beg_label_seq_id 
_struct_sheet_range.pdbx_beg_PDB_ins_code 
_struct_sheet_range.end_label_comp_id 
_struct_sheet_range.end_label_asym_id 
_struct_sheet_range.end_label_seq_id 
_struct_sheet_range.pdbx_end_PDB_ins_code 
_struct_sheet_range.beg_auth_comp_id 
_struct_sheet_range.beg_auth_asym_id 
_struct_sheet_range.beg_auth_seq_id 
_struct_sheet_range.end_auth_comp_id 
_struct_sheet_range.end_auth_asym_id 
_struct_sheet_range.end_auth_seq_id 
A 1 TYR A 11 ? LYS A 14 ? TYR A 11 LYS A 14 
A 2 TYR A 60 ? PRO A 65 ? TYR A 60 PRO A 65 
A 3 PHE A 47 ? THR A 51 ? PHE A 47 THR A 51 
# 
loop_
_pdbx_struct_sheet_hbond.sheet_id 
_pdbx_struct_sheet_hbond.range_id_1 
_pdbx_struct_sheet_hbond.range_id_2 
_pdbx_struct_sheet_hbond.range_1_label_atom_id 
_pdbx_struct_sheet_hbond.range_1_label_comp_id 
_pdbx_struct_sheet_hbond.range_1_label_asym_id 
_pdbx_struct_sheet_hbond.range_1_label_seq_id 
_pdbx_struct_sheet_hbond.range_1_PDB_ins_code 
_pdbx_struct_sheet_hbond.range_1_auth_atom_id 
_pdbx_struct_sheet_hbond.range_1_auth_comp_id 
_pdbx_struct_sheet_hbond.range_1_auth_asym_id 
_pdbx_struct_sheet_hbond.range_1_auth_seq_id 
_pdbx_struct_sheet_hbond.range_2_label_atom_id 
_pdbx_struct_sheet_hbond.range_2_label_comp_id 
_pdbx_struct_sheet_hbond.range_2_label_asym_id 
_pdbx_struct_sheet_hbond.range_2_label_seq_id 
_pdbx_struct_sheet_hbond.range_2_PDB_ins_code 
_pdbx_struct_sheet_hbond.range_2_auth_atom_id 
_pdbx_struct_sheet_hbond.range_2_auth_comp_id 
_pdbx_struct_sheet_hbond.range_2_auth_asym_id 
_pdbx_struct_sheet_hbond.range_2_auth_seq_id 
A 1 2 N TYR A 11 ? N TYR A 11 O VAL A 63 ? O VAL A 63 
A 2 3 O TYR A 62 ? O TYR A 62 N GLY A 50 ? N GLY A 50 
# 
loop_
_pdbx_validate_close_contact.id 
_pdbx_validate_close_contact.PDB_model_num 
_pdbx_validate_close_contact.auth_atom_id_1 
_pdbx_validate_close_contact.auth_asym_id_1 
_pdbx_validate_close_contact.auth_comp_id_1 
_pdbx_validate_close_contact.auth_seq_id_1 
_pdbx_validate_close_contact.PDB_ins_code_1 
_pdbx_validate_close_contact.label_alt_id_1 
_pdbx_validate_close_contact.auth_atom_id_2 
_pdbx_validate_close_contact.auth_asym_id_2 
_pdbx_validate_close_contact.auth_comp_id_2 
_pdbx_validate_close_contact.auth_seq_id_2 
_pdbx_validate_close_contact.PDB_ins_code_2 
_pdbx_validate_close_contact.label_alt_id_2 
_pdbx_validate_close_contact.dist 
1 1 CE1 A HIS 30  ? ? O A HOH 641 ? ? 1.09 
2 1 ND1 A HIS 30  ? ? O A HOH 641 ? ? 1.43 
3 1 O   A HOH 585 ? ? O A HOH 651 ? ? 2.17 
# 
_pdbx_validate_symm_contact.id                1 
_pdbx_validate_symm_contact.PDB_model_num     1 
_pdbx_validate_symm_contact.auth_atom_id_1    O 
_pdbx_validate_symm_contact.auth_asym_id_1    A 
_pdbx_validate_symm_contact.auth_comp_id_1    HOH 
_pdbx_validate_symm_contact.auth_seq_id_1     613 
_pdbx_validate_symm_contact.PDB_ins_code_1    ? 
_pdbx_validate_symm_contact.label_alt_id_1    ? 
_pdbx_validate_symm_contact.site_symmetry_1   1_555 
_pdbx_validate_symm_contact.auth_atom_id_2    O 
_pdbx_validate_symm_contact.auth_asym_id_2    A 
_pdbx_validate_symm_contact.auth_comp_id_2    HOH 
_pdbx_validate_symm_contact.auth_seq_id_2     613 
_pdbx_validate_symm_contact.PDB_ins_code_2    ? 
_pdbx_validate_symm_contact.label_alt_id_2    ? 
_pdbx_validate_symm_contact.site_symmetry_2   5_555 
_pdbx_validate_symm_contact.dist              1.94 
# 
loop_
_pdbx_struct_special_symmetry.id 
_pdbx_struct_special_symmetry.PDB_model_num 
_pdbx_struct_special_symmetry.auth_asym_id 
_pdbx_struct_special_symmetry.auth_comp_id 
_pdbx_struct_special_symmetry.auth_seq_id 
_pdbx_struct_special_symmetry.PDB_ins_code 
_pdbx_struct_special_symmetry.label_asym_id 
_pdbx_struct_special_symmetry.label_comp_id 
_pdbx_struct_special_symmetry.label_seq_id 
1 1 A HOH 531 ? B HOH . 
2 1 A HOH 548 ? B HOH . 
3 1 A HOH 635 ? B HOH . 
# 
loop_
_pdbx_unobs_or_zero_occ_residues.id 
_pdbx_unobs_or_zero_occ_residues.PDB_model_num 
_pdbx_unobs_or_zero_occ_residues.polymer_flag 
_pdbx_unobs_or_zero_occ_residues.occupancy_flag 
_pdbx_unobs_or_zero_occ_residues.auth_asym_id 
_pdbx_unobs_or_zero_occ_residues.auth_comp_id 
_pdbx_unobs_or_zero_occ_residues.auth_seq_id 
_pdbx_unobs_or_zero_occ_residues.PDB_ins_code 
_pdbx_unobs_or_zero_occ_residues.label_asym_id 
_pdbx_unobs_or_zero_occ_residues.label_comp_id 
_pdbx_unobs_or_zero_occ_residues.label_seq_id 
1 1 Y 1 A HIS 99  ? A HIS 99  
2 1 Y 1 A HIS 100 ? A HIS 100 
# 
loop_
_chem_comp_atom.comp_id 
_chem_comp_atom.atom_id 
_chem_comp_atom.type_symbol 
_chem_comp_atom.pdbx_aromatic_flag 
_chem_comp_atom.pdbx_stereo_config 
_chem_comp_atom.pdbx_ordinal 
ALA N    N N N 1   
ALA CA   C N S 2   
ALA C    C N N 3   
ALA O    O N N 4   
ALA CB   C N N 5   
ALA OXT  O N N 6   
ALA H    H N N 7   
ALA H2   H N N 8   
ALA HA   H N N 9   
ALA HB1  H N N 10  
ALA HB2  H N N 11  
ALA HB3  H N N 12  
ALA HXT  H N N 13  
ASN N    N N N 14  
ASN CA   C N S 15  
ASN C    C N N 16  
ASN O    O N N 17  
ASN CB   C N N 18  
ASN CG   C N N 19  
ASN OD1  O N N 20  
ASN ND2  N N N 21  
ASN OXT  O N N 22  
ASN H    H N N 23  
ASN H2   H N N 24  
ASN HA   H N N 25  
ASN HB2  H N N 26  
ASN HB3  H N N 27  
ASN HD21 H N N 28  
ASN HD22 H N N 29  
ASN HXT  H N N 30  
ASP N    N N N 31  
ASP CA   C N S 32  
ASP C    C N N 33  
ASP O    O N N 34  
ASP CB   C N N 35  
ASP CG   C N N 36  
ASP OD1  O N N 37  
ASP OD2  O N N 38  
ASP OXT  O N N 39  
ASP H    H N N 40  
ASP H2   H N N 41  
ASP HA   H N N 42  
ASP HB2  H N N 43  
ASP HB3  H N N 44  
ASP HD2  H N N 45  
ASP HXT  H N N 46  
GLN N    N N N 47  
GLN CA   C N S 48  
GLN C    C N N 49  
GLN O    O N N 50  
GLN CB   C N N 51  
GLN CG   C N N 52  
GLN CD   C N N 53  
GLN OE1  O N N 54  
GLN NE2  N N N 55  
GLN OXT  O N N 56  
GLN H    H N N 57  
GLN H2   H N N 58  
GLN HA   H N N 59  
GLN HB2  H N N 60  
GLN HB3  H N N 61  
GLN HG2  H N N 62  
GLN HG3  H N N 63  
GLN HE21 H N N 64  
GLN HE22 H N N 65  
GLN HXT  H N N 66  
GLU N    N N N 67  
GLU CA   C N S 68  
GLU C    C N N 69  
GLU O    O N N 70  
GLU CB   C N N 71  
GLU CG   C N N 72  
GLU CD   C N N 73  
GLU OE1  O N N 74  
GLU OE2  O N N 75  
GLU OXT  O N N 76  
GLU H    H N N 77  
GLU H2   H N N 78  
GLU HA   H N N 79  
GLU HB2  H N N 80  
GLU HB3  H N N 81  
GLU HG2  H N N 82  
GLU HG3  H N N 83  
GLU HE2  H N N 84  
GLU HXT  H N N 85  
GLY N    N N N 86  
GLY CA   C N N 87  
GLY C    C N N 88  
GLY O    O N N 89  
GLY OXT  O N N 90  
GLY H    H N N 91  
GLY H2   H N N 92  
GLY HA2  H N N 93  
GLY HA3  H N N 94  
GLY HXT  H N N 95  
HIS N    N N N 96  
HIS CA   C N S 97  
HIS C    C N N 98  
HIS O    O N N 99  
HIS CB   C N N 100 
HIS CG   C Y N 101 
HIS ND1  N Y N 102 
HIS CD2  C Y N 103 
HIS CE1  C Y N 104 
HIS NE2  N Y N 105 
HIS OXT  O N N 106 
HIS H    H N N 107 
HIS H2   H N N 108 
HIS HA   H N N 109 
HIS HB2  H N N 110 
HIS HB3  H N N 111 
HIS HD1  H N N 112 
HIS HD2  H N N 113 
HIS HE1  H N N 114 
HIS HE2  H N N 115 
HIS HXT  H N N 116 
HOH O    O N N 117 
HOH H1   H N N 118 
HOH H2   H N N 119 
ILE N    N N N 120 
ILE CA   C N S 121 
ILE C    C N N 122 
ILE O    O N N 123 
ILE CB   C N S 124 
ILE CG1  C N N 125 
ILE CG2  C N N 126 
ILE CD1  C N N 127 
ILE OXT  O N N 128 
ILE H    H N N 129 
ILE H2   H N N 130 
ILE HA   H N N 131 
ILE HB   H N N 132 
ILE HG12 H N N 133 
ILE HG13 H N N 134 
ILE HG21 H N N 135 
ILE HG22 H N N 136 
ILE HG23 H N N 137 
ILE HD11 H N N 138 
ILE HD12 H N N 139 
ILE HD13 H N N 140 
ILE HXT  H N N 141 
LEU N    N N N 142 
LEU CA   C N S 143 
LEU C    C N N 144 
LEU O    O N N 145 
LEU CB   C N N 146 
LEU CG   C N N 147 
LEU CD1  C N N 148 
LEU CD2  C N N 149 
LEU OXT  O N N 150 
LEU H    H N N 151 
LEU H2   H N N 152 
LEU HA   H N N 153 
LEU HB2  H N N 154 
LEU HB3  H N N 155 
LEU HG   H N N 156 
LEU HD11 H N N 157 
LEU HD12 H N N 158 
LEU HD13 H N N 159 
LEU HD21 H N N 160 
LEU HD22 H N N 161 
LEU HD23 H N N 162 
LEU HXT  H N N 163 
LYS N    N N N 164 
LYS CA   C N S 165 
LYS C    C N N 166 
LYS O    O N N 167 
LYS CB   C N N 168 
LYS CG   C N N 169 
LYS CD   C N N 170 
LYS CE   C N N 171 
LYS NZ   N N N 172 
LYS OXT  O N N 173 
LYS H    H N N 174 
LYS H2   H N N 175 
LYS HA   H N N 176 
LYS HB2  H N N 177 
LYS HB3  H N N 178 
LYS HG2  H N N 179 
LYS HG3  H N N 180 
LYS HD2  H N N 181 
LYS HD3  H N N 182 
LYS HE2  H N N 183 
LYS HE3  H N N 184 
LYS HZ1  H N N 185 
LYS HZ2  H N N 186 
LYS HZ3  H N N 187 
LYS HXT  H N N 188 
MET N    N N N 189 
MET CA   C N S 190 
MET C    C N N 191 
MET O    O N N 192 
MET CB   C N N 193 
MET CG   C N N 194 
MET SD   S N N 195 
MET CE   C N N 196 
MET OXT  O N N 197 
MET H    H N N 198 
MET H2   H N N 199 
MET HA   H N N 200 
MET HB2  H N N 201 
MET HB3  H N N 202 
MET HG2  H N N 203 
MET HG3  H N N 204 
MET HE1  H N N 205 
MET HE2  H N N 206 
MET HE3  H N N 207 
MET HXT  H N N 208 
PHE N    N N N 209 
PHE CA   C N S 210 
PHE C    C N N 211 
PHE O    O N N 212 
PHE CB   C N N 213 
PHE CG   C Y N 214 
PHE CD1  C Y N 215 
PHE CD2  C Y N 216 
PHE CE1  C Y N 217 
PHE CE2  C Y N 218 
PHE CZ   C Y N 219 
PHE OXT  O N N 220 
PHE H    H N N 221 
PHE H2   H N N 222 
PHE HA   H N N 223 
PHE HB2  H N N 224 
PHE HB3  H N N 225 
PHE HD1  H N N 226 
PHE HD2  H N N 227 
PHE HE1  H N N 228 
PHE HE2  H N N 229 
PHE HZ   H N N 230 
PHE HXT  H N N 231 
PRO N    N N N 232 
PRO CA   C N S 233 
PRO C    C N N 234 
PRO O    O N N 235 
PRO CB   C N N 236 
PRO CG   C N N 237 
PRO CD   C N N 238 
PRO OXT  O N N 239 
PRO H    H N N 240 
PRO HA   H N N 241 
PRO HB2  H N N 242 
PRO HB3  H N N 243 
PRO HG2  H N N 244 
PRO HG3  H N N 245 
PRO HD2  H N N 246 
PRO HD3  H N N 247 
PRO HXT  H N N 248 
SER N    N N N 249 
SER CA   C N S 250 
SER C    C N N 251 
SER O    O N N 252 
SER CB   C N N 253 
SER OG   O N N 254 
SER OXT  O N N 255 
SER H    H N N 256 
SER H2   H N N 257 
SER HA   H N N 258 
SER HB2  H N N 259 
SER HB3  H N N 260 
SER HG   H N N 261 
SER HXT  H N N 262 
THR N    N N N 263 
THR CA   C N S 264 
THR C    C N N 265 
THR O    O N N 266 
THR CB   C N R 267 
THR OG1  O N N 268 
THR CG2  C N N 269 
THR OXT  O N N 270 
THR H    H N N 271 
THR H2   H N N 272 
THR HA   H N N 273 
THR HB   H N N 274 
THR HG1  H N N 275 
THR HG21 H N N 276 
THR HG22 H N N 277 
THR HG23 H N N 278 
THR HXT  H N N 279 
TYR N    N N N 280 
TYR CA   C N S 281 
TYR C    C N N 282 
TYR O    O N N 283 
TYR CB   C N N 284 
TYR CG   C Y N 285 
TYR CD1  C Y N 286 
TYR CD2  C Y N 287 
TYR CE1  C Y N 288 
TYR CE2  C Y N 289 
TYR CZ   C Y N 290 
TYR OH   O N N 291 
TYR OXT  O N N 292 
TYR H    H N N 293 
TYR H2   H N N 294 
TYR HA   H N N 295 
TYR HB2  H N N 296 
TYR HB3  H N N 297 
TYR HD1  H N N 298 
TYR HD2  H N N 299 
TYR HE1  H N N 300 
TYR HE2  H N N 301 
TYR HH   H N N 302 
TYR HXT  H N N 303 
VAL N    N N N 304 
VAL CA   C N S 305 
VAL C    C N N 306 
VAL O    O N N 307 
VAL CB   C N N 308 
VAL CG1  C N N 309 
VAL CG2  C N N 310 
VAL OXT  O N N 311 
VAL H    H N N 312 
VAL H2   H N N 313 
VAL HA   H N N 314 
VAL HB   H N N 315 
VAL HG11 H N N 316 
VAL HG12 H N N 317 
VAL HG13 H N N 318 
VAL HG21 H N N 319 
VAL HG22 H N N 320 
VAL HG23 H N N 321 
VAL HXT  H N N 322 
# 
loop_
_chem_comp_bond.comp_id 
_chem_comp_bond.atom_id_1 
_chem_comp_bond.atom_id_2 
_chem_comp_bond.value_order 
_chem_comp_bond.pdbx_aromatic_flag 
_chem_comp_bond.pdbx_stereo_config 
_chem_comp_bond.pdbx_ordinal 
ALA N   CA   sing N N 1   
ALA N   H    sing N N 2   
ALA N   H2   sing N N 3   
ALA CA  C    sing N N 4   
ALA CA  CB   sing N N 5   
ALA CA  HA   sing N N 6   
ALA C   O    doub N N 7   
ALA C   OXT  sing N N 8   
ALA CB  HB1  sing N N 9   
ALA CB  HB2  sing N N 10  
ALA CB  HB3  sing N N 11  
ALA OXT HXT  sing N N 12  
ASN N   CA   sing N N 13  
ASN N   H    sing N N 14  
ASN N   H2   sing N N 15  
ASN CA  C    sing N N 16  
ASN CA  CB   sing N N 17  
ASN CA  HA   sing N N 18  
ASN C   O    doub N N 19  
ASN C   OXT  sing N N 20  
ASN CB  CG   sing N N 21  
ASN CB  HB2  sing N N 22  
ASN CB  HB3  sing N N 23  
ASN CG  OD1  doub N N 24  
ASN CG  ND2  sing N N 25  
ASN ND2 HD21 sing N N 26  
ASN ND2 HD22 sing N N 27  
ASN OXT HXT  sing N N 28  
ASP N   CA   sing N N 29  
ASP N   H    sing N N 30  
ASP N   H2   sing N N 31  
ASP CA  C    sing N N 32  
ASP CA  CB   sing N N 33  
ASP CA  HA   sing N N 34  
ASP C   O    doub N N 35  
ASP C   OXT  sing N N 36  
ASP CB  CG   sing N N 37  
ASP CB  HB2  sing N N 38  
ASP CB  HB3  sing N N 39  
ASP CG  OD1  doub N N 40  
ASP CG  OD2  sing N N 41  
ASP OD2 HD2  sing N N 42  
ASP OXT HXT  sing N N 43  
GLN N   CA   sing N N 44  
GLN N   H    sing N N 45  
GLN N   H2   sing N N 46  
GLN CA  C    sing N N 47  
GLN CA  CB   sing N N 48  
GLN CA  HA   sing N N 49  
GLN C   O    doub N N 50  
GLN C   OXT  sing N N 51  
GLN CB  CG   sing N N 52  
GLN CB  HB2  sing N N 53  
GLN CB  HB3  sing N N 54  
GLN CG  CD   sing N N 55  
GLN CG  HG2  sing N N 56  
GLN CG  HG3  sing N N 57  
GLN CD  OE1  doub N N 58  
GLN CD  NE2  sing N N 59  
GLN NE2 HE21 sing N N 60  
GLN NE2 HE22 sing N N 61  
GLN OXT HXT  sing N N 62  
GLU N   CA   sing N N 63  
GLU N   H    sing N N 64  
GLU N   H2   sing N N 65  
GLU CA  C    sing N N 66  
GLU CA  CB   sing N N 67  
GLU CA  HA   sing N N 68  
GLU C   O    doub N N 69  
GLU C   OXT  sing N N 70  
GLU CB  CG   sing N N 71  
GLU CB  HB2  sing N N 72  
GLU CB  HB3  sing N N 73  
GLU CG  CD   sing N N 74  
GLU CG  HG2  sing N N 75  
GLU CG  HG3  sing N N 76  
GLU CD  OE1  doub N N 77  
GLU CD  OE2  sing N N 78  
GLU OE2 HE2  sing N N 79  
GLU OXT HXT  sing N N 80  
GLY N   CA   sing N N 81  
GLY N   H    sing N N 82  
GLY N   H2   sing N N 83  
GLY CA  C    sing N N 84  
GLY CA  HA2  sing N N 85  
GLY CA  HA3  sing N N 86  
GLY C   O    doub N N 87  
GLY C   OXT  sing N N 88  
GLY OXT HXT  sing N N 89  
HIS N   CA   sing N N 90  
HIS N   H    sing N N 91  
HIS N   H2   sing N N 92  
HIS CA  C    sing N N 93  
HIS CA  CB   sing N N 94  
HIS CA  HA   sing N N 95  
HIS C   O    doub N N 96  
HIS C   OXT  sing N N 97  
HIS CB  CG   sing N N 98  
HIS CB  HB2  sing N N 99  
HIS CB  HB3  sing N N 100 
HIS CG  ND1  sing Y N 101 
HIS CG  CD2  doub Y N 102 
HIS ND1 CE1  doub Y N 103 
HIS ND1 HD1  sing N N 104 
HIS CD2 NE2  sing Y N 105 
HIS CD2 HD2  sing N N 106 
HIS CE1 NE2  sing Y N 107 
HIS CE1 HE1  sing N N 108 
HIS NE2 HE2  sing N N 109 
HIS OXT HXT  sing N N 110 
HOH O   H1   sing N N 111 
HOH O   H2   sing N N 112 
ILE N   CA   sing N N 113 
ILE N   H    sing N N 114 
ILE N   H2   sing N N 115 
ILE CA  C    sing N N 116 
ILE CA  CB   sing N N 117 
ILE CA  HA   sing N N 118 
ILE C   O    doub N N 119 
ILE C   OXT  sing N N 120 
ILE CB  CG1  sing N N 121 
ILE CB  CG2  sing N N 122 
ILE CB  HB   sing N N 123 
ILE CG1 CD1  sing N N 124 
ILE CG1 HG12 sing N N 125 
ILE CG1 HG13 sing N N 126 
ILE CG2 HG21 sing N N 127 
ILE CG2 HG22 sing N N 128 
ILE CG2 HG23 sing N N 129 
ILE CD1 HD11 sing N N 130 
ILE CD1 HD12 sing N N 131 
ILE CD1 HD13 sing N N 132 
ILE OXT HXT  sing N N 133 
LEU N   CA   sing N N 134 
LEU N   H    sing N N 135 
LEU N   H2   sing N N 136 
LEU CA  C    sing N N 137 
LEU CA  CB   sing N N 138 
LEU CA  HA   sing N N 139 
LEU C   O    doub N N 140 
LEU C   OXT  sing N N 141 
LEU CB  CG   sing N N 142 
LEU CB  HB2  sing N N 143 
LEU CB  HB3  sing N N 144 
LEU CG  CD1  sing N N 145 
LEU CG  CD2  sing N N 146 
LEU CG  HG   sing N N 147 
LEU CD1 HD11 sing N N 148 
LEU CD1 HD12 sing N N 149 
LEU CD1 HD13 sing N N 150 
LEU CD2 HD21 sing N N 151 
LEU CD2 HD22 sing N N 152 
LEU CD2 HD23 sing N N 153 
LEU OXT HXT  sing N N 154 
LYS N   CA   sing N N 155 
LYS N   H    sing N N 156 
LYS N   H2   sing N N 157 
LYS CA  C    sing N N 158 
LYS CA  CB   sing N N 159 
LYS CA  HA   sing N N 160 
LYS C   O    doub N N 161 
LYS C   OXT  sing N N 162 
LYS CB  CG   sing N N 163 
LYS CB  HB2  sing N N 164 
LYS CB  HB3  sing N N 165 
LYS CG  CD   sing N N 166 
LYS CG  HG2  sing N N 167 
LYS CG  HG3  sing N N 168 
LYS CD  CE   sing N N 169 
LYS CD  HD2  sing N N 170 
LYS CD  HD3  sing N N 171 
LYS CE  NZ   sing N N 172 
LYS CE  HE2  sing N N 173 
LYS CE  HE3  sing N N 174 
LYS NZ  HZ1  sing N N 175 
LYS NZ  HZ2  sing N N 176 
LYS NZ  HZ3  sing N N 177 
LYS OXT HXT  sing N N 178 
MET N   CA   sing N N 179 
MET N   H    sing N N 180 
MET N   H2   sing N N 181 
MET CA  C    sing N N 182 
MET CA  CB   sing N N 183 
MET CA  HA   sing N N 184 
MET C   O    doub N N 185 
MET C   OXT  sing N N 186 
MET CB  CG   sing N N 187 
MET CB  HB2  sing N N 188 
MET CB  HB3  sing N N 189 
MET CG  SD   sing N N 190 
MET CG  HG2  sing N N 191 
MET CG  HG3  sing N N 192 
MET SD  CE   sing N N 193 
MET CE  HE1  sing N N 194 
MET CE  HE2  sing N N 195 
MET CE  HE3  sing N N 196 
MET OXT HXT  sing N N 197 
PHE N   CA   sing N N 198 
PHE N   H    sing N N 199 
PHE N   H2   sing N N 200 
PHE CA  C    sing N N 201 
PHE CA  CB   sing N N 202 
PHE CA  HA   sing N N 203 
PHE C   O    doub N N 204 
PHE C   OXT  sing N N 205 
PHE CB  CG   sing N N 206 
PHE CB  HB2  sing N N 207 
PHE CB  HB3  sing N N 208 
PHE CG  CD1  doub Y N 209 
PHE CG  CD2  sing Y N 210 
PHE CD1 CE1  sing Y N 211 
PHE CD1 HD1  sing N N 212 
PHE CD2 CE2  doub Y N 213 
PHE CD2 HD2  sing N N 214 
PHE CE1 CZ   doub Y N 215 
PHE CE1 HE1  sing N N 216 
PHE CE2 CZ   sing Y N 217 
PHE CE2 HE2  sing N N 218 
PHE CZ  HZ   sing N N 219 
PHE OXT HXT  sing N N 220 
PRO N   CA   sing N N 221 
PRO N   CD   sing N N 222 
PRO N   H    sing N N 223 
PRO CA  C    sing N N 224 
PRO CA  CB   sing N N 225 
PRO CA  HA   sing N N 226 
PRO C   O    doub N N 227 
PRO C   OXT  sing N N 228 
PRO CB  CG   sing N N 229 
PRO CB  HB2  sing N N 230 
PRO CB  HB3  sing N N 231 
PRO CG  CD   sing N N 232 
PRO CG  HG2  sing N N 233 
PRO CG  HG3  sing N N 234 
PRO CD  HD2  sing N N 235 
PRO CD  HD3  sing N N 236 
PRO OXT HXT  sing N N 237 
SER N   CA   sing N N 238 
SER N   H    sing N N 239 
SER N   H2   sing N N 240 
SER CA  C    sing N N 241 
SER CA  CB   sing N N 242 
SER CA  HA   sing N N 243 
SER C   O    doub N N 244 
SER C   OXT  sing N N 245 
SER CB  OG   sing N N 246 
SER CB  HB2  sing N N 247 
SER CB  HB3  sing N N 248 
SER OG  HG   sing N N 249 
SER OXT HXT  sing N N 250 
THR N   CA   sing N N 251 
THR N   H    sing N N 252 
THR N   H2   sing N N 253 
THR CA  C    sing N N 254 
THR CA  CB   sing N N 255 
THR CA  HA   sing N N 256 
THR C   O    doub N N 257 
THR C   OXT  sing N N 258 
THR CB  OG1  sing N N 259 
THR CB  CG2  sing N N 260 
THR CB  HB   sing N N 261 
THR OG1 HG1  sing N N 262 
THR CG2 HG21 sing N N 263 
THR CG2 HG22 sing N N 264 
THR CG2 HG23 sing N N 265 
THR OXT HXT  sing N N 266 
TYR N   CA   sing N N 267 
TYR N   H    sing N N 268 
TYR N   H2   sing N N 269 
TYR CA  C    sing N N 270 
TYR CA  CB   sing N N 271 
TYR CA  HA   sing N N 272 
TYR C   O    doub N N 273 
TYR C   OXT  sing N N 274 
TYR CB  CG   sing N N 275 
TYR CB  HB2  sing N N 276 
TYR CB  HB3  sing N N 277 
TYR CG  CD1  doub Y N 278 
TYR CG  CD2  sing Y N 279 
TYR CD1 CE1  sing Y N 280 
TYR CD1 HD1  sing N N 281 
TYR CD2 CE2  doub Y N 282 
TYR CD2 HD2  sing N N 283 
TYR CE1 CZ   doub Y N 284 
TYR CE1 HE1  sing N N 285 
TYR CE2 CZ   sing Y N 286 
TYR CE2 HE2  sing N N 287 
TYR CZ  OH   sing N N 288 
TYR OH  HH   sing N N 289 
TYR OXT HXT  sing N N 290 
VAL N   CA   sing N N 291 
VAL N   H    sing N N 292 
VAL N   H2   sing N N 293 
VAL CA  C    sing N N 294 
VAL CA  CB   sing N N 295 
VAL CA  HA   sing N N 296 
VAL C   O    doub N N 297 
VAL C   OXT  sing N N 298 
VAL CB  CG1  sing N N 299 
VAL CB  CG2  sing N N 300 
VAL CB  HB   sing N N 301 
VAL CG1 HG11 sing N N 302 
VAL CG1 HG12 sing N N 303 
VAL CG1 HG13 sing N N 304 
VAL CG2 HG21 sing N N 305 
VAL CG2 HG22 sing N N 306 
VAL CG2 HG23 sing N N 307 
VAL OXT HXT  sing N N 308 
# 
_atom_sites.entry_id                    3WX4 
_atom_sites.fract_transf_matrix[1][1]   -0.01329929 
_atom_sites.fract_transf_matrix[1][2]   0.00189628 
_atom_sites.fract_transf_matrix[1][3]   0.00424445 
_atom_sites.fract_transf_matrix[2][1]   -0.00810109 
_atom_sites.fract_transf_matrix[2][2]   -0.01113679 
_atom_sites.fract_transf_matrix[2][3]   0.00297393 
_atom_sites.fract_transf_matrix[3][1]   0.00205973 
_atom_sites.fract_transf_matrix[3][2]   0.00020113 
_atom_sites.fract_transf_matrix[3][3]   0.00636396 
_atom_sites.fract_transf_vector[1]      0.304834 
_atom_sites.fract_transf_vector[2]      0.184943 
_atom_sites.fract_transf_vector[3]      0.074864 
# 
loop_
_atom_type.symbol 
C 
N 
O 
S 
# 
loop_
_atom_site.group_PDB 
_atom_site.id 
_atom_site.type_symbol 
_atom_site.label_atom_id 
_atom_site.label_alt_id 
_atom_site.label_comp_id 
_atom_site.label_asym_id 
_atom_site.label_entity_id 
_atom_site.label_seq_id 
_atom_site.pdbx_PDB_ins_code 
_atom_site.Cartn_x 
_atom_site.Cartn_y 
_atom_site.Cartn_z 
_atom_site.occupancy 
_atom_site.B_iso_or_equiv 
_atom_site.pdbx_formal_charge 
_atom_site.auth_seq_id 
_atom_site.auth_comp_id 
_atom_site.auth_asym_id 
_atom_site.auth_atom_id 
_atom_site.pdbx_PDB_model_num 
ATOM   1   N N   . MET A 1 1  ? 10.592  -5.839  31.245  1.00 51.66 ? 1   MET A N   1 
ATOM   2   C CA  . MET A 1 1  ? 10.994  -6.820  30.215  1.00 53.99 ? 1   MET A CA  1 
ATOM   3   C C   . MET A 1 1  ? 9.815   -7.428  29.451  1.00 53.23 ? 1   MET A C   1 
ATOM   4   O O   . MET A 1 1  ? 8.650   -7.132  29.718  1.00 50.66 ? 1   MET A O   1 
ATOM   5   C CB  . MET A 1 1  ? 11.800  -7.949  30.859  1.00 57.73 ? 1   MET A CB  1 
ATOM   6   C CG  . MET A 1 1  ? 11.049  -8.728  31.918  1.00 63.37 ? 1   MET A CG  1 
ATOM   7   S SD  . MET A 1 1  ? 11.926  -10.234 32.550  1.00 72.06 ? 1   MET A SD  1 
ATOM   8   C CE  . MET A 1 1  ? 10.721  -11.632 32.128  1.00 68.69 ? 1   MET A CE  1 
ATOM   9   N N   . ILE A 1 2  ? 10.133  -8.276  28.482  1.00 51.77 ? 2   ILE A N   1 
ATOM   10  C CA  . ILE A 1 2  ? 9.105   -8.960  27.713  1.00 51.42 ? 2   ILE A CA  1 
ATOM   11  C C   . ILE A 1 2  ? 8.637   -10.079 28.628  1.00 51.38 ? 2   ILE A C   1 
ATOM   12  O O   . ILE A 1 2  ? 9.464   -10.835 29.145  1.00 52.30 ? 2   ILE A O   1 
ATOM   13  C CB  . ILE A 1 2  ? 9.701   -9.569  26.438  1.00 51.72 ? 2   ILE A CB  1 
ATOM   14  C CG1 . ILE A 1 2  ? 10.435  -8.486  25.644  1.00 51.98 ? 2   ILE A CG1 1 
ATOM   15  C CG2 . ILE A 1 2  ? 8.637   -10.265 25.650  1.00 50.59 ? 2   ILE A CG2 1 
ATOM   16  C CD1 . ILE A 1 2  ? 9.574   -7.741  24.678  1.00 53.50 ? 2   ILE A CD1 1 
ATOM   17  N N   . ILE A 1 3  ? 7.331   -10.197 28.843  1.00 49.88 ? 3   ILE A N   1 
ATOM   18  C CA  . ILE A 1 3  ? 6.817   -11.224 29.737  1.00 49.64 ? 3   ILE A CA  1 
ATOM   19  C C   . ILE A 1 3  ? 5.820   -12.134 29.089  1.00 48.94 ? 3   ILE A C   1 
ATOM   20  O O   . ILE A 1 3  ? 5.290   -13.036 29.739  1.00 48.13 ? 3   ILE A O   1 
ATOM   21  C CB  . ILE A 1 3  ? 6.122   -10.627 30.985  1.00 49.85 ? 3   ILE A CB  1 
ATOM   22  C CG1 . ILE A 1 3  ? 4.889   -9.818  30.559  1.00 49.85 ? 3   ILE A CG1 1 
ATOM   23  C CG2 . ILE A 1 3  ? 7.102   -9.785  31.770  1.00 49.00 ? 3   ILE A CG2 1 
ATOM   24  C CD1 . ILE A 1 3  ? 4.127   -9.204  31.717  1.00 48.99 ? 3   ILE A CD1 1 
ATOM   25  N N   . ASP A 1 4  ? 5.543   -11.896 27.810  1.00 48.93 ? 4   ASP A N   1 
ATOM   26  C CA  . ASP A 1 4  ? 4.601   -12.736 27.089  1.00 48.09 ? 4   ASP A CA  1 
ATOM   27  C C   . ASP A 1 4  ? 4.578   -12.356 25.612  1.00 47.95 ? 4   ASP A C   1 
ATOM   28  O O   . ASP A 1 4  ? 5.100   -11.313 25.220  1.00 44.22 ? 4   ASP A O   1 
ATOM   29  C CB  . ASP A 1 4  ? 3.212   -12.572 27.677  1.00 50.16 ? 4   ASP A CB  1 
ATOM   30  C CG  . ASP A 1 4  ? 2.313   -13.753 27.377  1.00 53.02 ? 4   ASP A CG  1 
ATOM   31  O OD1 . ASP A 1 4  ? 2.847   -14.847 27.049  1.00 53.41 ? 4   ASP A OD1 1 
ATOM   32  O OD2 . ASP A 1 4  ? 1.072   -13.601 27.488  1.00 54.85 ? 4   ASP A OD2 1 
ATOM   33  N N   . SER A 1 5  ? 3.972   -13.214 24.799  1.00 47.64 ? 5   SER A N   1 
ATOM   34  C CA  . SER A 1 5  ? 3.880   -12.943 23.377  1.00 51.42 ? 5   SER A CA  1 
ATOM   35  C C   . SER A 1 5  ? 2.715   -13.736 22.879  1.00 52.39 ? 5   SER A C   1 
ATOM   36  O O   . SER A 1 5  ? 2.302   -14.710 23.509  1.00 53.65 ? 5   SER A O   1 
ATOM   37  C CB  . SER A 1 5  ? 5.158   -13.364 22.643  1.00 52.46 ? 5   SER A CB  1 
ATOM   38  O OG  . SER A 1 5  ? 5.269   -14.776 22.583  1.00 54.79 ? 5   SER A OG  1 
ATOM   39  N N   . GLN A 1 6  ? 2.140   -13.287 21.774  1.00 52.92 ? 6   GLN A N   1 
ATOM   40  C CA  . GLN A 1 6  ? 1.003   -13.962 21.179  1.00 52.23 ? 6   GLN A CA  1 
ATOM   41  C C   . GLN A 1 6  ? 1.024   -13.612 19.701  1.00 52.06 ? 6   GLN A C   1 
ATOM   42  O O   . GLN A 1 6  ? 1.732   -12.700 19.278  1.00 50.18 ? 6   GLN A O   1 
ATOM   43  C CB  . GLN A 1 6  ? -0.291  -13.505 21.835  1.00 53.74 ? 6   GLN A CB  1 
ATOM   44  C CG  . GLN A 1 6  ? -0.501  -12.015 21.797  1.00 55.11 ? 6   GLN A CG  1 
ATOM   45  C CD  . GLN A 1 6  ? -1.763  -11.594 22.519  1.00 57.25 ? 6   GLN A CD  1 
ATOM   46  O OE1 . GLN A 1 6  ? -2.885  -11.915 22.083  1.00 57.65 ? 6   GLN A OE1 1 
ATOM   47  N NE2 . GLN A 1 6  ? -1.596  -10.865 23.637  1.00 57.40 ? 6   GLN A NE2 1 
ATOM   48  N N   . SER A 1 7  ? 0.262   -14.358 18.918  1.00 52.52 ? 7   SER A N   1 
ATOM   49  C CA  . SER A 1 7  ? 0.215   -14.171 17.476  1.00 53.53 ? 7   SER A CA  1 
ATOM   50  C C   . SER A 1 7  ? -0.816  -13.138 17.092  1.00 52.90 ? 7   SER A C   1 
ATOM   51  O O   . SER A 1 7  ? -1.902  -13.101 17.661  1.00 54.10 ? 7   SER A O   1 
ATOM   52  C CB  . SER A 1 7  ? -0.158  -15.486 16.801  1.00 54.71 ? 7   SER A CB  1 
ATOM   53  O OG  . SER A 1 7  ? -1.557  -15.667 16.948  1.00 57.76 ? 7   SER A OG  1 
ATOM   54  N N   . VAL A 1 8  ? -0.484  -12.294 16.125  1.00 50.94 ? 8   VAL A N   1 
ATOM   55  C CA  . VAL A 1 8  ? -1.438  -11.288 15.651  1.00 49.84 ? 8   VAL A CA  1 
ATOM   56  C C   . VAL A 1 8  ? -1.460  -11.471 14.114  1.00 48.95 ? 8   VAL A C   1 
ATOM   57  O O   . VAL A 1 8  ? -0.571  -12.087 13.547  1.00 49.69 ? 8   VAL A O   1 
ATOM   58  C CB  . VAL A 1 8  ? -0.976  -9.863  16.098  1.00 49.86 ? 8   VAL A CB  1 
ATOM   59  C CG1 . VAL A 1 8  ? 0.447   -9.609  15.664  1.00 49.64 ? 8   VAL A CG1 1 
ATOM   60  C CG2 . VAL A 1 8  ? -1.911  -8.796  15.568  1.00 51.31 ? 8   VAL A CG2 1 
ATOM   61  N N   . VAL A 1 9  ? -2.462  -10.952 13.433  1.00 47.59 ? 9   VAL A N   1 
ATOM   62  C CA  . VAL A 1 9  ? -2.508  -11.157 12.001  1.00 44.83 ? 9   VAL A CA  1 
ATOM   63  C C   . VAL A 1 9  ? -1.833  -10.072 11.174  1.00 43.41 ? 9   VAL A C   1 
ATOM   64  O O   . VAL A 1 9  ? -1.995  -8.890  11.453  1.00 42.08 ? 9   VAL A O   1 
ATOM   65  C CB  . VAL A 1 9  ? -3.976  -11.291 11.543  1.00 45.91 ? 9   VAL A CB  1 
ATOM   66  C CG1 . VAL A 1 9  ? -4.032  -11.584 10.039  1.00 45.26 ? 9   VAL A CG1 1 
ATOM   67  C CG2 . VAL A 1 9  ? -4.655  -12.453 12.338  1.00 44.67 ? 9   VAL A CG2 1 
ATOM   68  N N   . GLN A 1 10 ? -1.069  -10.477 10.162  1.00 41.41 ? 10  GLN A N   1 
ATOM   69  C CA  . GLN A 1 10 ? -0.447  -9.520  9.225   1.00 39.61 ? 10  GLN A CA  1 
ATOM   70  C C   . GLN A 1 10 ? -1.147  -9.820  7.886   1.00 38.36 ? 10  GLN A C   1 
ATOM   71  O O   . GLN A 1 10 ? -1.088  -10.955 7.418   1.00 38.83 ? 10  GLN A O   1 
ATOM   72  C CB  . GLN A 1 10 ? 1.061   -9.773  9.078   1.00 40.38 ? 10  GLN A CB  1 
ATOM   73  C CG  . GLN A 1 10 ? 1.669   -9.066  7.848   1.00 40.24 ? 10  GLN A CG  1 
ATOM   74  C CD  . GLN A 1 10 ? 3.201   -9.232  7.732   1.00 44.00 ? 10  GLN A CD  1 
ATOM   75  O OE1 . GLN A 1 10 ? 3.742   -9.445  6.625   1.00 44.90 ? 10  GLN A OE1 1 
ATOM   76  N NE2 . GLN A 1 10 ? 3.898   -9.108  8.856   1.00 41.45 ? 10  GLN A NE2 1 
ATOM   77  N N   . TYR A 1 11 ? -1.809  -8.838  7.271   1.00 36.05 ? 11  TYR A N   1 
ATOM   78  C CA  . TYR A 1 11 ? -2.528  -9.083  6.032   1.00 36.77 ? 11  TYR A CA  1 
ATOM   79  C C   . TYR A 1 11 ? -1.692  -8.680  4.819   1.00 37.52 ? 11  TYR A C   1 
ATOM   80  O O   . TYR A 1 11 ? -0.839  -7.807  4.945   1.00 36.18 ? 11  TYR A O   1 
ATOM   81  C CB  . TYR A 1 11 ? -3.804  -8.239  5.987   1.00 37.78 ? 11  TYR A CB  1 
ATOM   82  C CG  . TYR A 1 11 ? -4.783  -8.591  7.067   1.00 41.38 ? 11  TYR A CG  1 
ATOM   83  C CD1 . TYR A 1 11 ? -5.694  -9.615  6.876   1.00 42.81 ? 11  TYR A CD1 1 
ATOM   84  C CD2 . TYR A 1 11 ? -4.735  -7.969  8.317   1.00 42.84 ? 11  TYR A CD2 1 
ATOM   85  C CE1 . TYR A 1 11 ? -6.544  -10.036 7.919   1.00 43.80 ? 11  TYR A CE1 1 
ATOM   86  C CE2 . TYR A 1 11 ? -5.584  -8.386  9.359   1.00 43.88 ? 11  TYR A CE2 1 
ATOM   87  C CZ  . TYR A 1 11 ? -6.477  -9.431  9.136   1.00 45.08 ? 11  TYR A CZ  1 
ATOM   88  O OH  . TYR A 1 11 ? -7.274  -9.939  10.156  1.00 46.96 ? 11  TYR A OH  1 
ATOM   89  N N   . THR A 1 12 ? -1.953  -9.323  3.675   1.00 35.44 ? 12  THR A N   1 
ATOM   90  C CA  . THR A 1 12 ? -1.314  -8.946  2.420   1.00 35.41 ? 12  THR A CA  1 
ATOM   91  C C   . THR A 1 12 ? -2.461  -8.340  1.639   1.00 34.37 ? 12  THR A C   1 
ATOM   92  O O   . THR A 1 12 ? -3.451  -9.017  1.309   1.00 36.07 ? 12  THR A O   1 
ATOM   93  C CB  . THR A 1 12 ? -0.754  -10.138 1.673   1.00 35.46 ? 12  THR A CB  1 
ATOM   94  O OG1 . THR A 1 12 ? 0.333   -10.662 2.410   1.00 33.36 ? 12  THR A OG1 1 
ATOM   95  C CG2 . THR A 1 12 ? -0.259  -9.718  0.307   1.00 34.22 ? 12  THR A CG2 1 
ATOM   96  N N   . PHE A 1 13 ? -2.365  -7.049  1.396   1.00 33.38 ? 13  PHE A N   1 
ATOM   97  C CA  . PHE A 1 13 ? -3.396  -6.331  0.683   1.00 33.61 ? 13  PHE A CA  1 
ATOM   98  C C   . PHE A 1 13 ? -2.858  -6.026  -0.716  1.00 35.11 ? 13  PHE A C   1 
ATOM   99  O O   . PHE A 1 13 ? -1.813  -5.391  -0.831  1.00 34.43 ? 13  PHE A O   1 
ATOM   100 C CB  . PHE A 1 13 ? -3.689  -5.021  1.432   1.00 35.97 ? 13  PHE A CB  1 
ATOM   101 C CG  . PHE A 1 13 ? -4.830  -4.247  0.868   1.00 38.80 ? 13  PHE A CG  1 
ATOM   102 C CD1 . PHE A 1 13 ? -4.698  -2.886  0.596   1.00 39.66 ? 13  PHE A CD1 1 
ATOM   103 C CD2 . PHE A 1 13 ? -6.060  -4.870  0.617   1.00 40.41 ? 13  PHE A CD2 1 
ATOM   104 C CE1 . PHE A 1 13 ? -5.753  -2.140  0.083   1.00 41.57 ? 13  PHE A CE1 1 
ATOM   105 C CE2 . PHE A 1 13 ? -7.145  -4.150  0.107   1.00 40.64 ? 13  PHE A CE2 1 
ATOM   106 C CZ  . PHE A 1 13 ? -7.004  -2.766  -0.168  1.00 43.07 ? 13  PHE A CZ  1 
ATOM   107 N N   . LYS A 1 14 ? -3.545  -6.486  -1.761  1.00 32.60 ? 14  LYS A N   1 
ATOM   108 C CA  . LYS A 1 14 ? -3.112  -6.223  -3.131  1.00 33.89 ? 14  LYS A CA  1 
ATOM   109 C C   . LYS A 1 14 ? -3.824  -5.017  -3.635  1.00 34.34 ? 14  LYS A C   1 
ATOM   110 O O   . LYS A 1 14 ? -5.049  -4.931  -3.543  1.00 35.02 ? 14  LYS A O   1 
ATOM   111 C CB  . LYS A 1 14 ? -3.446  -7.405  -4.030  1.00 35.97 ? 14  LYS A CB  1 
ATOM   112 C CG  . LYS A 1 14 ? -3.070  -7.255  -5.511  1.00 35.54 ? 14  LYS A CG  1 
ATOM   113 C CD  . LYS A 1 14 ? -3.223  -8.665  -6.161  1.00 38.45 ? 14  LYS A CD  1 
ATOM   114 C CE  . LYS A 1 14 ? -3.318  -8.589  -7.646  1.00 39.68 ? 14  LYS A CE  1 
ATOM   115 N NZ  . LYS A 1 14 ? -3.760  -9.889  -8.182  1.00 43.53 ? 14  LYS A NZ  1 
ATOM   116 N N   . ILE A 1 15 ? -3.080  -4.051  -4.158  1.00 30.07 ? 15  ILE A N   1 
ATOM   117 C CA  . ILE A 1 15 ? -3.713  -2.878  -4.667  1.00 29.84 ? 15  ILE A CA  1 
ATOM   118 C C   . ILE A 1 15 ? -3.503  -2.976  -6.147  1.00 32.72 ? 15  ILE A C   1 
ATOM   119 O O   . ILE A 1 15 ? -2.424  -2.654  -6.682  1.00 29.16 ? 15  ILE A O   1 
ATOM   120 C CB  . ILE A 1 15 ? -3.111  -1.603  -4.037  1.00 29.24 ? 15  ILE A CB  1 
ATOM   121 C CG1 . ILE A 1 15 ? -3.295  -1.650  -2.524  1.00 30.96 ? 15  ILE A CG1 1 
ATOM   122 C CG2 . ILE A 1 15 ? -3.799  -0.382  -4.579  1.00 26.77 ? 15  ILE A CG2 1 
ATOM   123 C CD1 . ILE A 1 15 ? -2.703  -0.446  -1.778  1.00 32.01 ? 15  ILE A CD1 1 
ATOM   124 N N   . ASP A 1 16 ? -4.528  -3.484  -6.836  1.00 32.63 ? 16  ASP A N   1 
ATOM   125 C CA  . ASP A 1 16 ? -4.438  -3.670  -8.287  1.00 33.47 ? 16  ASP A CA  1 
ATOM   126 C C   . ASP A 1 16 ? -3.892  -2.492  -9.130  1.00 31.95 ? 16  ASP A C   1 
ATOM   127 O O   . ASP A 1 16 ? -2.988  -2.682  -9.972  1.00 32.17 ? 16  ASP A O   1 
ATOM   128 C CB  . ASP A 1 16 ? -5.814  -4.022  -8.858  1.00 36.08 ? 16  ASP A CB  1 
ATOM   129 C CG  . ASP A 1 16 ? -6.394  -5.362  -8.298  1.00 43.64 ? 16  ASP A CG  1 
ATOM   130 O OD1 . ASP A 1 16 ? -5.660  -6.213  -7.696  1.00 45.47 ? 16  ASP A OD1 1 
ATOM   131 O OD2 . ASP A 1 16 ? -7.626  -5.551  -8.507  1.00 45.62 ? 16  ASP A OD2 1 
ATOM   132 N N   . ILE A 1 17 ? -4.453  -1.295  -8.954  1.00 30.72 ? 17  ILE A N   1 
ATOM   133 C CA  . ILE A 1 17 ? -4.010  -0.193  -9.780  1.00 31.20 ? 17  ILE A CA  1 
ATOM   134 C C   . ILE A 1 17 ? -2.523  0.144   -9.558  1.00 31.35 ? 17  ILE A C   1 
ATOM   135 O O   . ILE A 1 17 ? -1.856  0.623   -10.490 1.00 30.96 ? 17  ILE A O   1 
ATOM   136 C CB  . ILE A 1 17 ? -4.889  1.062   -9.601  1.00 31.97 ? 17  ILE A CB  1 
ATOM   137 C CG1 . ILE A 1 17 ? -4.741  1.937   -10.824 1.00 34.35 ? 17  ILE A CG1 1 
ATOM   138 C CG2 . ILE A 1 17 ? -4.512  1.856   -8.325  1.00 34.59 ? 17  ILE A CG2 1 
ATOM   139 C CD1 . ILE A 1 17 ? -5.845  3.030   -10.970 1.00 38.00 ? 17  ILE A CD1 1 
ATOM   140 N N   . LEU A 1 18 ? -2.006  -0.128  -8.359  1.00 29.35 ? 18  LEU A N   1 
ATOM   141 C CA  . LEU A 1 18 ? -0.569  0.175   -8.097  1.00 28.59 ? 18  LEU A CA  1 
ATOM   142 C C   . LEU A 1 18 ? 0.277   -0.902  -8.708  1.00 29.97 ? 18  LEU A C   1 
ATOM   143 O O   . LEU A 1 18 ? 1.374   -0.608  -9.229  1.00 27.08 ? 18  LEU A O   1 
ATOM   144 C CB  . LEU A 1 18 ? -0.242  0.275   -6.595  1.00 27.38 ? 18  LEU A CB  1 
ATOM   145 C CG  . LEU A 1 18 ? -0.623  1.656   -6.017  1.00 26.83 ? 18  LEU A CG  1 
ATOM   146 C CD1 . LEU A 1 18 ? -0.540  1.572   -4.460  1.00 26.65 ? 18  LEU A CD1 1 
ATOM   147 C CD2 . LEU A 1 18 ? 0.291   2.797   -6.594  1.00 29.06 ? 18  LEU A CD2 1 
ATOM   148 N N   . GLU A 1 19 ? -0.200  -2.161  -8.632  1.00 28.35 ? 19  GLU A N   1 
ATOM   149 C CA  . GLU A 1 19 ? 0.556   -3.241  -9.265  1.00 29.25 ? 19  GLU A CA  1 
ATOM   150 C C   . GLU A 1 19 ? 0.644   -2.951  -10.777 1.00 30.13 ? 19  GLU A C   1 
ATOM   151 O O   . GLU A 1 19 ? 1.702   -3.124  -11.391 1.00 28.52 ? 19  GLU A O   1 
ATOM   152 C CB  . GLU A 1 19 ? -0.124  -4.596  -9.078  1.00 29.11 ? 19  GLU A CB  1 
ATOM   153 C CG  . GLU A 1 19 ? 0.549   -5.716  -9.865  1.00 28.87 ? 19  GLU A CG  1 
ATOM   154 C CD  . GLU A 1 19 ? -0.122  -7.065  -9.657  1.00 29.72 ? 19  GLU A CD  1 
ATOM   155 O OE1 . GLU A 1 19 ? -1.387  -7.081  -9.777  1.00 30.48 ? 19  GLU A OE1 1 
ATOM   156 O OE2 . GLU A 1 19 ? 0.597   -8.057  -9.385  1.00 29.06 ? 19  GLU A OE2 1 
ATOM   157 N N   . LYS A 1 20 ? -0.450  -2.508  -11.390 1.00 29.37 ? 20  LYS A N   1 
ATOM   158 C CA  . LYS A 1 20 ? -0.402  -2.198  -12.800 1.00 31.17 ? 20  LYS A CA  1 
ATOM   159 C C   . LYS A 1 20 ? 0.513   -1.003  -13.106 1.00 32.70 ? 20  LYS A C   1 
ATOM   160 O O   . LYS A 1 20 ? 1.137   -0.969  -14.175 1.00 29.59 ? 20  LYS A O   1 
ATOM   161 C CB  . LYS A 1 20 ? -1.793  -1.896  -13.348 1.00 34.14 ? 20  LYS A CB  1 
ATOM   162 C CG  . LYS A 1 20 ? -2.540  -3.132  -13.718 1.00 39.13 ? 20  LYS A CG  1 
ATOM   163 C CD  . LYS A 1 20 ? -4.018  -2.816  -13.919 1.00 44.21 ? 20  LYS A CD  1 
ATOM   164 C CE  . LYS A 1 20 ? -4.655  -3.862  -14.840 1.00 49.66 ? 20  LYS A CE  1 
ATOM   165 N NZ  . LYS A 1 20 ? -4.082  -3.791  -16.265 1.00 51.91 ? 20  LYS A NZ  1 
ATOM   166 N N   . LEU A 1 21 ? 0.520   0.009   -12.230 1.00 29.70 ? 21  LEU A N   1 
ATOM   167 C CA  . LEU A 1 21 ? 1.399   1.159   -12.460 1.00 29.37 ? 21  LEU A CA  1 
ATOM   168 C C   . LEU A 1 21 ? 2.868   0.695   -12.432 1.00 28.60 ? 21  LEU A C   1 
ATOM   169 O O   . LEU A 1 21 ? 3.709   1.145   -13.256 1.00 31.08 ? 21  LEU A O   1 
ATOM   170 C CB  . LEU A 1 21 ? 1.187   2.222   -11.375 1.00 27.69 ? 21  LEU A CB  1 
ATOM   171 C CG  . LEU A 1 21 ? 2.064   3.476   -11.593 1.00 29.00 ? 21  LEU A CG  1 
ATOM   172 C CD1 . LEU A 1 21 ? 1.591   4.192   -12.819 1.00 28.43 ? 21  LEU A CD1 1 
ATOM   173 C CD2 . LEU A 1 21 ? 1.999   4.384   -10.375 1.00 27.26 ? 21  LEU A CD2 1 
ATOM   174 N N   . TYR A 1 22 ? 3.192   -0.183  -11.495 1.00 27.22 ? 22  TYR A N   1 
ATOM   175 C CA  . TYR A 1 22 ? 4.547   -0.694  -11.402 1.00 27.92 ? 22  TYR A CA  1 
ATOM   176 C C   . TYR A 1 22 ? 4.988   -1.347  -12.710 1.00 29.30 ? 22  TYR A C   1 
ATOM   177 O O   . TYR A 1 22 ? 6.171   -1.262  -13.123 1.00 28.16 ? 22  TYR A O   1 
ATOM   178 C CB  . TYR A 1 22 ? 4.670   -1.728  -10.278 1.00 27.30 ? 22  TYR A CB  1 
ATOM   179 C CG  . TYR A 1 22 ? 5.941   -2.554  -10.359 1.00 27.72 ? 22  TYR A CG  1 
ATOM   180 C CD1 . TYR A 1 22 ? 7.185   -2.053  -9.881  1.00 28.01 ? 22  TYR A CD1 1 
ATOM   181 C CD2 . TYR A 1 22 ? 5.933   -3.804  -10.929 1.00 28.96 ? 22  TYR A CD2 1 
ATOM   182 C CE1 . TYR A 1 22 ? 8.364   -2.818  -10.005 1.00 29.88 ? 22  TYR A CE1 1 
ATOM   183 C CE2 . TYR A 1 22 ? 7.104   -4.580  -11.046 1.00 30.24 ? 22  TYR A CE2 1 
ATOM   184 C CZ  . TYR A 1 22 ? 8.323   -4.079  -10.587 1.00 32.49 ? 22  TYR A CZ  1 
ATOM   185 O OH  . TYR A 1 22 ? 9.497   -4.837  -10.732 1.00 32.40 ? 22  TYR A OH  1 
ATOM   186 N N   . LYS A 1 23 ? 4.068   -2.072  -13.344 1.00 28.50 ? 23  LYS A N   1 
ATOM   187 C CA  . LYS A 1 23 ? 4.393   -2.782  -14.594 1.00 28.17 ? 23  LYS A CA  1 
ATOM   188 C C   . LYS A 1 23 ? 4.701   -1.850  -15.763 1.00 27.74 ? 23  LYS A C   1 
ATOM   189 O O   . LYS A 1 23 ? 5.399   -2.209  -16.667 1.00 28.48 ? 23  LYS A O   1 
ATOM   190 C CB  . LYS A 1 23 ? 3.208   -3.693  -15.002 1.00 26.05 ? 23  LYS A CB  1 
ATOM   191 C CG  . LYS A 1 23 ? 2.984   -4.823  -13.961 1.00 27.39 ? 23  LYS A CG  1 
ATOM   192 C CD  . LYS A 1 23 ? 1.660   -5.576  -14.191 1.00 27.44 ? 23  LYS A CD  1 
ATOM   193 C CE  . LYS A 1 23 ? 1.663   -6.454  -15.426 1.00 30.53 ? 23  LYS A CE  1 
ATOM   194 N NZ  . LYS A 1 23 ? 0.245   -6.878  -15.802 1.00 29.89 ? 23  LYS A NZ  1 
ATOM   195 N N   . PHE A 1 24 ? 4.170   -0.645  -15.713 1.00 28.25 ? 24  PHE A N   1 
ATOM   196 C CA  . PHE A 1 24 ? 4.279   0.323   -16.772 1.00 30.00 ? 24  PHE A CA  1 
ATOM   197 C C   . PHE A 1 24 ? 5.249   1.480   -16.417 1.00 30.81 ? 24  PHE A C   1 
ATOM   198 O O   . PHE A 1 24 ? 6.135   1.838   -17.237 1.00 28.04 ? 24  PHE A O   1 
ATOM   199 C CB  . PHE A 1 24 ? 2.814   0.825   -17.014 1.00 32.90 ? 24  PHE A CB  1 
ATOM   200 C CG  . PHE A 1 24 ? 2.693   2.046   -17.813 1.00 32.92 ? 24  PHE A CG  1 
ATOM   201 C CD1 . PHE A 1 24 ? 3.527   2.281   -18.891 1.00 37.40 ? 24  PHE A CD1 1 
ATOM   202 C CD2 . PHE A 1 24 ? 1.721   2.991   -17.481 1.00 35.14 ? 24  PHE A CD2 1 
ATOM   203 C CE1 . PHE A 1 24 ? 3.397   3.472   -19.642 1.00 36.74 ? 24  PHE A CE1 1 
ATOM   204 C CE2 . PHE A 1 24 ? 1.567   4.147   -18.186 1.00 33.00 ? 24  PHE A CE2 1 
ATOM   205 C CZ  . PHE A 1 24 ? 2.392   4.413   -19.270 1.00 36.67 ? 24  PHE A CZ  1 
ATOM   206 N N   . LEU A 1 25 ? 5.116   2.072   -15.224 1.00 26.50 ? 25  LEU A N   1 
ATOM   207 C CA  . LEU A 1 25 ? 6.015   3.221   -14.887 1.00 28.86 ? 25  LEU A CA  1 
ATOM   208 C C   . LEU A 1 25 ? 6.590   2.864   -13.529 1.00 27.76 ? 25  LEU A C   1 
ATOM   209 O O   . LEU A 1 25 ? 6.174   3.414   -12.504 1.00 29.65 ? 25  LEU A O   1 
ATOM   210 C CB  . LEU A 1 25 ? 5.195   4.515   -14.817 1.00 29.15 ? 25  LEU A CB  1 
ATOM   211 C CG  . LEU A 1 25 ? 4.509   5.008   -16.111 1.00 30.64 ? 25  LEU A CG  1 
ATOM   212 C CD1 . LEU A 1 25 ? 3.612   6.169   -15.827 1.00 31.39 ? 25  LEU A CD1 1 
ATOM   213 C CD2 . LEU A 1 25 ? 5.573   5.369   -17.154 1.00 33.08 ? 25  LEU A CD2 1 
ATOM   214 N N   . PRO A 1 26 ? 7.538   1.914   -13.495 1.00 27.15 ? 26  PRO A N   1 
ATOM   215 C CA  . PRO A 1 26 ? 8.094   1.515   -12.203 1.00 27.40 ? 26  PRO A CA  1 
ATOM   216 C C   . PRO A 1 26 ? 8.667   2.600   -11.351 1.00 27.13 ? 26  PRO A C   1 
ATOM   217 O O   . PRO A 1 26 ? 8.532   2.518   -10.146 1.00 26.42 ? 26  PRO A O   1 
ATOM   218 C CB  . PRO A 1 26 ? 9.140   0.430   -12.566 1.00 28.49 ? 26  PRO A CB  1 
ATOM   219 C CG  . PRO A 1 26 ? 9.507   0.790   -14.060 1.00 28.01 ? 26  PRO A CG  1 
ATOM   220 C CD  . PRO A 1 26 ? 8.147   1.143   -14.610 1.00 28.25 ? 26  PRO A CD  1 
ATOM   221 N N   . ASN A 1 27 ? 9.307   3.605   -11.972 1.00 27.21 ? 27  ASN A N   1 
ATOM   222 C CA  . ASN A 1 27 ? 9.935   4.692   -11.173 1.00 26.71 ? 27  ASN A CA  1 
ATOM   223 C C   . ASN A 1 27 ? 8.870   5.573   -10.515 1.00 26.17 ? 27  ASN A C   1 
ATOM   224 O O   . ASN A 1 27 ? 9.033   5.998   -9.371  1.00 26.35 ? 27  ASN A O   1 
ATOM   225 C CB  . ASN A 1 27 ? 10.805  5.578   -12.046 1.00 27.46 ? 27  ASN A CB  1 
ATOM   226 C CG  . ASN A 1 27 ? 11.891  4.798   -12.734 1.00 32.35 ? 27  ASN A CG  1 
ATOM   227 O OD1 . ASN A 1 27 ? 12.593  3.988   -12.101 1.00 33.59 ? 27  ASN A OD1 1 
ATOM   228 N ND2 . ASN A 1 27 ? 12.036  5.023   -14.054 1.00 36.03 ? 27  ASN A ND2 1 
ATOM   229 N N   . LEU A 1 28 ? 7.819   5.855   -11.263 1.00 24.67 ? 28  LEU A N   1 
ATOM   230 C CA  . LEU A 1 28 ? 6.721   6.656   -10.683 1.00 28.28 ? 28  LEU A CA  1 
ATOM   231 C C   . LEU A 1 28 ? 6.117   5.828   -9.577  1.00 26.57 ? 28  LEU A C   1 
ATOM   232 O O   . LEU A 1 28 ? 5.836   6.309   -8.471  1.00 27.46 ? 28  LEU A O   1 
ATOM   233 C CB  . LEU A 1 28 ? 5.699   6.959   -11.767 1.00 26.79 ? 28  LEU A CB  1 
ATOM   234 C CG  . LEU A 1 28 ? 4.503   7.775   -11.288 1.00 29.26 ? 28  LEU A CG  1 
ATOM   235 C CD1 . LEU A 1 28 ? 4.980   9.065   -10.671 1.00 29.89 ? 28  LEU A CD1 1 
ATOM   236 C CD2 . LEU A 1 28 ? 3.587   8.044   -12.483 1.00 29.27 ? 28  LEU A CD2 1 
ATOM   237 N N   . TYR A 1 29 ? 5.945   4.542   -9.846  1.00 28.11 ? 29  TYR A N   1 
ATOM   238 C CA  . TYR A 1 29 ? 5.389   3.660   -8.840  1.00 26.58 ? 29  TYR A CA  1 
ATOM   239 C C   . TYR A 1 29 ? 6.205   3.772   -7.530  1.00 28.19 ? 29  TYR A C   1 
ATOM   240 O O   . TYR A 1 29 ? 5.667   3.848   -6.389  1.00 26.30 ? 29  TYR A O   1 
ATOM   241 C CB  . TYR A 1 29 ? 5.457   2.238   -9.343  1.00 27.09 ? 29  TYR A CB  1 
ATOM   242 C CG  . TYR A 1 29 ? 5.259   1.248   -8.237  1.00 25.79 ? 29  TYR A CG  1 
ATOM   243 C CD1 . TYR A 1 29 ? 3.964   0.868   -7.824  1.00 26.59 ? 29  TYR A CD1 1 
ATOM   244 C CD2 . TYR A 1 29 ? 6.339   0.707   -7.593  1.00 25.56 ? 29  TYR A CD2 1 
ATOM   245 C CE1 . TYR A 1 29 ? 3.781   -0.027  -6.787  1.00 27.40 ? 29  TYR A CE1 1 
ATOM   246 C CE2 . TYR A 1 29 ? 6.196   -0.205  -6.545  1.00 27.05 ? 29  TYR A CE2 1 
ATOM   247 C CZ  . TYR A 1 29 ? 4.904   -0.578  -6.131  1.00 27.10 ? 29  TYR A CZ  1 
ATOM   248 O OH  . TYR A 1 29 ? 4.805   -1.462  -5.092  1.00 28.36 ? 29  TYR A OH  1 
ATOM   249 N N   . HIS A 1 30 ? 7.515   3.746   -7.671  1.00 27.96 ? 30  HIS A N   1 
ATOM   250 C CA  . HIS A 1 30 ? 8.354   3.798   -6.477  1.00 29.55 ? 30  HIS A CA  1 
ATOM   251 C C   . HIS A 1 30 ? 8.139   5.072   -5.673  1.00 29.42 ? 30  HIS A C   1 
ATOM   252 O O   . HIS A 1 30 ? 8.046   5.027   -4.424  1.00 28.99 ? 30  HIS A O   1 
ATOM   253 C CB  . HIS A 1 30 ? 9.852   3.660   -6.854  1.00 33.07 ? 30  HIS A CB  1 
ATOM   254 C CG  . HIS A 1 30 ? 10.773  3.826   -5.671  1.00 33.74 ? 30  HIS A CG  1 
ATOM   255 N ND1 . HIS A 1 30 ? 11.188  2.765   -4.891  1.00 37.69 ? 30  HIS A ND1 1 
ATOM   256 C CD2 . HIS A 1 30 ? 11.286  4.941   -5.090  1.00 36.41 ? 30  HIS A CD2 1 
ATOM   257 C CE1 . HIS A 1 30 ? 11.922  3.215   -3.878  1.00 37.97 ? 30  HIS A CE1 1 
ATOM   258 N NE2 . HIS A 1 30 ? 11.993  4.537   -3.978  1.00 38.16 ? 30  HIS A NE2 1 
ATOM   259 N N   . SER A 1 31 ? 8.036   6.190   -6.376  1.00 31.12 ? 31  SER A N   1 
ATOM   260 C CA  . SER A 1 31 ? 7.804   7.518   -5.751  1.00 33.65 ? 31  SER A CA  1 
ATOM   261 C C   . SER A 1 31 ? 6.456   7.509   -5.057  1.00 33.75 ? 31  SER A C   1 
ATOM   262 O O   . SER A 1 31 ? 6.329   7.849   -3.867  1.00 35.32 ? 31  SER A O   1 
ATOM   263 C CB  . SER A 1 31 ? 7.726   8.632   -6.808  1.00 35.24 ? 31  SER A CB  1 
ATOM   264 O OG  . SER A 1 31 ? 8.899   8.643   -7.588  1.00 40.74 ? 31  SER A OG  1 
ATOM   265 N N   . ILE A 1 32 ? 5.426   7.090   -5.773  1.00 31.48 ? 32  ILE A N   1 
ATOM   266 C CA  . ILE A 1 32 ? 4.107   7.123   -5.128  1.00 30.91 ? 32  ILE A CA  1 
ATOM   267 C C   . ILE A 1 32 ? 3.985   6.185   -3.955  1.00 31.97 ? 32  ILE A C   1 
ATOM   268 O O   . ILE A 1 32 ? 3.478   6.560   -2.887  1.00 30.89 ? 32  ILE A O   1 
ATOM   269 C CB  . ILE A 1 32 ? 3.006   6.810   -6.139  1.00 31.69 ? 32  ILE A CB  1 
ATOM   270 C CG1 . ILE A 1 32 ? 2.910   7.976   -7.149  1.00 30.72 ? 32  ILE A CG1 1 
ATOM   271 C CG2 . ILE A 1 32 ? 1.717   6.486   -5.382  1.00 32.14 ? 32  ILE A CG2 1 
ATOM   272 C CD1 . ILE A 1 32 ? 2.062   7.691   -8.392  1.00 31.80 ? 32  ILE A CD1 1 
ATOM   273 N N   . VAL A 1 33 ? 4.510   4.970   -4.086  1.00 29.40 ? 33  VAL A N   1 
ATOM   274 C CA  . VAL A 1 33 ? 4.358   4.062   -2.993  1.00 31.69 ? 33  VAL A CA  1 
ATOM   275 C C   . VAL A 1 33 ? 5.098   4.505   -1.745  1.00 33.55 ? 33  VAL A C   1 
ATOM   276 O O   . VAL A 1 33 ? 4.659   4.251   -0.601  1.00 30.26 ? 33  VAL A O   1 
ATOM   277 C CB  . VAL A 1 33 ? 4.804   2.668   -3.414  1.00 35.01 ? 33  VAL A CB  1 
ATOM   278 C CG1 . VAL A 1 33 ? 5.178   1.868   -2.244  1.00 38.85 ? 33  VAL A CG1 1 
ATOM   279 C CG2 . VAL A 1 33 ? 3.680   2.034   -4.154  1.00 34.30 ? 33  VAL A CG2 1 
ATOM   280 N N   . ASN A 1 34 ? 6.220   5.187   -1.939  1.00 31.96 ? 34  ASN A N   1 
ATOM   281 C CA  . ASN A 1 34 ? 6.946   5.575   -0.736  1.00 34.06 ? 34  ASN A CA  1 
ATOM   282 C C   . ASN A 1 34 ? 6.290   6.805   -0.030  1.00 34.10 ? 34  ASN A C   1 
ATOM   283 O O   . ASN A 1 34 ? 6.379   6.917   1.189   1.00 33.26 ? 34  ASN A O   1 
ATOM   284 C CB  . ASN A 1 34 ? 8.431   5.748   -1.076  1.00 34.68 ? 34  ASN A CB  1 
ATOM   285 C CG  . ASN A 1 34 ? 9.169   4.373   -1.141  1.00 35.84 ? 34  ASN A CG  1 
ATOM   286 O OD1 . ASN A 1 34 ? 9.575   3.815   -0.081  1.00 36.81 ? 34  ASN A OD1 1 
ATOM   287 N ND2 . ASN A 1 34 ? 9.275   3.783   -2.364  1.00 35.99 ? 34  ASN A ND2 1 
ATOM   288 N N   . GLU A 1 35 ? 5.651   7.695   -0.794  1.00 33.60 ? 35  GLU A N   1 
ATOM   289 C CA  . GLU A 1 35 ? 4.946   8.825   -0.194  1.00 34.54 ? 35  GLU A CA  1 
ATOM   290 C C   . GLU A 1 35 ? 3.672   8.281   0.433   1.00 34.86 ? 35  GLU A C   1 
ATOM   291 O O   . GLU A 1 35 ? 3.277   8.708   1.522   1.00 35.54 ? 35  GLU A O   1 
ATOM   292 C CB  . GLU A 1 35 ? 4.577   9.886   -1.215  1.00 35.43 ? 35  GLU A CB  1 
ATOM   293 C CG  . GLU A 1 35 ? 3.797   11.032  -0.578  1.00 40.25 ? 35  GLU A CG  1 
ATOM   294 C CD  . GLU A 1 35 ? 3.345   12.110  -1.562  1.00 46.76 ? 35  GLU A CD  1 
ATOM   295 O OE1 . GLU A 1 35 ? 4.039   13.140  -1.634  1.00 50.07 ? 35  GLU A OE1 1 
ATOM   296 O OE2 . GLU A 1 35 ? 2.295   11.962  -2.270  1.00 50.36 ? 35  GLU A OE2 1 
ATOM   297 N N   . LEU A 1 36 ? 3.058   7.290   -0.220  1.00 33.75 ? 36  LEU A N   1 
ATOM   298 C CA  . LEU A 1 36 ? 1.841   6.707   0.308   1.00 33.92 ? 36  LEU A CA  1 
ATOM   299 C C   . LEU A 1 36 ? 2.054   6.112   1.698   1.00 33.14 ? 36  LEU A C   1 
ATOM   300 O O   . LEU A 1 36 ? 1.291   6.390   2.671   1.00 33.34 ? 36  LEU A O   1 
ATOM   301 C CB  . LEU A 1 36 ? 1.297   5.648   -0.664  1.00 35.10 ? 36  LEU A CB  1 
ATOM   302 C CG  . LEU A 1 36 ? 0.132   4.791   -0.158  1.00 35.07 ? 36  LEU A CG  1 
ATOM   303 C CD1 . LEU A 1 36 ? -1.113  5.667   -0.062  1.00 36.84 ? 36  LEU A CD1 1 
ATOM   304 C CD2 . LEU A 1 36 ? -0.131  3.628   -1.176  1.00 34.22 ? 36  LEU A CD2 1 
ATOM   305 N N   . VAL A 1 37 ? 3.081   5.291   1.822   1.00 29.85 ? 37  VAL A N   1 
ATOM   306 C CA  . VAL A 1 37 ? 3.408   4.641   3.075   1.00 29.24 ? 37  VAL A CA  1 
ATOM   307 C C   . VAL A 1 37 ? 3.798   5.678   4.119   1.00 32.28 ? 37  VAL A C   1 
ATOM   308 O O   . VAL A 1 37 ? 3.438   5.581   5.283   1.00 32.06 ? 37  VAL A O   1 
ATOM   309 C CB  . VAL A 1 37 ? 4.588   3.634   2.857   1.00 29.40 ? 37  VAL A CB  1 
ATOM   310 C CG1 . VAL A 1 37 ? 5.135   3.157   4.180   1.00 30.32 ? 37  VAL A CG1 1 
ATOM   311 C CG2 . VAL A 1 37 ? 4.031   2.403   2.045   1.00 30.44 ? 37  VAL A CG2 1 
ATOM   312 N N   . GLU A 1 38 ? 4.529   6.691   3.705   1.00 33.40 ? 38  GLU A N   1 
ATOM   313 C CA  . GLU A 1 38 ? 4.950   7.681   4.687   1.00 35.47 ? 38  GLU A CA  1 
ATOM   314 C C   . GLU A 1 38 ? 3.747   8.469   5.219   1.00 35.27 ? 38  GLU A C   1 
ATOM   315 O O   . GLU A 1 38 ? 3.622   8.668   6.438   1.00 34.94 ? 38  GLU A O   1 
ATOM   316 C CB  . GLU A 1 38 ? 5.947   8.632   4.050   1.00 37.91 ? 38  GLU A CB  1 
ATOM   317 C CG  . GLU A 1 38 ? 6.400   9.720   5.004   1.00 43.15 ? 38  GLU A CG  1 
ATOM   318 C CD  . GLU A 1 38 ? 7.437   10.563  4.340   1.00 46.80 ? 38  GLU A CD  1 
ATOM   319 O OE1 . GLU A 1 38 ? 8.493   9.996   3.961   1.00 44.85 ? 38  GLU A OE1 1 
ATOM   320 O OE2 . GLU A 1 38 ? 7.173   11.773  4.159   1.00 49.70 ? 38  GLU A OE2 1 
ATOM   321 N N   . GLU A 1 39 ? 2.874   8.904   4.316   1.00 34.36 ? 39  GLU A N   1 
ATOM   322 C CA  . GLU A 1 39 ? 1.703   9.671   4.720   1.00 36.79 ? 39  GLU A CA  1 
ATOM   323 C C   . GLU A 1 39 ? 0.735   8.851   5.537   1.00 35.18 ? 39  GLU A C   1 
ATOM   324 O O   . GLU A 1 39 ? 0.141   9.391   6.476   1.00 35.40 ? 39  GLU A O   1 
ATOM   325 C CB  . GLU A 1 39 ? 0.971   10.312  3.521   1.00 39.11 ? 39  GLU A CB  1 
ATOM   326 C CG  . GLU A 1 39 ? 1.700   11.559  3.002   1.00 46.79 ? 39  GLU A CG  1 
ATOM   327 C CD  . GLU A 1 39 ? 0.929   12.349  1.907   1.00 50.56 ? 39  GLU A CD  1 
ATOM   328 O OE1 . GLU A 1 39 ? 1.503   13.379  1.413   1.00 51.55 ? 39  GLU A OE1 1 
ATOM   329 O OE2 . GLU A 1 39 ? -0.219  11.934  1.543   1.00 49.08 ? 39  GLU A OE2 1 
ATOM   330 N N   . LEU A 1 40 ? 0.553   7.577   5.205   1.00 33.96 ? 40  LEU A N   1 
ATOM   331 C CA  . LEU A 1 40 ? -0.359  6.740   5.991   1.00 35.15 ? 40  LEU A CA  1 
ATOM   332 C C   . LEU A 1 40 ? 0.177   6.609   7.415   1.00 37.34 ? 40  LEU A C   1 
ATOM   333 O O   . LEU A 1 40 ? -0.590  6.626   8.384   1.00 37.62 ? 40  LEU A O   1 
ATOM   334 C CB  . LEU A 1 40 ? -0.538  5.354   5.367   1.00 33.57 ? 40  LEU A CB  1 
ATOM   335 C CG  . LEU A 1 40 ? -1.417  5.343   4.086   1.00 34.26 ? 40  LEU A CG  1 
ATOM   336 C CD1 . LEU A 1 40 ? -1.234  3.995   3.343   1.00 32.38 ? 40  LEU A CD1 1 
ATOM   337 C CD2 . LEU A 1 40 ? -2.933  5.574   4.449   1.00 33.21 ? 40  LEU A CD2 1 
ATOM   338 N N   . HIS A 1 41 ? 1.486   6.482   7.554   1.00 37.26 ? 41  HIS A N   1 
ATOM   339 C CA  . HIS A 1 41 ? 2.071   6.386   8.878   1.00 39.97 ? 41  HIS A CA  1 
ATOM   340 C C   . HIS A 1 41 ? 2.023   7.714   9.623   1.00 40.66 ? 41  HIS A C   1 
ATOM   341 O O   . HIS A 1 41 ? 1.871   7.740   10.846  1.00 39.72 ? 41  HIS A O   1 
ATOM   342 C CB  . HIS A 1 41 ? 3.521   5.909   8.792   1.00 41.13 ? 41  HIS A CB  1 
ATOM   343 C CG  . HIS A 1 41 ? 3.635   4.439   8.567   1.00 43.76 ? 41  HIS A CG  1 
ATOM   344 N ND1 . HIS A 1 41 ? 4.714   3.857   7.932   1.00 43.80 ? 41  HIS A ND1 1 
ATOM   345 C CD2 . HIS A 1 41 ? 2.800   3.426   8.908   1.00 45.10 ? 41  HIS A CD2 1 
ATOM   346 C CE1 . HIS A 1 41 ? 4.539   2.545   7.898   1.00 44.88 ? 41  HIS A CE1 1 
ATOM   347 N NE2 . HIS A 1 41 ? 3.387   2.256   8.486   1.00 45.67 ? 41  HIS A NE2 1 
ATOM   348 N N   . LEU A 1 42 ? 2.146   8.818   8.913   1.00 39.97 ? 42  LEU A N   1 
ATOM   349 C CA  . LEU A 1 42 ? 2.152   10.080  9.627   1.00 43.63 ? 42  LEU A CA  1 
ATOM   350 C C   . LEU A 1 42 ? 0.773   10.455  10.140  1.00 44.05 ? 42  LEU A C   1 
ATOM   351 O O   . LEU A 1 42 ? 0.647   11.016  11.224  1.00 44.37 ? 42  LEU A O   1 
ATOM   352 C CB  . LEU A 1 42 ? 2.736   11.204  8.750   1.00 46.48 ? 42  LEU A CB  1 
ATOM   353 C CG  . LEU A 1 42 ? 4.269   11.160  8.556   1.00 49.23 ? 42  LEU A CG  1 
ATOM   354 C CD1 . LEU A 1 42 ? 4.727   12.251  7.582   1.00 51.63 ? 42  LEU A CD1 1 
ATOM   355 C CD2 . LEU A 1 42 ? 4.999   11.358  9.912   1.00 50.29 ? 42  LEU A CD2 1 
ATOM   356 N N   . GLU A 1 43 ? -0.257  10.069  9.401   1.00 44.73 ? 43  GLU A N   1 
ATOM   357 C CA  . GLU A 1 43 ? -1.640  10.425  9.735   1.00 45.50 ? 43  GLU A CA  1 
ATOM   358 C C   . GLU A 1 43 ? -2.493  9.375   10.377  1.00 44.90 ? 43  GLU A C   1 
ATOM   359 O O   . GLU A 1 43 ? -3.687  9.585   10.601  1.00 45.00 ? 43  GLU A O   1 
ATOM   360 C CB  . GLU A 1 43 ? -2.286  10.910  8.461   1.00 47.44 ? 43  GLU A CB  1 
ATOM   361 C CG  . GLU A 1 43 ? -1.247  11.695  7.727   1.00 52.16 ? 43  GLU A CG  1 
ATOM   362 C CD  . GLU A 1 43 ? -1.763  12.960  7.162   1.00 56.43 ? 43  GLU A CD  1 
ATOM   363 O OE1 . GLU A 1 43 ? -2.255  12.901  6.001   1.00 57.29 ? 43  GLU A OE1 1 
ATOM   364 O OE2 . GLU A 1 43 ? -1.689  13.994  7.896   1.00 57.72 ? 43  GLU A OE2 1 
ATOM   365 N N   . ASN A 1 44 ? -1.902  8.233   10.683  1.00 43.37 ? 44  ASN A N   1 
ATOM   366 C CA  . ASN A 1 44 ? -2.695  7.181   11.267  1.00 42.86 ? 44  ASN A CA  1 
ATOM   367 C C   . ASN A 1 44 ? -1.828  6.476   12.245  1.00 44.43 ? 44  ASN A C   1 
ATOM   368 O O   . ASN A 1 44 ? -0.705  6.076   11.909  1.00 45.20 ? 44  ASN A O   1 
ATOM   369 C CB  . ASN A 1 44 ? -3.141  6.210   10.180  1.00 42.63 ? 44  ASN A CB  1 
ATOM   370 C CG  . ASN A 1 44 ? -4.035  6.864   9.169   1.00 43.63 ? 44  ASN A CG  1 
ATOM   371 O OD1 . ASN A 1 44 ? -5.261  6.950   9.371   1.00 44.49 ? 44  ASN A OD1 1 
ATOM   372 N ND2 . ASN A 1 44 ? -3.437  7.359   8.074   1.00 41.26 ? 44  ASN A ND2 1 
ATOM   373 N N   . ASN A 1 45 ? -2.340  6.270   13.454  1.00 42.72 ? 45  ASN A N   1 
ATOM   374 C CA  . ASN A 1 45 ? -1.525  5.637   14.464  1.00 42.01 ? 45  ASN A CA  1 
ATOM   375 C C   . ASN A 1 45 ? -1.948  4.252   14.827  1.00 39.04 ? 45  ASN A C   1 
ATOM   376 O O   . ASN A 1 45 ? -1.324  3.665   15.687  1.00 39.92 ? 45  ASN A O   1 
ATOM   377 C CB  . ASN A 1 45 ? -1.520  6.494   15.732  1.00 45.26 ? 45  ASN A CB  1 
ATOM   378 C CG  . ASN A 1 45 ? -2.936  6.777   16.221  1.00 50.66 ? 45  ASN A CG  1 
ATOM   379 O OD1 . ASN A 1 45 ? -3.818  5.875   16.184  1.00 51.20 ? 45  ASN A OD1 1 
ATOM   380 N ND2 . ASN A 1 45 ? -3.179  8.018   16.673  1.00 52.09 ? 45  ASN A ND2 1 
ATOM   381 N N   . ASP A 1 46 ? -2.953  3.712   14.153  1.00 38.47 ? 46  ASP A N   1 
ATOM   382 C CA  . ASP A 1 46 ? -3.489  2.388   14.476  1.00 39.03 ? 46  ASP A CA  1 
ATOM   383 C C   . ASP A 1 46 ? -3.222  1.209   13.514  1.00 38.35 ? 46  ASP A C   1 
ATOM   384 O O   . ASP A 1 46 ? -3.926  0.183   13.534  1.00 35.55 ? 46  ASP A O   1 
ATOM   385 C CB  . ASP A 1 46 ? -5.011  2.514   14.739  1.00 42.69 ? 46  ASP A CB  1 
ATOM   386 C CG  . ASP A 1 46 ? -5.738  3.315   13.640  1.00 48.29 ? 46  ASP A CG  1 
ATOM   387 O OD1 . ASP A 1 46 ? -5.098  3.635   12.597  1.00 47.72 ? 46  ASP A OD1 1 
ATOM   388 O OD2 . ASP A 1 46 ? -6.956  3.618   13.807  1.00 48.39 ? 46  ASP A OD2 1 
ATOM   389 N N   . PHE A 1 47 ? -2.201  1.341   12.650  1.00 34.64 ? 47  PHE A N   1 
ATOM   390 C CA  . PHE A 1 47 ? -1.868  0.219   11.791  1.00 32.42 ? 47  PHE A CA  1 
ATOM   391 C C   . PHE A 1 47 ? -0.483  0.460   11.190  1.00 31.20 ? 47  PHE A C   1 
ATOM   392 O O   . PHE A 1 47 ? -0.011  1.596   11.157  1.00 29.03 ? 47  PHE A O   1 
ATOM   393 C CB  . PHE A 1 47 ? -2.908  -0.006  10.677  1.00 32.24 ? 47  PHE A CB  1 
ATOM   394 C CG  . PHE A 1 47 ? -2.980  1.084   9.649   1.00 34.31 ? 47  PHE A CG  1 
ATOM   395 C CD1 . PHE A 1 47 ? -2.126  1.093   8.534   1.00 33.65 ? 47  PHE A CD1 1 
ATOM   396 C CD2 . PHE A 1 47 ? -3.928  2.071   9.755   1.00 33.98 ? 47  PHE A CD2 1 
ATOM   397 C CE1 . PHE A 1 47 ? -2.234  2.066   7.566   1.00 36.07 ? 47  PHE A CE1 1 
ATOM   398 C CE2 . PHE A 1 47 ? -4.051  3.079   8.763   1.00 37.82 ? 47  PHE A CE2 1 
ATOM   399 C CZ  . PHE A 1 47 ? -3.192  3.075   7.662   1.00 36.05 ? 47  PHE A CZ  1 
ATOM   400 N N   . LEU A 1 48 ? 0.170   -0.629  10.821  1.00 30.25 ? 48  LEU A N   1 
ATOM   401 C CA  . LEU A 1 48 ? 1.508   -0.541  10.169  1.00 28.75 ? 48  LEU A CA  1 
ATOM   402 C C   . LEU A 1 48 ? 1.259   -0.952  8.733   1.00 29.02 ? 48  LEU A C   1 
ATOM   403 O O   . LEU A 1 48 ? 0.368   -1.782  8.452   1.00 28.91 ? 48  LEU A O   1 
ATOM   404 C CB  . LEU A 1 48 ? 2.479   -1.541  10.792  1.00 28.72 ? 48  LEU A CB  1 
ATOM   405 C CG  . LEU A 1 48 ? 2.920   -1.287  12.222  1.00 29.25 ? 48  LEU A CG  1 
ATOM   406 C CD1 . LEU A 1 48 ? 3.711   -2.529  12.718  1.00 28.07 ? 48  LEU A CD1 1 
ATOM   407 C CD2 . LEU A 1 48 ? 3.802   -0.006  12.283  1.00 28.79 ? 48  LEU A CD2 1 
ATOM   408 N N   . ILE A 1 49 ? 2.027   -0.397  7.794   1.00 28.51 ? 49  ILE A N   1 
ATOM   409 C CA  . ILE A 1 49 ? 1.857   -0.808  6.407   1.00 25.87 ? 49  ILE A CA  1 
ATOM   410 C C   . ILE A 1 49 ? 3.237   -0.701  5.777   1.00 27.89 ? 49  ILE A C   1 
ATOM   411 O O   . ILE A 1 49 ? 4.075   0.115   6.221   1.00 26.58 ? 49  ILE A O   1 
ATOM   412 C CB  . ILE A 1 49 ? 0.878   0.093   5.659   1.00 27.92 ? 49  ILE A CB  1 
ATOM   413 C CG1 . ILE A 1 49 ? 0.685   -0.442  4.242   1.00 27.44 ? 49  ILE A CG1 1 
ATOM   414 C CG2 . ILE A 1 49 ? 1.356   1.548   5.695   1.00 26.02 ? 49  ILE A CG2 1 
ATOM   415 C CD1 . ILE A 1 49 ? -0.312  0.348   3.435   1.00 29.93 ? 49  ILE A CD1 1 
ATOM   416 N N   . GLY A 1 50 ? 3.499   -1.530  4.775   1.00 30.13 ? 50  GLY A N   1 
ATOM   417 C CA  . GLY A 1 50 ? 4.808   -1.438  4.139   1.00 30.16 ? 50  GLY A CA  1 
ATOM   418 C C   . GLY A 1 50 ? 4.805   -2.277  2.872   1.00 31.98 ? 50  GLY A C   1 
ATOM   419 O O   . GLY A 1 50 ? 3.937   -3.142  2.640   1.00 28.96 ? 50  GLY A O   1 
ATOM   420 N N   . THR A 1 51 ? 5.798   -2.018  2.019   1.00 31.25 ? 51  THR A N   1 
ATOM   421 C CA  . THR A 1 51 ? 5.917   -2.797  0.791   1.00 31.57 ? 51  THR A CA  1 
ATOM   422 C C   . THR A 1 51 ? 6.728   -4.035  1.161   1.00 30.76 ? 51  THR A C   1 
ATOM   423 O O   . THR A 1 51 ? 7.330   -4.124  2.238   1.00 30.08 ? 51  THR A O   1 
ATOM   424 C CB  . THR A 1 51 ? 6.746   -1.991  -0.260  1.00 31.67 ? 51  THR A CB  1 
ATOM   425 O OG1 . THR A 1 51 ? 7.946   -1.553  0.380   1.00 30.01 ? 51  THR A OG1 1 
ATOM   426 C CG2 . THR A 1 51 ? 5.997   -0.765  -0.660  1.00 34.07 ? 51  THR A CG2 1 
ATOM   427 N N   . TYR A 1 52 ? 6.728   -4.994  0.244   1.00 30.15 ? 52  TYR A N   1 
ATOM   428 C CA  . TYR A 1 52 ? 7.518   -6.218  0.370   1.00 29.73 ? 52  TYR A CA  1 
ATOM   429 C C   . TYR A 1 52 ? 8.810   -6.028  -0.465  1.00 30.74 ? 52  TYR A C   1 
ATOM   430 O O   . TYR A 1 52 ? 8.813   -5.238  -1.392  1.00 31.25 ? 52  TYR A O   1 
ATOM   431 C CB  . TYR A 1 52 ? 6.772   -7.375  -0.235  1.00 30.47 ? 52  TYR A CB  1 
ATOM   432 C CG  . TYR A 1 52 ? 5.641   -7.838  0.634   1.00 33.32 ? 52  TYR A CG  1 
ATOM   433 C CD1 . TYR A 1 52 ? 5.868   -8.682  1.738   1.00 35.56 ? 52  TYR A CD1 1 
ATOM   434 C CD2 . TYR A 1 52 ? 4.356   -7.430  0.373   1.00 34.93 ? 52  TYR A CD2 1 
ATOM   435 C CE1 . TYR A 1 52 ? 4.793   -9.108  2.566   1.00 37.31 ? 52  TYR A CE1 1 
ATOM   436 C CE2 . TYR A 1 52 ? 3.290   -7.851  1.180   1.00 36.13 ? 52  TYR A CE2 1 
ATOM   437 C CZ  . TYR A 1 52 ? 3.514   -8.679  2.257   1.00 37.24 ? 52  TYR A CZ  1 
ATOM   438 O OH  . TYR A 1 52 ? 2.437   -9.098  2.999   1.00 41.37 ? 52  TYR A OH  1 
ATOM   439 N N   . LYS A 1 53 ? 9.856   -6.794  -0.157  1.00 31.40 ? 53  LYS A N   1 
ATOM   440 C CA  . LYS A 1 53 ? 11.117  -6.706  -0.892  1.00 34.17 ? 53  LYS A CA  1 
ATOM   441 C C   . LYS A 1 53 ? 11.000  -7.380  -2.275  1.00 32.70 ? 53  LYS A C   1 
ATOM   442 O O   . LYS A 1 53 ? 11.625  -6.946  -3.265  1.00 32.04 ? 53  LYS A O   1 
ATOM   443 C CB  . LYS A 1 53 ? 12.230  -7.385  -0.068  1.00 37.15 ? 53  LYS A CB  1 
ATOM   444 C CG  . LYS A 1 53 ? 12.654  -6.570  1.191   1.00 42.93 ? 53  LYS A CG  1 
ATOM   445 C CD  . LYS A 1 53 ? 13.427  -7.505  2.175   1.00 46.18 ? 53  LYS A CD  1 
ATOM   446 C CE  . LYS A 1 53 ? 13.777  -6.829  3.503   1.00 49.34 ? 53  LYS A CE  1 
ATOM   447 N NZ  . LYS A 1 53 ? 14.772  -5.707  3.268   1.00 51.42 ? 53  LYS A NZ  1 
ATOM   448 N N   . ASP A 1 54 ? 10.221  -8.445  -2.341  1.00 29.75 ? 54  ASP A N   1 
ATOM   449 C CA  . ASP A 1 54 ? 10.024  -9.111  -3.625  1.00 29.53 ? 54  ASP A CA  1 
ATOM   450 C C   . ASP A 1 54 ? 9.363   -8.185  -4.632  1.00 29.05 ? 54  ASP A C   1 
ATOM   451 O O   . ASP A 1 54 ? 8.210   -7.691  -4.435  1.00 29.71 ? 54  ASP A O   1 
ATOM   452 C CB  . ASP A 1 54 ? 9.110   -10.349 -3.504  1.00 32.29 ? 54  ASP A CB  1 
ATOM   453 C CG  . ASP A 1 54 ? 9.760   -11.526 -2.775  1.00 34.98 ? 54  ASP A CG  1 
ATOM   454 O OD1 . ASP A 1 54 ? 10.997  -11.581 -2.700  1.00 37.12 ? 54  ASP A OD1 1 
ATOM   455 O OD2 . ASP A 1 54 ? 9.017   -12.427 -2.274  1.00 38.98 ? 54  ASP A OD2 1 
ATOM   456 N N   . LEU A 1 55 ? 10.009  -8.001  -5.776  1.00 26.61 ? 55  LEU A N   1 
ATOM   457 C CA  . LEU A 1 55 ? 9.393   -7.175  -6.796  1.00 27.59 ? 55  LEU A CA  1 
ATOM   458 C C   . LEU A 1 55 ? 8.210   -7.965  -7.360  1.00 25.20 ? 55  LEU A C   1 
ATOM   459 O O   . LEU A 1 55 ? 7.302   -7.387  -7.913  1.00 24.63 ? 55  LEU A O   1 
ATOM   460 C CB  . LEU A 1 55 ? 10.388  -6.888  -7.928  1.00 31.14 ? 55  LEU A CB  1 
ATOM   461 C CG  . LEU A 1 55 ? 11.470  -5.879  -7.500  1.00 34.07 ? 55  LEU A CG  1 
ATOM   462 C CD1 . LEU A 1 55 ? 12.474  -5.691  -8.650  1.00 35.97 ? 55  LEU A CD1 1 
ATOM   463 C CD2 . LEU A 1 55 ? 10.823  -4.574  -7.182  1.00 36.26 ? 55  LEU A CD2 1 
ATOM   464 N N   . SER A 1 56 ? 8.207   -9.281  -7.239  1.00 25.60 ? 56  SER A N   1 
ATOM   465 C CA  . SER A 1 56 ? 7.033   -10.009 -7.813  1.00 26.01 ? 56  SER A CA  1 
ATOM   466 C C   . SER A 1 56 ? 5.733   -9.604  -7.006  1.00 28.73 ? 56  SER A C   1 
ATOM   467 O O   . SER A 1 56 ? 4.596   -9.845  -7.454  1.00 28.42 ? 56  SER A O   1 
ATOM   468 C CB  . SER A 1 56 ? 7.242   -11.529 -7.690  1.00 25.66 ? 56  SER A CB  1 
ATOM   469 O OG  . SER A 1 56 ? 7.602   -11.904 -6.358  1.00 28.29 ? 56  SER A OG  1 
ATOM   470 N N   . LYS A 1 57 ? 5.960   -8.988  -5.845  1.00 27.54 ? 57  LYS A N   1 
ATOM   471 C CA  . LYS A 1 57 ? 4.871   -8.536  -4.992  1.00 29.06 ? 57  LYS A CA  1 
ATOM   472 C C   . LYS A 1 57 ? 4.685   -7.044  -5.058  1.00 29.63 ? 57  LYS A C   1 
ATOM   473 O O   . LYS A 1 57 ? 4.024   -6.463  -4.158  1.00 28.86 ? 57  LYS A O   1 
ATOM   474 C CB  . LYS A 1 57 ? 5.136   -8.931  -3.565  1.00 30.03 ? 57  LYS A CB  1 
ATOM   475 C CG  . LYS A 1 57 ? 5.099   -10.442 -3.346  1.00 31.13 ? 57  LYS A CG  1 
ATOM   476 C CD  . LYS A 1 57 ? 5.447   -10.713 -1.857  1.00 37.23 ? 57  LYS A CD  1 
ATOM   477 C CE  . LYS A 1 57 ? 5.412   -12.224 -1.509  1.00 39.49 ? 57  LYS A CE  1 
ATOM   478 N NZ  . LYS A 1 57 ? 6.085   -13.086 -2.550  1.00 43.65 ? 57  LYS A NZ  1 
ATOM   479 N N   . ALA A 1 58 ? 5.251   -6.401  -6.094  1.00 27.39 ? 58  ALA A N   1 
ATOM   480 C CA  . ALA A 1 58 ? 5.063   -4.953  -6.206  1.00 27.56 ? 58  ALA A CA  1 
ATOM   481 C C   . ALA A 1 58 ? 3.545   -4.712  -6.242  1.00 28.92 ? 58  ALA A C   1 
ATOM   482 O O   . ALA A 1 58 ? 2.801   -5.511  -6.843  1.00 28.37 ? 58  ALA A O   1 
ATOM   483 C CB  . ALA A 1 58 ? 5.722   -4.419  -7.493  1.00 27.87 ? 58  ALA A CB  1 
ATOM   484 N N   . GLY A 1 59 ? 3.081   -3.600  -5.666  1.00 28.75 ? 59  GLY A N   1 
ATOM   485 C CA  . GLY A 1 59 ? 1.642   -3.386  -5.616  1.00 28.96 ? 59  GLY A CA  1 
ATOM   486 C C   . GLY A 1 59 ? 0.942   -4.082  -4.436  1.00 31.69 ? 59  GLY A C   1 
ATOM   487 O O   . GLY A 1 59 ? -0.272  -3.851  -4.211  1.00 30.88 ? 59  GLY A O   1 
ATOM   488 N N   . TYR A 1 60 ? 1.644   -4.955  -3.707  1.00 31.17 ? 60  TYR A N   1 
ATOM   489 C CA  . TYR A 1 60 ? 1.066   -5.617  -2.533  1.00 33.41 ? 60  TYR A CA  1 
ATOM   490 C C   . TYR A 1 60 ? 1.675   -4.946  -1.311  1.00 34.11 ? 60  TYR A C   1 
ATOM   491 O O   . TYR A 1 60 ? 2.844   -4.571  -1.340  1.00 34.37 ? 60  TYR A O   1 
ATOM   492 C CB  . TYR A 1 60 ? 1.464   -7.073  -2.371  1.00 33.83 ? 60  TYR A CB  1 
ATOM   493 C CG  . TYR A 1 60 ? 1.229   -8.035  -3.506  1.00 39.27 ? 60  TYR A CG  1 
ATOM   494 C CD1 . TYR A 1 60 ? 0.622   -7.649  -4.706  1.00 41.87 ? 60  TYR A CD1 1 
ATOM   495 C CD2 . TYR A 1 60 ? 1.619   -9.358  -3.360  1.00 42.15 ? 60  TYR A CD2 1 
ATOM   496 C CE1 . TYR A 1 60 ? 0.412   -8.590  -5.735  1.00 40.94 ? 60  TYR A CE1 1 
ATOM   497 C CE2 . TYR A 1 60 ? 1.414   -10.271 -4.354  1.00 43.15 ? 60  TYR A CE2 1 
ATOM   498 C CZ  . TYR A 1 60 ? 0.813   -9.877  -5.531  1.00 42.05 ? 60  TYR A CZ  1 
ATOM   499 O OH  . TYR A 1 60 ? 0.608   -10.856 -6.466  1.00 45.74 ? 60  TYR A OH  1 
ATOM   500 N N   . PHE A 1 61 ? 0.912   -4.860  -0.222  1.00 32.59 ? 61  PHE A N   1 
ATOM   501 C CA  . PHE A 1 61 ? 1.380   -4.220  1.032   1.00 31.75 ? 61  PHE A CA  1 
ATOM   502 C C   . PHE A 1 61 ? 1.115   -5.116  2.210   1.00 31.05 ? 61  PHE A C   1 
ATOM   503 O O   . PHE A 1 61 ? 0.107   -5.834  2.186   1.00 31.29 ? 61  PHE A O   1 
ATOM   504 C CB  . PHE A 1 61 ? 0.631   -2.912  1.238   1.00 32.84 ? 61  PHE A CB  1 
ATOM   505 C CG  . PHE A 1 61 ? 0.939   -1.917  0.195   1.00 33.50 ? 61  PHE A CG  1 
ATOM   506 C CD1 . PHE A 1 61 ? 1.936   -0.975  0.410   1.00 35.08 ? 61  PHE A CD1 1 
ATOM   507 C CD2 . PHE A 1 61 ? 0.336   -2.005  -1.069  1.00 34.29 ? 61  PHE A CD2 1 
ATOM   508 C CE1 . PHE A 1 61 ? 2.346   -0.132  -0.622  1.00 35.60 ? 61  PHE A CE1 1 
ATOM   509 C CE2 . PHE A 1 61 ? 0.731   -1.176  -2.125  1.00 34.84 ? 61  PHE A CE2 1 
ATOM   510 C CZ  . PHE A 1 61 ? 1.755   -0.228  -1.899  1.00 35.95 ? 61  PHE A CZ  1 
ATOM   511 N N   . TYR A 1 62 ? 2.002   -5.137  3.201   1.00 28.96 ? 62  TYR A N   1 
ATOM   512 C CA  . TYR A 1 62 ? 1.669   -5.923  4.392   1.00 31.07 ? 62  TYR A CA  1 
ATOM   513 C C   . TYR A 1 62 ? 0.876   -4.917  5.217   1.00 32.36 ? 62  TYR A C   1 
ATOM   514 O O   . TYR A 1 62 ? 1.100   -3.697  5.101   1.00 31.36 ? 62  TYR A O   1 
ATOM   515 C CB  . TYR A 1 62 ? 2.888   -6.449  5.162   1.00 29.65 ? 62  TYR A CB  1 
ATOM   516 C CG  . TYR A 1 62 ? 3.868   -5.407  5.696   1.00 31.48 ? 62  TYR A CG  1 
ATOM   517 C CD1 . TYR A 1 62 ? 3.552   -4.641  6.808   1.00 27.98 ? 62  TYR A CD1 1 
ATOM   518 C CD2 . TYR A 1 62 ? 5.115   -5.209  5.079   1.00 28.50 ? 62  TYR A CD2 1 
ATOM   519 C CE1 . TYR A 1 62 ? 4.435   -3.691  7.313   1.00 31.47 ? 62  TYR A CE1 1 
ATOM   520 C CE2 . TYR A 1 62 ? 6.021   -4.257  5.552   1.00 30.20 ? 62  TYR A CE2 1 
ATOM   521 C CZ  . TYR A 1 62 ? 5.676   -3.495  6.676   1.00 32.71 ? 62  TYR A CZ  1 
ATOM   522 O OH  . TYR A 1 62 ? 6.489   -2.521  7.196   1.00 30.56 ? 62  TYR A OH  1 
ATOM   523 N N   . VAL A 1 63 ? -0.086  -5.401  6.010   1.00 32.07 ? 63  VAL A N   1 
ATOM   524 C CA  . VAL A 1 63 ? -0.910  -4.491  6.814   1.00 33.17 ? 63  VAL A CA  1 
ATOM   525 C C   . VAL A 1 63 ? -1.108  -5.179  8.171   1.00 33.00 ? 63  VAL A C   1 
ATOM   526 O O   . VAL A 1 63 ? -1.472  -6.367  8.211   1.00 33.15 ? 63  VAL A O   1 
ATOM   527 C CB  . VAL A 1 63 ? -2.284  -4.260  6.162   1.00 33.80 ? 63  VAL A CB  1 
ATOM   528 C CG1 . VAL A 1 63 ? -3.126  -3.360  7.031   1.00 35.69 ? 63  VAL A CG1 1 
ATOM   529 C CG2 . VAL A 1 63 ? -2.124  -3.583  4.818   1.00 35.09 ? 63  VAL A CG2 1 
ATOM   530 N N   . ILE A 1 64 ? -0.775  -4.473  9.248   1.00 33.63 ? 64  ILE A N   1 
ATOM   531 C CA  . ILE A 1 64 ? -0.924  -4.978  10.604  1.00 34.40 ? 64  ILE A CA  1 
ATOM   532 C C   . ILE A 1 64 ? -1.699  -3.933  11.412  1.00 35.93 ? 64  ILE A C   1 
ATOM   533 O O   . ILE A 1 64 ? -1.169  -2.865  11.759  1.00 37.05 ? 64  ILE A O   1 
ATOM   534 C CB  . ILE A 1 64 ? 0.439   -5.227  11.284  1.00 35.90 ? 64  ILE A CB  1 
ATOM   535 C CG1 . ILE A 1 64 ? 1.270   -6.190  10.437  1.00 35.41 ? 64  ILE A CG1 1 
ATOM   536 C CG2 . ILE A 1 64 ? 0.236   -5.926  12.678  1.00 35.57 ? 64  ILE A CG2 1 
ATOM   537 C CD1 . ILE A 1 64 ? 2.765   -6.165  10.778  1.00 36.41 ? 64  ILE A CD1 1 
ATOM   538 N N   . PRO A 1 65 ? -2.978  -4.223  11.706  1.00 37.09 ? 65  PRO A N   1 
ATOM   539 C CA  . PRO A 1 65 ? -3.847  -3.322  12.476  1.00 36.88 ? 65  PRO A CA  1 
ATOM   540 C C   . PRO A 1 65 ? -3.520  -3.463  13.948  1.00 37.08 ? 65  PRO A C   1 
ATOM   541 O O   . PRO A 1 65 ? -3.076  -4.541  14.384  1.00 36.71 ? 65  PRO A O   1 
ATOM   542 C CB  . PRO A 1 65 ? -5.253  -3.835  12.132  1.00 37.89 ? 65  PRO A CB  1 
ATOM   543 C CG  . PRO A 1 65 ? -5.033  -5.309  12.070  1.00 38.48 ? 65  PRO A CG  1 
ATOM   544 C CD  . PRO A 1 65 ? -3.716  -5.422  11.273  1.00 37.13 ? 65  PRO A CD  1 
ATOM   545 N N   . ALA A 1 66 ? -3.670  -2.366  14.701  1.00 36.47 ? 66  ALA A N   1 
ATOM   546 C CA  . ALA A 1 66 ? -3.388  -2.409  16.151  1.00 38.09 ? 66  ALA A CA  1 
ATOM   547 C C   . ALA A 1 66 ? -4.532  -3.219  16.782  1.00 38.57 ? 66  ALA A C   1 
ATOM   548 O O   . ALA A 1 66 ? -5.591  -3.330  16.181  1.00 39.04 ? 66  ALA A O   1 
ATOM   549 C CB  . ALA A 1 66 ? -3.368  -0.973  16.744  1.00 35.80 ? 66  ALA A CB  1 
ATOM   550 N N   . PRO A 1 67 ? -4.327  -3.787  17.986  1.00 39.40 ? 67  PRO A N   1 
ATOM   551 C CA  . PRO A 1 67 ? -5.408  -4.570  18.610  1.00 40.02 ? 67  PRO A CA  1 
ATOM   552 C C   . PRO A 1 67 ? -6.675  -3.687  18.665  1.00 40.48 ? 67  PRO A C   1 
ATOM   553 O O   . PRO A 1 67 ? -6.607  -2.474  18.935  1.00 40.55 ? 67  PRO A O   1 
ATOM   554 C CB  . PRO A 1 67 ? -4.841  -4.903  20.002  1.00 40.76 ? 67  PRO A CB  1 
ATOM   555 C CG  . PRO A 1 67 ? -3.318  -4.871  19.803  1.00 38.08 ? 67  PRO A CG  1 
ATOM   556 C CD  . PRO A 1 67 ? -3.173  -3.650  18.897  1.00 39.97 ? 67  PRO A CD  1 
ATOM   557 N N   . GLY A 1 68 ? -7.803  -4.266  18.307  1.00 42.26 ? 68  GLY A N   1 
ATOM   558 C CA  . GLY A 1 68 ? -9.041  -3.515  18.349  1.00 44.01 ? 68  GLY A CA  1 
ATOM   559 C C   . GLY A 1 68 ? -9.319  -2.664  17.117  1.00 46.95 ? 68  GLY A C   1 
ATOM   560 O O   . GLY A 1 68 ? -10.371 -1.978  17.053  1.00 44.87 ? 68  GLY A O   1 
ATOM   561 N N   . LYS A 1 69 ? -8.394  -2.668  16.146  1.00 44.90 ? 69  LYS A N   1 
ATOM   562 C CA  . LYS A 1 69 ? -8.630  -1.898  14.937  1.00 44.81 ? 69  LYS A CA  1 
ATOM   563 C C   . LYS A 1 69 ? -9.196  -2.864  13.908  1.00 45.32 ? 69  LYS A C   1 
ATOM   564 O O   . LYS A 1 69 ? -8.674  -3.972  13.715  1.00 46.86 ? 69  LYS A O   1 
ATOM   565 C CB  . LYS A 1 69 ? -7.339  -1.254  14.389  1.00 43.48 ? 69  LYS A CB  1 
ATOM   566 C CG  . LYS A 1 69 ? -7.554  -0.507  13.066  1.00 41.25 ? 69  LYS A CG  1 
ATOM   567 C CD  . LYS A 1 69 ? -8.376  0.798   13.192  1.00 41.22 ? 69  LYS A CD  1 
ATOM   568 C CE  . LYS A 1 69 ? -8.581  1.501   11.856  1.00 39.98 ? 69  LYS A CE  1 
ATOM   569 N NZ  . LYS A 1 69 ? -9.023  2.949   11.935  1.00 42.13 ? 69  LYS A NZ  1 
ATOM   570 N N   . ASN A 1 70 ? -10.255 -2.418  13.240  1.00 46.20 ? 70  ASN A N   1 
ATOM   571 C CA  . ASN A 1 70 ? -10.947 -3.205  12.223  1.00 47.04 ? 70  ASN A CA  1 
ATOM   572 C C   . ASN A 1 70 ? -10.152 -3.196  10.905  1.00 45.17 ? 70  ASN A C   1 
ATOM   573 O O   . ASN A 1 70 ? -10.032 -2.152  10.289  1.00 45.99 ? 70  ASN A O   1 
ATOM   574 C CB  . ASN A 1 70 ? -12.311 -2.576  11.962  1.00 48.96 ? 70  ASN A CB  1 
ATOM   575 C CG  . ASN A 1 70 ? -13.193 -3.452  11.119  1.00 53.68 ? 70  ASN A CG  1 
ATOM   576 O OD1 . ASN A 1 70 ? -12.724 -4.219  10.262  1.00 54.21 ? 70  ASN A OD1 1 
ATOM   577 N ND2 . ASN A 1 70 ? -14.502 -3.340  11.348  1.00 56.66 ? 70  ASN A ND2 1 
ATOM   578 N N   . ILE A 1 71 ? -9.661  -4.340  10.464  1.00 43.61 ? 71  ILE A N   1 
ATOM   579 C CA  . ILE A 1 71 ? -8.877  -4.369  9.225   1.00 44.99 ? 71  ILE A CA  1 
ATOM   580 C C   . ILE A 1 71 ? -9.626  -3.710  8.074   1.00 46.16 ? 71  ILE A C   1 
ATOM   581 O O   . ILE A 1 71 ? -9.055  -2.921  7.339   1.00 45.86 ? 71  ILE A O   1 
ATOM   582 C CB  . ILE A 1 71 ? -8.477  -5.811  8.834   1.00 43.84 ? 71  ILE A CB  1 
ATOM   583 C CG1 . ILE A 1 71 ? -7.513  -5.807  7.621   1.00 44.29 ? 71  ILE A CG1 1 
ATOM   584 C CG2 . ILE A 1 71 ? -9.703  -6.590  8.480   1.00 45.30 ? 71  ILE A CG2 1 
ATOM   585 C CD1 . ILE A 1 71 ? -6.313  -4.903  7.828   1.00 41.13 ? 71  ILE A CD1 1 
ATOM   586 N N   . ASP A 1 72 ? -10.925 -3.976  7.929   1.00 46.42 ? 72  ASP A N   1 
ATOM   587 C CA  . ASP A 1 72 ? -11.648 -3.363  6.814   1.00 46.61 ? 72  ASP A CA  1 
ATOM   588 C C   . ASP A 1 72 ? -11.659 -1.847  6.862   1.00 45.32 ? 72  ASP A C   1 
ATOM   589 O O   . ASP A 1 72 ? -11.690 -1.179  5.804   1.00 45.74 ? 72  ASP A O   1 
ATOM   590 C CB  . ASP A 1 72 ? -13.051 -3.957  6.720   1.00 50.28 ? 72  ASP A CB  1 
ATOM   591 C CG  . ASP A 1 72 ? -12.996 -5.457  6.524   1.00 54.50 ? 72  ASP A CG  1 
ATOM   592 O OD1 . ASP A 1 72 ? -12.301 -5.899  5.576   1.00 55.46 ? 72  ASP A OD1 1 
ATOM   593 O OD2 . ASP A 1 72 ? -13.604 -6.211  7.324   1.00 58.08 ? 72  ASP A OD2 1 
ATOM   594 N N   . ASP A 1 73 ? -11.621 -1.269  8.060   1.00 43.15 ? 73  ASP A N   1 
ATOM   595 C CA  . ASP A 1 73 ? -11.547 0.188   8.099   1.00 42.82 ? 73  ASP A CA  1 
ATOM   596 C C   . ASP A 1 73 ? -10.163 0.653   7.595   1.00 42.27 ? 73  ASP A C   1 
ATOM   597 O O   . ASP A 1 73 ? -10.046 1.724   6.965   1.00 41.90 ? 73  ASP A O   1 
ATOM   598 C CB  . ASP A 1 73 ? -11.763 0.736   9.512   1.00 45.81 ? 73  ASP A CB  1 
ATOM   599 C CG  . ASP A 1 73 ? -13.214 0.520   10.006  1.00 49.35 ? 73  ASP A CG  1 
ATOM   600 O OD1 . ASP A 1 73 ? -14.149 0.654   9.164   1.00 48.73 ? 73  ASP A OD1 1 
ATOM   601 O OD2 . ASP A 1 73 ? -13.384 0.214   11.213  1.00 49.48 ? 73  ASP A OD2 1 
ATOM   602 N N   . VAL A 1 74 ? -9.134  -0.124  7.914   1.00 39.66 ? 74  VAL A N   1 
ATOM   603 C CA  . VAL A 1 74 ? -7.787  0.227   7.480   1.00 40.36 ? 74  VAL A CA  1 
ATOM   604 C C   . VAL A 1 74 ? -7.740  0.224   5.949   1.00 38.22 ? 74  VAL A C   1 
ATOM   605 O O   . VAL A 1 74 ? -7.188  1.136   5.345   1.00 39.53 ? 74  VAL A O   1 
ATOM   606 C CB  . VAL A 1 74 ? -6.705  -0.768  8.009   1.00 40.09 ? 74  VAL A CB  1 
ATOM   607 C CG1 . VAL A 1 74 ? -5.315  -0.393  7.393   1.00 33.66 ? 74  VAL A CG1 1 
ATOM   608 C CG2 . VAL A 1 74 ? -6.622  -0.716  9.584   1.00 39.60 ? 74  VAL A CG2 1 
ATOM   609 N N   . LEU A 1 75 ? -8.349  -0.772  5.319   1.00 39.09 ? 75  LEU A N   1 
ATOM   610 C CA  . LEU A 1 75 ? -8.310  -0.820  3.866   1.00 37.70 ? 75  LEU A CA  1 
ATOM   611 C C   . LEU A 1 75 ? -9.005  0.369   3.248   1.00 39.07 ? 75  LEU A C   1 
ATOM   612 O O   . LEU A 1 75 ? -8.572  0.877   2.244   1.00 37.65 ? 75  LEU A O   1 
ATOM   613 C CB  . LEU A 1 75 ? -8.897  -2.139  3.363   1.00 39.29 ? 75  LEU A CB  1 
ATOM   614 C CG  . LEU A 1 75 ? -8.189  -3.359  4.002   1.00 41.08 ? 75  LEU A CG  1 
ATOM   615 C CD1 . LEU A 1 75 ? -8.808  -4.651  3.466   1.00 42.35 ? 75  LEU A CD1 1 
ATOM   616 C CD2 . LEU A 1 75 ? -6.684  -3.342  3.730   1.00 42.99 ? 75  LEU A CD2 1 
ATOM   617 N N   . LYS A 1 76 ? -10.090 0.847   3.858   1.00 39.59 ? 76  LYS A N   1 
ATOM   618 C CA  . LYS A 1 76 ? -10.797 1.967   3.300   1.00 39.23 ? 76  LYS A CA  1 
ATOM   619 C C   . LYS A 1 76 ? -9.922  3.190   3.348   1.00 38.71 ? 76  LYS A C   1 
ATOM   620 O O   . LYS A 1 76 ? -9.935  4.018   2.434   1.00 39.83 ? 76  LYS A O   1 
ATOM   621 C CB  . LYS A 1 76 ? -12.074 2.281   4.103   1.00 43.43 ? 76  LYS A CB  1 
ATOM   622 C CG  . LYS A 1 76 ? -13.330 1.540   3.681   1.00 48.59 ? 76  LYS A CG  1 
ATOM   623 C CD  . LYS A 1 76 ? -14.514 2.120   4.520   1.00 53.49 ? 76  LYS A CD  1 
ATOM   624 C CE  . LYS A 1 76 ? -15.872 1.469   4.192   1.00 55.96 ? 76  LYS A CE  1 
ATOM   625 N NZ  . LYS A 1 76 ? -16.964 2.035   5.101   1.00 58.54 ? 76  LYS A NZ  1 
ATOM   626 N N   . THR A 1 77 ? -9.207  3.344   4.456   1.00 38.99 ? 77  THR A N   1 
ATOM   627 C CA  . THR A 1 77 ? -8.350  4.495   4.617   1.00 37.32 ? 77  THR A CA  1 
ATOM   628 C C   . THR A 1 77 ? -7.232  4.424   3.551   1.00 36.16 ? 77  THR A C   1 
ATOM   629 O O   . THR A 1 77 ? -6.923  5.409   2.892   1.00 35.89 ? 77  THR A O   1 
ATOM   630 C CB  . THR A 1 77 ? -7.730  4.506   6.019   1.00 39.25 ? 77  THR A CB  1 
ATOM   631 O OG1 . THR A 1 77 ? -8.771  4.635   6.997   1.00 39.82 ? 77  THR A OG1 1 
ATOM   632 C CG2 . THR A 1 77 ? -6.762  5.710   6.187   1.00 38.38 ? 77  THR A CG2 1 
ATOM   633 N N   . ILE A 1 78 ? -6.628  3.255   3.408   1.00 36.15 ? 78  ILE A N   1 
ATOM   634 C CA  . ILE A 1 78 ? -5.546  3.110   2.420   1.00 35.49 ? 78  ILE A CA  1 
ATOM   635 C C   . ILE A 1 78 ? -6.079  3.509   1.035   1.00 35.46 ? 78  ILE A C   1 
ATOM   636 O O   . ILE A 1 78 ? -5.473  4.322   0.336   1.00 35.65 ? 78  ILE A O   1 
ATOM   637 C CB  . ILE A 1 78 ? -5.032  1.658   2.399   1.00 34.55 ? 78  ILE A CB  1 
ATOM   638 C CG1 . ILE A 1 78 ? -4.313  1.330   3.711   1.00 33.42 ? 78  ILE A CG1 1 
ATOM   639 C CG2 . ILE A 1 78 ? -4.053  1.441   1.181   1.00 33.59 ? 78  ILE A CG2 1 
ATOM   640 C CD1 . ILE A 1 78 ? -4.086  -0.145  3.875   1.00 33.86 ? 78  ILE A CD1 1 
ATOM   641 N N   . MET A 1 79 ? -7.245  2.989   0.652   1.00 35.62 ? 79  MET A N   1 
ATOM   642 C CA  . MET A 1 79 ? -7.772  3.314   -0.667  1.00 35.74 ? 79  MET A CA  1 
ATOM   643 C C   . MET A 1 79 ? -8.085  4.760   -0.861  1.00 37.22 ? 79  MET A C   1 
ATOM   644 O O   . MET A 1 79 ? -7.919  5.275   -1.960  1.00 36.90 ? 79  MET A O   1 
ATOM   645 C CB  . MET A 1 79 ? -8.974  2.443   -1.020  1.00 36.75 ? 79  MET A CB  1 
ATOM   646 C CG  . MET A 1 79 ? -8.622  0.967   -1.046  1.00 36.09 ? 79  MET A CG  1 
ATOM   647 S SD  . MET A 1 79 ? -7.174  0.681   -2.247  1.00 38.33 ? 79  MET A SD  1 
ATOM   648 C CE  . MET A 1 79 ? -7.855  1.455   -3.709  1.00 34.80 ? 79  MET A CE  1 
ATOM   649 N N   . ILE A 1 80 ? -8.537  5.455   0.187   1.00 38.82 ? 80  ILE A N   1 
ATOM   650 C CA  . ILE A 1 80 ? -8.793  6.892   0.023   1.00 38.13 ? 80  ILE A CA  1 
ATOM   651 C C   . ILE A 1 80 ? -7.498  7.597   -0.409  1.00 38.13 ? 80  ILE A C   1 
ATOM   652 O O   . ILE A 1 80 ? -7.492  8.457   -1.287  1.00 35.66 ? 80  ILE A O   1 
ATOM   653 C CB  . ILE A 1 80 ? -9.305  7.532   1.357   1.00 39.68 ? 80  ILE A CB  1 
ATOM   654 C CG1 . ILE A 1 80 ? -10.804 7.227   1.516   1.00 40.26 ? 80  ILE A CG1 1 
ATOM   655 C CG2 . ILE A 1 80 ? -9.090  9.038   1.340   1.00 40.19 ? 80  ILE A CG2 1 
ATOM   656 C CD1 . ILE A 1 80 ? -11.319 7.322   2.973   1.00 43.12 ? 80  ILE A CD1 1 
ATOM   657 N N   . TYR A 1 81 ? -6.399  7.255   0.252   1.00 38.55 ? 81  TYR A N   1 
ATOM   658 C CA  . TYR A 1 81 ? -5.108  7.853   -0.101  1.00 37.90 ? 81  TYR A CA  1 
ATOM   659 C C   . TYR A 1 81 ? -4.703  7.430   -1.497  1.00 35.33 ? 81  TYR A C   1 
ATOM   660 O O   . TYR A 1 81 ? -4.228  8.245   -2.258  1.00 34.95 ? 81  TYR A O   1 
ATOM   661 C CB  . TYR A 1 81 ? -4.032  7.411   0.888   1.00 40.86 ? 81  TYR A CB  1 
ATOM   662 C CG  . TYR A 1 81 ? -4.120  8.130   2.200   1.00 45.03 ? 81  TYR A CG  1 
ATOM   663 C CD1 . TYR A 1 81 ? -3.219  9.145   2.518   1.00 48.21 ? 81  TYR A CD1 1 
ATOM   664 C CD2 . TYR A 1 81 ? -5.069  7.752   3.157   1.00 46.41 ? 81  TYR A CD2 1 
ATOM   665 C CE1 . TYR A 1 81 ? -3.242  9.772   3.777   1.00 50.57 ? 81  TYR A CE1 1 
ATOM   666 C CE2 . TYR A 1 81 ? -5.112  8.360   4.404   1.00 48.98 ? 81  TYR A CE2 1 
ATOM   667 C CZ  . TYR A 1 81 ? -4.195  9.365   4.713   1.00 50.37 ? 81  TYR A CZ  1 
ATOM   668 O OH  . TYR A 1 81 ? -4.194  9.926   5.968   1.00 52.41 ? 81  TYR A OH  1 
ATOM   669 N N   . VAL A 1 82 ? -4.900  6.158   -1.839  1.00 34.14 ? 82  VAL A N   1 
ATOM   670 C CA  . VAL A 1 82 ? -4.532  5.683   -3.190  1.00 33.75 ? 82  VAL A CA  1 
ATOM   671 C C   . VAL A 1 82 ? -5.328  6.421   -4.277  1.00 35.51 ? 82  VAL A C   1 
ATOM   672 O O   . VAL A 1 82 ? -4.758  6.935   -5.259  1.00 34.31 ? 82  VAL A O   1 
ATOM   673 C CB  . VAL A 1 82 ? -4.734  4.115   -3.335  1.00 31.74 ? 82  VAL A CB  1 
ATOM   674 C CG1 . VAL A 1 82 ? -4.583  3.682   -4.858  1.00 31.11 ? 82  VAL A CG1 1 
ATOM   675 C CG2 . VAL A 1 82 ? -3.755  3.383   -2.430  1.00 30.35 ? 82  VAL A CG2 1 
ATOM   676 N N   . HIS A 1 83 ? -6.651  6.526   -4.095  1.00 36.84 ? 83  HIS A N   1 
ATOM   677 C CA  . HIS A 1 83 ? -7.464  7.198   -5.117  1.00 38.04 ? 83  HIS A CA  1 
ATOM   678 C C   . HIS A 1 83 ? -7.044  8.618   -5.336  1.00 39.39 ? 83  HIS A C   1 
ATOM   679 O O   . HIS A 1 83 ? -7.201  9.177   -6.437  1.00 40.40 ? 83  HIS A O   1 
ATOM   680 C CB  . HIS A 1 83 ? -8.945  7.160   -4.750  1.00 38.67 ? 83  HIS A CB  1 
ATOM   681 C CG  . HIS A 1 83 ? -9.507  5.783   -4.758  1.00 41.79 ? 83  HIS A CG  1 
ATOM   682 N ND1 . HIS A 1 83 ? -9.336  4.928   -5.830  1.00 42.93 ? 83  HIS A ND1 1 
ATOM   683 C CD2 . HIS A 1 83 ? -10.220 5.098   -3.832  1.00 42.91 ? 83  HIS A CD2 1 
ATOM   684 C CE1 . HIS A 1 83 ? -9.921  3.772   -5.556  1.00 44.87 ? 83  HIS A CE1 1 
ATOM   685 N NE2 . HIS A 1 83 ? -10.463 3.847   -4.354  1.00 43.23 ? 83  HIS A NE2 1 
ATOM   686 N N   . ASP A 1 84 ? -6.509  9.232   -4.293  1.00 40.08 ? 84  ASP A N   1 
ATOM   687 C CA  . ASP A 1 84 ? -6.102  10.608  -4.445  1.00 40.55 ? 84  ASP A CA  1 
ATOM   688 C C   . ASP A 1 84 ? -5.010  10.817  -5.501  1.00 39.81 ? 84  ASP A C   1 
ATOM   689 O O   . ASP A 1 84 ? -4.924  11.900  -6.064  1.00 37.94 ? 84  ASP A O   1 
ATOM   690 C CB  . ASP A 1 84 ? -5.640  11.176  -3.111  1.00 46.59 ? 84  ASP A CB  1 
ATOM   691 C CG  . ASP A 1 84 ? -5.496  12.690  -3.168  1.00 52.73 ? 84  ASP A CG  1 
ATOM   692 O OD1 . ASP A 1 84 ? -6.529  13.346  -3.475  1.00 55.89 ? 84  ASP A OD1 1 
ATOM   693 O OD2 . ASP A 1 84 ? -4.375  13.221  -2.941  1.00 54.77 ? 84  ASP A OD2 1 
ATOM   694 N N   . TYR A 1 85 ? -4.168  9.804   -5.772  1.00 35.81 ? 85  TYR A N   1 
ATOM   695 C CA  . TYR A 1 85 ? -3.149  9.974   -6.820  1.00 35.74 ? 85  TYR A CA  1 
ATOM   696 C C   . TYR A 1 85 ? -3.757  9.913   -8.230  1.00 35.79 ? 85  TYR A C   1 
ATOM   697 O O   . TYR A 1 85 ? -3.102  10.258  -9.220  1.00 38.01 ? 85  TYR A O   1 
ATOM   698 C CB  . TYR A 1 85 ? -2.068  8.898   -6.704  1.00 33.57 ? 85  TYR A CB  1 
ATOM   699 C CG  . TYR A 1 85 ? -1.189  9.093   -5.503  1.00 32.76 ? 85  TYR A CG  1 
ATOM   700 C CD1 . TYR A 1 85 ? -0.100  9.979   -5.556  1.00 31.76 ? 85  TYR A CD1 1 
ATOM   701 C CD2 . TYR A 1 85 ? -1.471  8.456   -4.303  1.00 30.57 ? 85  TYR A CD2 1 
ATOM   702 C CE1 . TYR A 1 85 ? 0.674   10.222  -4.439  1.00 31.36 ? 85  TYR A CE1 1 
ATOM   703 C CE2 . TYR A 1 85 ? -0.687  8.697   -3.147  1.00 33.06 ? 85  TYR A CE2 1 
ATOM   704 C CZ  . TYR A 1 85 ? 0.387   9.591   -3.235  1.00 30.78 ? 85  TYR A CZ  1 
ATOM   705 O OH  . TYR A 1 85 ? 1.145   9.878   -2.109  1.00 31.98 ? 85  TYR A OH  1 
ATOM   706 N N   . GLU A 1 86 ? -4.995  9.459   -8.347  1.00 36.98 ? 86  GLU A N   1 
ATOM   707 C CA  . GLU A 1 86 ? -5.634  9.397   -9.671  1.00 37.78 ? 86  GLU A CA  1 
ATOM   708 C C   . GLU A 1 86 ? -4.697  8.703   -10.653 1.00 36.62 ? 86  GLU A C   1 
ATOM   709 O O   . GLU A 1 86 ? -4.362  9.238   -11.712 1.00 35.42 ? 86  GLU A O   1 
ATOM   710 C CB  . GLU A 1 86 ? -5.946  10.807  -10.180 1.00 41.85 ? 86  GLU A CB  1 
ATOM   711 C CG  . GLU A 1 86 ? -6.976  11.566  -9.332  1.00 46.91 ? 86  GLU A CG  1 
ATOM   712 C CD  . GLU A 1 86 ? -7.229  12.981  -9.865  1.00 51.62 ? 86  GLU A CD  1 
ATOM   713 O OE1 . GLU A 1 86 ? -6.454  13.916  -9.541  1.00 52.31 ? 86  GLU A OE1 1 
ATOM   714 O OE2 . GLU A 1 86 ? -8.203  13.145  -10.636 1.00 55.17 ? 86  GLU A OE2 1 
ATOM   715 N N   . ILE A 1 87 ? -4.281  7.509   -10.269 1.00 34.95 ? 87  ILE A N   1 
ATOM   716 C CA  . ILE A 1 87 ? -3.369  6.730   -11.082 1.00 35.13 ? 87  ILE A CA  1 
ATOM   717 C C   . ILE A 1 87 ? -3.966  6.337   -12.452 1.00 37.25 ? 87  ILE A C   1 
ATOM   718 O O   . ILE A 1 87 ? -3.233  6.107   -13.403 1.00 36.65 ? 87  ILE A O   1 
ATOM   719 C CB  . ILE A 1 87 ? -2.919  5.538   -10.290 1.00 32.11 ? 87  ILE A CB  1 
ATOM   720 C CG1 . ILE A 1 87 ? -2.255  6.054   -8.986  1.00 31.00 ? 87  ILE A CG1 1 
ATOM   721 C CG2 . ILE A 1 87 ? -1.854  4.739   -11.141 1.00 31.03 ? 87  ILE A CG2 1 
ATOM   722 C CD1 . ILE A 1 87 ? -2.042  5.020   -7.921  1.00 30.37 ? 87  ILE A CD1 1 
ATOM   723 N N   . GLU A 1 88 ? -5.298  6.291   -12.543 1.00 37.76 ? 88  GLU A N   1 
ATOM   724 C CA  . GLU A 1 88 ? -5.966  5.983   -13.812 1.00 38.85 ? 88  GLU A CA  1 
ATOM   725 C C   . GLU A 1 88 ? -5.421  6.903   -14.917 1.00 38.19 ? 88  GLU A C   1 
ATOM   726 O O   . GLU A 1 88 ? -5.304  6.507   -16.056 1.00 37.00 ? 88  GLU A O   1 
ATOM   727 C CB  . GLU A 1 88 ? -7.487  6.217   -13.681 1.00 40.23 ? 88  GLU A CB  1 
ATOM   728 C CG  . GLU A 1 88 ? -8.176  5.202   -12.773 1.00 42.75 ? 88  GLU A CG  1 
ATOM   729 C CD  . GLU A 1 88 ? -8.112  5.565   -11.285 1.00 44.57 ? 88  GLU A CD  1 
ATOM   730 O OE1 . GLU A 1 88 ? -7.739  6.730   -10.935 1.00 43.12 ? 88  GLU A OE1 1 
ATOM   731 O OE2 . GLU A 1 88 ? -8.449  4.666   -10.472 1.00 45.00 ? 88  GLU A OE2 1 
ATOM   732 N N   . ASP A 1 89 ? -5.126  8.150   -14.569 1.00 38.02 ? 89  ASP A N   1 
ATOM   733 C CA  . ASP A 1 89 ? -4.614  9.108   -15.526 1.00 39.50 ? 89  ASP A CA  1 
ATOM   734 C C   . ASP A 1 89 ? -3.440  8.565   -16.357 1.00 39.52 ? 89  ASP A C   1 
ATOM   735 O O   . ASP A 1 89 ? -3.368  8.771   -17.570 1.00 40.51 ? 89  ASP A O   1 
ATOM   736 C CB  . ASP A 1 89 ? -4.099  10.367  -14.813 1.00 42.42 ? 89  ASP A CB  1 
ATOM   737 C CG  . ASP A 1 89 ? -5.229  11.287  -14.296 1.00 47.14 ? 89  ASP A CG  1 
ATOM   738 O OD1 . ASP A 1 89 ? -6.421  10.902  -14.326 1.00 48.33 ? 89  ASP A OD1 1 
ATOM   739 O OD2 . ASP A 1 89 ? -4.901  12.408  -13.833 1.00 49.99 ? 89  ASP A OD2 1 
ATOM   740 N N   . TYR A 1 90 ? -2.515  7.875   -15.701 1.00 37.35 ? 90  TYR A N   1 
ATOM   741 C CA  . TYR A 1 90 ? -1.314  7.409   -16.415 1.00 35.18 ? 90  TYR A CA  1 
ATOM   742 C C   . TYR A 1 90 ? -1.542  6.415   -17.502 1.00 34.66 ? 90  TYR A C   1 
ATOM   743 O O   . TYR A 1 90 ? -0.866  6.444   -18.548 1.00 32.03 ? 90  TYR A O   1 
ATOM   744 C CB  . TYR A 1 90 ? -0.305  6.863   -15.402 1.00 31.96 ? 90  TYR A CB  1 
ATOM   745 C CG  . TYR A 1 90 ? 0.055   7.927   -14.401 1.00 34.12 ? 90  TYR A CG  1 
ATOM   746 C CD1 . TYR A 1 90 ? 0.750   9.078   -14.792 1.00 34.64 ? 90  TYR A CD1 1 
ATOM   747 C CD2 . TYR A 1 90 ? -0.368  7.827   -13.077 1.00 36.09 ? 90  TYR A CD2 1 
ATOM   748 C CE1 . TYR A 1 90 ? 1.012   10.110  -13.869 1.00 35.52 ? 90  TYR A CE1 1 
ATOM   749 C CE2 . TYR A 1 90 ? -0.120  8.836   -12.156 1.00 36.35 ? 90  TYR A CE2 1 
ATOM   750 C CZ  . TYR A 1 90 ? 0.568   9.967   -12.558 1.00 36.37 ? 90  TYR A CZ  1 
ATOM   751 O OH  . TYR A 1 90 ? 0.797   10.933  -11.623 1.00 37.61 ? 90  TYR A OH  1 
ATOM   752 N N   . PHE A 1 91 ? -2.485  5.508   -17.276 1.00 35.39 ? 91  PHE A N   1 
ATOM   753 C CA  . PHE A 1 91 ? -2.727  4.504   -18.294 1.00 36.98 ? 91  PHE A CA  1 
ATOM   754 C C   . PHE A 1 91 ? -3.265  5.075   -19.592 1.00 37.51 ? 91  PHE A C   1 
ATOM   755 O O   . PHE A 1 91 ? -3.151  4.448   -20.644 1.00 37.82 ? 91  PHE A O   1 
ATOM   756 C CB  . PHE A 1 91 ? -3.645  3.423   -17.736 1.00 37.56 ? 91  PHE A CB  1 
ATOM   757 C CG  . PHE A 1 91 ? -3.069  2.743   -16.538 1.00 38.17 ? 91  PHE A CG  1 
ATOM   758 C CD1 . PHE A 1 91 ? -1.973  1.867   -16.665 1.00 37.52 ? 91  PHE A CD1 1 
ATOM   759 C CD2 . PHE A 1 91 ? -3.560  3.024   -15.259 1.00 36.86 ? 91  PHE A CD2 1 
ATOM   760 C CE1 . PHE A 1 91 ? -1.389  1.287   -15.521 1.00 38.03 ? 91  PHE A CE1 1 
ATOM   761 C CE2 . PHE A 1 91 ? -2.986  2.450   -14.116 1.00 36.79 ? 91  PHE A CE2 1 
ATOM   762 C CZ  . PHE A 1 91 ? -1.904  1.579   -14.235 1.00 37.26 ? 91  PHE A CZ  1 
ATOM   763 N N   . GLU A 1 92 ? -3.798  6.286   -19.537 1.00 39.19 ? 92  GLU A N   1 
ATOM   764 C CA  . GLU A 1 92 ? -4.332  6.919   -20.732 1.00 42.25 ? 92  GLU A CA  1 
ATOM   765 C C   . GLU A 1 92 ? -3.222  7.241   -21.705 1.00 43.49 ? 92  GLU A C   1 
ATOM   766 O O   . GLU A 1 92 ? -3.468  7.412   -22.895 1.00 45.36 ? 92  GLU A O   1 
ATOM   767 C CB  . GLU A 1 92 ? -5.038  8.204   -20.357 1.00 44.40 ? 92  GLU A CB  1 
ATOM   768 C CG  . GLU A 1 92 ? -6.079  7.977   -19.271 1.00 48.63 ? 92  GLU A CG  1 
ATOM   769 C CD  . GLU A 1 92 ? -6.983  9.162   -19.109 1.00 52.37 ? 92  GLU A CD  1 
ATOM   770 O OE1 . GLU A 1 92 ? -6.718  10.193  -19.783 1.00 53.86 ? 92  GLU A OE1 1 
ATOM   771 O OE2 . GLU A 1 92 ? -7.955  9.066   -18.313 1.00 55.13 ? 92  GLU A OE2 1 
ATOM   772 N N   . LEU A 1 93 ? -2.001  7.366   -21.216 1.00 42.70 ? 93  LEU A N   1 
ATOM   773 C CA  . LEU A 1 93 ? -0.935  7.679   -22.141 1.00 43.01 ? 93  LEU A CA  1 
ATOM   774 C C   . LEU A 1 93 ? -0.020  6.484   -22.447 1.00 43.18 ? 93  LEU A C   1 
ATOM   775 O O   . LEU A 1 93 ? 0.946   6.598   -23.195 1.00 42.16 ? 93  LEU A O   1 
ATOM   776 C CB  . LEU A 1 93 ? -0.140  8.872   -21.610 1.00 44.93 ? 93  LEU A CB  1 
ATOM   777 C CG  . LEU A 1 93 ? -0.963  10.173  -21.712 1.00 45.48 ? 93  LEU A CG  1 
ATOM   778 C CD1 . LEU A 1 93 ? -0.111  11.389  -21.343 1.00 45.52 ? 93  LEU A CD1 1 
ATOM   779 C CD2 . LEU A 1 93 ? -1.528  10.304  -23.156 1.00 45.82 ? 93  LEU A CD2 1 
ATOM   780 N N   . GLU A 1 94 ? -0.370  5.318   -21.922 1.00 41.48 ? 94  GLU A N   1 
ATOM   781 C CA  . GLU A 1 94 ? 0.469   4.179   -22.149 1.00 40.50 ? 94  GLU A CA  1 
ATOM   782 C C   . GLU A 1 94 ? 0.649   3.816   -23.627 1.00 41.36 ? 94  GLU A C   1 
ATOM   783 O O   . GLU A 1 94 ? 1.721   3.343   -24.013 1.00 40.07 ? 94  GLU A O   1 
ATOM   784 C CB  . GLU A 1 94 ? -0.050  2.988   -21.344 1.00 38.77 ? 94  GLU A CB  1 
ATOM   785 C CG  . GLU A 1 94 ? 0.852   1.763   -21.466 1.00 36.33 ? 94  GLU A CG  1 
ATOM   786 C CD  . GLU A 1 94 ? 0.454   0.635   -20.556 1.00 35.71 ? 94  GLU A CD  1 
ATOM   787 O OE1 . GLU A 1 94 ? -0.712  0.620   -20.060 1.00 33.59 ? 94  GLU A OE1 1 
ATOM   788 O OE2 . GLU A 1 94 ? 1.312   -0.239  -20.347 1.00 32.10 ? 94  GLU A OE2 1 
ATOM   789 N N   . HIS A 1 95 ? -0.361  4.051   -24.469 1.00 42.04 ? 95  HIS A N   1 
ATOM   790 C CA  . HIS A 1 95 ? -0.218  3.670   -25.884 1.00 44.17 ? 95  HIS A CA  1 
ATOM   791 C C   . HIS A 1 95 ? 0.994   4.303   -26.637 1.00 44.22 ? 95  HIS A C   1 
ATOM   792 O O   . HIS A 1 95 ? 1.431   3.779   -27.696 1.00 43.53 ? 95  HIS A O   1 
ATOM   793 C CB  . HIS A 1 95 ? -1.513  3.945   -26.671 1.00 44.19 ? 95  HIS A CB  1 
ATOM   794 C CG  . HIS A 1 95 ? -1.828  5.395   -26.843 1.00 45.21 ? 95  HIS A CG  1 
ATOM   795 N ND1 . HIS A 1 95 ? -2.476  6.140   -25.874 1.00 45.16 ? 95  HIS A ND1 1 
ATOM   796 C CD2 . HIS A 1 95 ? -1.558  6.248   -27.858 1.00 45.17 ? 95  HIS A CD2 1 
ATOM   797 C CE1 . HIS A 1 95 ? -2.590  7.389   -26.289 1.00 45.02 ? 95  HIS A CE1 1 
ATOM   798 N NE2 . HIS A 1 95 ? -2.041  7.484   -27.487 1.00 45.70 ? 95  HIS A NE2 1 
ATOM   799 N N   . HIS A 1 96 ? 1.531   5.412   -26.107 1.00 43.48 ? 96  HIS A N   1 
ATOM   800 C CA  . HIS A 1 96 ? 2.693   6.074   -26.734 1.00 44.20 ? 96  HIS A CA  1 
ATOM   801 C C   . HIS A 1 96 ? 3.926   5.235   -26.571 1.00 43.27 ? 96  HIS A C   1 
ATOM   802 O O   . HIS A 1 96 ? 4.955   5.480   -27.219 1.00 42.30 ? 96  HIS A O   1 
ATOM   803 C CB  . HIS A 1 96 ? 2.967   7.427   -26.090 1.00 45.19 ? 96  HIS A CB  1 
ATOM   804 C CG  . HIS A 1 96 ? 1.930   8.453   -26.417 1.00 45.66 ? 96  HIS A CG  1 
ATOM   805 N ND1 . HIS A 1 96 ? 1.605   8.778   -27.716 1.00 43.61 ? 96  HIS A ND1 1 
ATOM   806 C CD2 . HIS A 1 96 ? 1.119   9.193   -25.622 1.00 46.29 ? 96  HIS A CD2 1 
ATOM   807 C CE1 . HIS A 1 96 ? 0.632   9.673   -27.709 1.00 46.51 ? 96  HIS A CE1 1 
ATOM   808 N NE2 . HIS A 1 96 ? 0.315   9.942   -26.451 1.00 45.96 ? 96  HIS A NE2 1 
ATOM   809 N N   . HIS A 1 97 ? 3.815   4.240   -25.689 1.00 42.54 ? 97  HIS A N   1 
ATOM   810 C CA  . HIS A 1 97 ? 4.913   3.350   -25.415 1.00 43.39 ? 97  HIS A CA  1 
ATOM   811 C C   . HIS A 1 97 ? 4.978   2.159   -26.377 1.00 44.81 ? 97  HIS A C   1 
ATOM   812 O O   . HIS A 1 97 ? 5.989   1.448   -26.405 1.00 43.87 ? 97  HIS A O   1 
ATOM   813 C CB  . HIS A 1 97 ? 4.821   2.887   -23.962 1.00 43.60 ? 97  HIS A CB  1 
ATOM   814 C CG  . HIS A 1 97 ? 5.141   3.966   -22.970 1.00 44.89 ? 97  HIS A CG  1 
ATOM   815 N ND1 . HIS A 1 97 ? 6.403   4.134   -22.430 1.00 45.82 ? 97  HIS A ND1 1 
ATOM   816 C CD2 . HIS A 1 97 ? 4.382   4.973   -22.466 1.00 46.81 ? 97  HIS A CD2 1 
ATOM   817 C CE1 . HIS A 1 97 ? 6.407   5.192   -21.637 1.00 45.35 ? 97  HIS A CE1 1 
ATOM   818 N NE2 . HIS A 1 97 ? 5.195   5.722   -21.644 1.00 46.00 ? 97  HIS A NE2 1 
ATOM   819 N N   . HIS A 1 98 ? 3.924   1.952   -27.174 1.00 44.48 ? 98  HIS A N   1 
ATOM   820 C CA  . HIS A 1 98 ? 3.914   0.830   -28.136 1.00 46.44 ? 98  HIS A CA  1 
ATOM   821 C C   . HIS A 1 98 ? 4.985   0.981   -29.237 1.00 46.94 ? 98  HIS A C   1 
ATOM   822 O O   . HIS A 1 98 ? 5.567   -0.092  -29.519 1.00 48.83 ? 98  HIS A O   1 
ATOM   823 C CB  . HIS A 1 98 ? 2.538   0.705   -28.805 1.00 45.99 ? 98  HIS A CB  1 
ATOM   824 C CG  . HIS A 1 98 ? 1.412   0.536   -27.828 1.00 46.24 ? 98  HIS A CG  1 
ATOM   825 N ND1 . HIS A 1 98 ? 0.087   0.531   -28.212 1.00 45.80 ? 98  HIS A ND1 1 
ATOM   826 C CD2 . HIS A 1 98 ? 1.419   0.332   -26.485 1.00 45.15 ? 98  HIS A CD2 1 
ATOM   827 C CE1 . HIS A 1 98 ? -0.676  0.325   -27.150 1.00 45.07 ? 98  HIS A CE1 1 
ATOM   828 N NE2 . HIS A 1 98 ? 0.110   0.198   -26.089 1.00 45.72 ? 98  HIS A NE2 1 
HETATM 829 O O   . HOH B 2 .  ? 7.389   0.213   3.035   1.00 36.45 ? 501 HOH A O   1 
HETATM 830 O O   . HOH B 2 .  ? -2.019  12.347  -3.013  1.00 53.37 ? 502 HOH A O   1 
HETATM 831 O O   . HOH B 2 .  ? 8.067   -3.045  -14.330 1.00 30.98 ? 503 HOH A O   1 
HETATM 832 O O   . HOH B 2 .  ? 8.892   3.352   -26.396 1.00 72.11 ? 504 HOH A O   1 
HETATM 833 O O   . HOH B 2 .  ? 0.726   -17.090 23.985  1.00 75.76 ? 505 HOH A O   1 
HETATM 834 O O   . HOH B 2 .  ? 8.868   -0.695  -3.588  1.00 47.92 ? 506 HOH A O   1 
HETATM 835 O O   . HOH B 2 .  ? 7.502   -5.362  -3.667  1.00 30.95 ? 507 HOH A O   1 
HETATM 836 O O   . HOH B 2 .  ? 6.343   -1.042  -25.047 1.00 49.87 ? 508 HOH A O   1 
HETATM 837 O O   . HOH B 2 .  ? 11.488  -5.583  -12.937 1.00 45.57 ? 509 HOH A O   1 
HETATM 838 O O   . HOH B 2 .  ? 1.064   4.087   12.106  1.00 48.35 ? 510 HOH A O   1 
HETATM 839 O O   . HOH B 2 .  ? 8.000   5.462   2.801   1.00 40.15 ? 511 HOH A O   1 
HETATM 840 O O   . HOH B 2 .  ? -3.207  -5.710  -10.942 1.00 32.05 ? 512 HOH A O   1 
HETATM 841 O O   . HOH B 2 .  ? 11.728  -1.586  -10.127 1.00 43.79 ? 513 HOH A O   1 
HETATM 842 O O   . HOH B 2 .  ? -12.038 3.961   0.580   1.00 42.92 ? 514 HOH A O   1 
HETATM 843 O O   . HOH B 2 .  ? 5.653   -13.397 -4.947  1.00 36.52 ? 515 HOH A O   1 
HETATM 844 O O   . HOH B 2 .  ? 3.416   0.000   -21.721 1.00 31.02 ? 516 HOH A O   1 
HETATM 845 O O   . HOH B 2 .  ? -5.466  6.405   -7.996  1.00 40.36 ? 517 HOH A O   1 
HETATM 846 O O   . HOH B 2 .  ? 9.605   -8.568  2.178   1.00 37.30 ? 518 HOH A O   1 
HETATM 847 O O   . HOH B 2 .  ? 4.947   6.328   -29.663 1.00 45.27 ? 519 HOH A O   1 
HETATM 848 O O   . HOH B 2 .  ? -0.103  10.696  -9.202  1.00 42.31 ? 520 HOH A O   1 
HETATM 849 O O   . HOH B 2 .  ? -5.977  5.245   17.638  1.00 50.57 ? 521 HOH A O   1 
HETATM 850 O O   . HOH B 2 .  ? 9.210   -10.159 -0.045  1.00 38.07 ? 522 HOH A O   1 
HETATM 851 O O   . HOH B 2 .  ? -9.626  10.097  -2.285  1.00 50.68 ? 523 HOH A O   1 
HETATM 852 O O   . HOH B 2 .  ? 5.468   -4.604  -2.063  1.00 32.24 ? 524 HOH A O   1 
HETATM 853 O O   . HOH B 2 .  ? -7.189  -8.627  12.479  1.00 53.29 ? 525 HOH A O   1 
HETATM 854 O O   . HOH B 2 .  ? 6.950   -2.444  -3.944  1.00 40.29 ? 526 HOH A O   1 
HETATM 855 O O   . HOH B 2 .  ? 13.164  -8.201  27.592  1.00 53.04 ? 527 HOH A O   1 
HETATM 856 O O   . HOH B 2 .  ? -0.827  13.661  -0.591  1.00 54.89 ? 528 HOH A O   1 
HETATM 857 O O   . HOH B 2 .  ? -6.151  -8.596  -9.150  1.00 47.52 ? 529 HOH A O   1 
HETATM 858 O O   . HOH B 2 .  ? -3.180  1.365   -20.925 1.00 44.74 ? 530 HOH A O   1 
HETATM 859 O O   . HOH B 2 .  ? -2.600  -9.200  -10.632 0.50 22.52 ? 531 HOH A O   1 
HETATM 860 O O   . HOH B 2 .  ? -12.703 -2.130  3.527   1.00 49.58 ? 532 HOH A O   1 
HETATM 861 O O   . HOH B 2 .  ? 8.987   -5.578  3.980   1.00 47.54 ? 533 HOH A O   1 
HETATM 862 O O   . HOH B 2 .  ? 8.931   -14.972 -0.787  1.00 68.19 ? 534 HOH A O   1 
HETATM 863 O O   . HOH B 2 .  ? -0.258  9.863   0.132   1.00 39.60 ? 535 HOH A O   1 
HETATM 864 O O   . HOH B 2 .  ? 0.047   -10.590 -8.720  1.00 34.39 ? 536 HOH A O   1 
HETATM 865 O O   . HOH B 2 .  ? -7.590  4.655   -8.005  1.00 42.41 ? 537 HOH A O   1 
HETATM 866 O O   . HOH B 2 .  ? -8.648  11.658  -12.668 1.00 59.87 ? 538 HOH A O   1 
HETATM 867 O O   . HOH B 2 .  ? 5.485   -0.744  8.763   1.00 39.83 ? 539 HOH A O   1 
HETATM 868 O O   . HOH B 2 .  ? 15.274  4.485   -15.212 1.00 73.68 ? 540 HOH A O   1 
HETATM 869 O O   . HOH B 2 .  ? -8.231  3.346   9.386   1.00 42.25 ? 541 HOH A O   1 
HETATM 870 O O   . HOH B 2 .  ? 7.633   -13.826 32.148  1.00 67.28 ? 542 HOH A O   1 
HETATM 871 O O   . HOH B 2 .  ? 7.636   12.535  1.806   1.00 58.18 ? 543 HOH A O   1 
HETATM 872 O O   . HOH B 2 .  ? 11.583  -14.173 -1.453  1.00 55.95 ? 544 HOH A O   1 
HETATM 873 O O   . HOH B 2 .  ? -2.638  11.939  -11.742 1.00 50.62 ? 545 HOH A O   1 
HETATM 874 O O   . HOH B 2 .  ? 0.244   -12.071 4.915   1.00 48.09 ? 546 HOH A O   1 
HETATM 875 O O   . HOH B 2 .  ? 16.202  -3.844  5.078   1.00 65.47 ? 547 HOH A O   1 
HETATM 876 O O   . HOH B 2 .  ? 0.225   13.168  -12.248 0.50 42.15 ? 548 HOH A O   1 
HETATM 877 O O   . HOH B 2 .  ? -12.927 6.692   12.015  1.00 67.76 ? 549 HOH A O   1 
HETATM 878 O O   . HOH B 2 .  ? 3.286   4.267   -29.965 1.00 54.18 ? 550 HOH A O   1 
HETATM 879 O O   . HOH B 2 .  ? 9.821   -6.618  33.854  1.00 50.78 ? 551 HOH A O   1 
HETATM 880 O O   . HOH B 2 .  ? -6.678  5.210   10.671  1.00 45.47 ? 552 HOH A O   1 
HETATM 881 O O   . HOH B 2 .  ? 6.138   1.010   -21.368 1.00 45.53 ? 553 HOH A O   1 
HETATM 882 O O   . HOH B 2 .  ? 10.128  -3.032  0.197   1.00 55.58 ? 554 HOH A O   1 
HETATM 883 O O   . HOH B 2 .  ? 6.504   -16.141 -4.202  1.00 55.87 ? 555 HOH A O   1 
HETATM 884 O O   . HOH B 2 .  ? 13.931  -3.623  -5.486  1.00 53.03 ? 556 HOH A O   1 
HETATM 885 O O   . HOH B 2 .  ? 8.604   -2.382  3.831   1.00 41.65 ? 557 HOH A O   1 
HETATM 886 O O   . HOH B 2 .  ? -12.102 1.566   -2.743  1.00 63.60 ? 558 HOH A O   1 
HETATM 887 O O   . HOH B 2 .  ? -3.193  4.163   -23.601 1.00 51.98 ? 559 HOH A O   1 
HETATM 888 O O   . HOH B 2 .  ? -9.571  2.140   -11.472 1.00 70.34 ? 560 HOH A O   1 
HETATM 889 O O   . HOH B 2 .  ? -2.490  2.667   17.737  1.00 41.78 ? 561 HOH A O   1 
HETATM 890 O O   . HOH B 2 .  ? -4.367  -6.654  15.417  1.00 47.52 ? 562 HOH A O   1 
HETATM 891 O O   . HOH B 2 .  ? -11.944 -0.446  0.829   1.00 62.37 ? 563 HOH A O   1 
HETATM 892 O O   . HOH B 2 .  ? -11.226 -0.879  -3.750  1.00 61.53 ? 564 HOH A O   1 
HETATM 893 O O   . HOH B 2 .  ? 7.178   -9.089  5.387   1.00 48.10 ? 565 HOH A O   1 
HETATM 894 O O   . HOH B 2 .  ? 2.236   -12.241 1.078   1.00 48.14 ? 566 HOH A O   1 
HETATM 895 O O   . HOH B 2 .  ? 0.189   -11.031 30.487  1.00 60.45 ? 567 HOH A O   1 
HETATM 896 O O   . HOH B 2 .  ? -3.288  -12.424 -6.351  1.00 60.69 ? 568 HOH A O   1 
HETATM 897 O O   . HOH B 2 .  ? -6.677  -0.752  -7.056  1.00 35.17 ? 569 HOH A O   1 
HETATM 898 O O   . HOH B 2 .  ? -8.111  1.466   -7.574  1.00 39.02 ? 570 HOH A O   1 
HETATM 899 O O   . HOH B 2 .  ? -7.217  -2.667  -5.569  1.00 42.38 ? 571 HOH A O   1 
HETATM 900 O O   . HOH B 2 .  ? -6.645  -1.565  -11.672 1.00 47.22 ? 572 HOH A O   1 
HETATM 901 O O   . HOH B 2 .  ? 7.987   2.080   1.675   1.00 61.91 ? 573 HOH A O   1 
HETATM 902 O O   . HOH B 2 .  ? 6.980   0.375   5.795   1.00 36.32 ? 574 HOH A O   1 
HETATM 903 O O   . HOH B 2 .  ? 8.627   -1.613  6.183   1.00 35.16 ? 575 HOH A O   1 
HETATM 904 O O   . HOH B 2 .  ? 7.049   5.745   6.830   1.00 63.18 ? 576 HOH A O   1 
HETATM 905 O O   . HOH B 2 .  ? -3.389  13.154  11.615  1.00 64.35 ? 577 HOH A O   1 
HETATM 906 O O   . HOH B 2 .  ? -6.214  9.262   11.932  1.00 50.24 ? 578 HOH A O   1 
HETATM 907 O O   . HOH B 2 .  ? -4.890  7.941   13.959  1.00 54.92 ? 579 HOH A O   1 
HETATM 908 O O   . HOH B 2 .  ? 4.732   -3.195  -28.870 1.00 52.85 ? 580 HOH A O   1 
HETATM 909 O O   . HOH B 2 .  ? -8.994  6.971   11.688  1.00 70.10 ? 581 HOH A O   1 
HETATM 910 O O   . HOH B 2 .  ? -10.081 9.056   11.326  1.00 73.54 ? 582 HOH A O   1 
HETATM 911 O O   . HOH B 2 .  ? -11.845 -0.084  14.038  1.00 54.33 ? 583 HOH A O   1 
HETATM 912 O O   . HOH B 2 .  ? -11.793 4.001   7.557   1.00 51.21 ? 584 HOH A O   1 
HETATM 913 O O   . HOH B 2 .  ? -9.853  7.289   6.649   1.00 46.17 ? 585 HOH A O   1 
HETATM 914 O O   . HOH B 2 .  ? -8.475  9.182   6.139   1.00 54.95 ? 586 HOH A O   1 
HETATM 915 O O   . HOH B 2 .  ? -2.906  10.213  -0.972  1.00 40.70 ? 587 HOH A O   1 
HETATM 916 O O   . HOH B 2 .  ? -12.482 5.799   -1.410  1.00 57.39 ? 588 HOH A O   1 
HETATM 917 O O   . HOH B 2 .  ? -4.824  4.814   -28.834 1.00 59.57 ? 589 HOH A O   1 
HETATM 918 O O   . HOH B 2 .  ? 17.914  -7.311  2.654   1.00 69.27 ? 590 HOH A O   1 
HETATM 919 O O   . HOH B 2 .  ? 9.742   0.724   -1.281  1.00 64.13 ? 591 HOH A O   1 
HETATM 920 O O   . HOH B 2 .  ? 13.797  -7.822  -4.630  1.00 39.45 ? 592 HOH A O   1 
HETATM 921 O O   . HOH B 2 .  ? 9.483   -0.333  -18.297 1.00 61.86 ? 593 HOH A O   1 
HETATM 922 O O   . HOH B 2 .  ? -5.600  -0.846  21.147  1.00 46.17 ? 594 HOH A O   1 
HETATM 923 O O   . HOH B 2 .  ? 0.517   10.592  -18.154 1.00 46.35 ? 595 HOH A O   1 
HETATM 924 O O   . HOH B 2 .  ? -8.027  0.926   21.156  1.00 62.52 ? 596 HOH A O   1 
HETATM 925 O O   . HOH B 2 .  ? 9.387   -0.486  8.436   1.00 46.79 ? 597 HOH A O   1 
HETATM 926 O O   . HOH B 2 .  ? -6.603  0.222   17.988  1.00 50.51 ? 598 HOH A O   1 
HETATM 927 O O   . HOH B 2 .  ? 10.237  -0.017  5.291   1.00 43.02 ? 599 HOH A O   1 
HETATM 928 O O   . HOH B 2 .  ? -5.796  -0.138  -16.432 1.00 68.64 ? 600 HOH A O   1 
HETATM 929 O O   . HOH B 2 .  ? -4.747  11.644  0.247   1.00 47.55 ? 601 HOH A O   1 
HETATM 930 O O   . HOH B 2 .  ? -4.010  10.279  14.180  1.00 58.94 ? 602 HOH A O   1 
HETATM 931 O O   . HOH B 2 .  ? -7.940  3.527   16.682  1.00 58.01 ? 603 HOH A O   1 
HETATM 932 O O   . HOH B 2 .  ? -6.023  4.136   19.859  1.00 58.80 ? 604 HOH A O   1 
HETATM 933 O O   . HOH B 2 .  ? -2.815  11.125  -18.680 1.00 56.90 ? 605 HOH A O   1 
HETATM 934 O O   . HOH B 2 .  ? -9.729  -3.559  -9.802  1.00 75.00 ? 606 HOH A O   1 
HETATM 935 O O   . HOH B 2 .  ? -11.092 4.754   10.553  1.00 62.03 ? 607 HOH A O   1 
HETATM 936 O O   . HOH B 2 .  ? -8.006  -9.967  -8.777  1.00 72.33 ? 608 HOH A O   1 
HETATM 937 O O   . HOH B 2 .  ? -11.004 6.931   -8.022  1.00 63.89 ? 609 HOH A O   1 
HETATM 938 O O   . HOH B 2 .  ? -6.322  12.103  8.700   1.00 78.87 ? 610 HOH A O   1 
HETATM 939 O O   . HOH B 2 .  ? 12.771  -4.499  -3.282  1.00 56.14 ? 611 HOH A O   1 
HETATM 940 O O   . HOH B 2 .  ? 5.237   -14.404 32.603  1.00 59.72 ? 612 HOH A O   1 
HETATM 941 O O   . HOH B 2 .  ? 8.502   5.355   -14.480 1.00 28.34 ? 613 HOH A O   1 
HETATM 942 O O   . HOH B 2 .  ? 11.026  -15.070 30.693  1.00 74.34 ? 614 HOH A O   1 
HETATM 943 O O   . HOH B 2 .  ? -8.653  -12.513 9.809   1.00 80.87 ? 615 HOH A O   1 
HETATM 944 O O   . HOH B 2 .  ? -7.397  -14.234 13.807  1.00 68.77 ? 616 HOH A O   1 
HETATM 945 O O   . HOH B 2 .  ? -5.992  -12.281 19.237  1.00 71.66 ? 617 HOH A O   1 
HETATM 946 O O   . HOH B 2 .  ? 10.832  -2.646  -13.337 1.00 51.47 ? 618 HOH A O   1 
HETATM 947 O O   . HOH B 2 .  ? 10.214  0.394   -8.367  1.00 41.94 ? 619 HOH A O   1 
HETATM 948 O O   . HOH B 2 .  ? 9.916   0.440   -6.180  1.00 39.74 ? 620 HOH A O   1 
HETATM 949 O O   . HOH B 2 .  ? 12.207  -1.013  3.909   1.00 66.07 ? 621 HOH A O   1 
HETATM 950 O O   . HOH B 2 .  ? -5.434  8.966   -27.634 1.00 74.73 ? 622 HOH A O   1 
HETATM 951 O O   . HOH B 2 .  ? -3.116  1.987   -29.824 1.00 65.35 ? 623 HOH A O   1 
HETATM 952 O O   . HOH B 2 .  ? -1.046  13.841  3.148   1.00 62.41 ? 624 HOH A O   1 
HETATM 953 O O   . HOH B 2 .  ? -6.297  9.795   7.599   1.00 64.66 ? 625 HOH A O   1 
HETATM 954 O O   . HOH B 2 .  ? -1.909  17.929  6.451   1.00 70.45 ? 626 HOH A O   1 
HETATM 955 O O   . HOH B 2 .  ? -14.287 8.513   0.974   1.00 65.02 ? 627 HOH A O   1 
HETATM 956 O O   . HOH B 2 .  ? -15.143 3.230   7.244   1.00 74.33 ? 628 HOH A O   1 
HETATM 957 O O   . HOH B 2 .  ? 12.924  1.343   -11.949 1.00 85.16 ? 629 HOH A O   1 
HETATM 958 O O   . HOH B 2 .  ? 16.161  2.665   -13.121 1.00 77.86 ? 630 HOH A O   1 
HETATM 959 O O   . HOH B 2 .  ? 15.113  0.075   5.128   1.00 85.49 ? 631 HOH A O   1 
HETATM 960 O O   . HOH B 2 .  ? -9.314  6.004   16.818  1.00 70.22 ? 632 HOH A O   1 
HETATM 961 O O   . HOH B 2 .  ? -5.926  13.027  13.366  1.00 75.18 ? 633 HOH A O   1 
HETATM 962 O O   . HOH B 2 .  ? -1.494  9.662   18.485  1.00 67.30 ? 634 HOH A O   1 
HETATM 963 O O   . HOH B 2 .  ? 4.011   14.647  12.667  0.50 49.39 ? 635 HOH A O   1 
HETATM 964 O O   . HOH B 2 .  ? -5.510  15.923  4.587   1.00 74.39 ? 636 HOH A O   1 
HETATM 965 O O   . HOH B 2 .  ? -1.143  16.474  0.677   1.00 71.22 ? 637 HOH A O   1 
HETATM 966 O O   . HOH B 2 .  ? -10.995 1.383   -8.144  1.00 79.53 ? 638 HOH A O   1 
HETATM 967 O O   . HOH B 2 .  ? 5.276   -15.354 1.374   1.00 66.60 ? 639 HOH A O   1 
HETATM 968 O O   . HOH B 2 .  ? 0.138   4.637   -31.250 1.00 70.66 ? 640 HOH A O   1 
HETATM 969 O O   . HOH B 2 .  ? 11.690  2.164   -3.692  1.00 74.43 ? 641 HOH A O   1 
HETATM 970 O O   . HOH B 2 .  ? 9.080   1.247   -25.156 1.00 71.55 ? 642 HOH A O   1 
HETATM 971 O O   . HOH B 2 .  ? 8.031   2.175   -19.274 1.00 62.40 ? 643 HOH A O   1 
HETATM 972 O O   . HOH B 2 .  ? 10.207  4.590   2.224   1.00 57.54 ? 644 HOH A O   1 
HETATM 973 O O   . HOH B 2 .  ? -13.846 3.856   -10.579 1.00 78.50 ? 645 HOH A O   1 
HETATM 974 O O   . HOH B 2 .  ? 9.488   -8.999  34.820  1.00 63.12 ? 646 HOH A O   1 
HETATM 975 O O   . HOH B 2 .  ? 15.302  -11.993 28.706  1.00 81.84 ? 647 HOH A O   1 
HETATM 976 O O   . HOH B 2 .  ? -3.816  -17.444 20.714  1.00 74.81 ? 648 HOH A O   1 
HETATM 977 O O   . HOH B 2 .  ? -3.293  -17.751 18.254  1.00 65.31 ? 649 HOH A O   1 
HETATM 978 O O   . HOH B 2 .  ? -0.209  -19.239 17.733  1.00 73.98 ? 650 HOH A O   1 
HETATM 979 O O   . HOH B 2 .  ? -11.769 6.270   6.676   1.00 64.74 ? 651 HOH A O   1 
HETATM 980 O O   . HOH B 2 .  ? -14.099 5.111   1.760   1.00 58.44 ? 652 HOH A O   1 
HETATM 981 O O   . HOH B 2 .  ? -17.724 -2.777  12.823  1.00 65.59 ? 653 HOH A O   1 
HETATM 982 O O   . HOH B 2 .  ? 0.271   15.946  -4.412  1.00 63.80 ? 654 HOH A O   1 
HETATM 983 O O   . HOH B 2 .  ? 15.045  -14.398 25.831  1.00 66.02 ? 655 HOH A O   1 
# 
